data_4WHS
#
_entry.id   4WHS
#
_cell.length_a   128.013
_cell.length_b   140.665
_cell.length_c   168.138
_cell.angle_alpha   90.000
_cell.angle_beta   90.000
_cell.angle_gamma   90.000
#
_symmetry.space_group_name_H-M   'I 2 2 2'
#
loop_
_entity.id
_entity.type
_entity.pdbx_description
1 polymer 'Protocatechuate 3,4-dioxygenase alpha chain'
2 polymer 'Protocatechuate 3,4-dioxygenase beta chain'
3 polymer 'Protocatechuate 3,4-dioxygenase beta chain'
4 non-polymer 4-fluorobenzene-1,2-diol
5 non-polymer 'SULFATE ION'
6 non-polymer 'FE (III) ION'
7 non-polymer BETA-MERCAPTOETHANOL
8 non-polymer 'CHLORIDE ION'
9 non-polymer '[(2S)-5-oxo-2,5-dihydrofuran-2-yl]acetic acid'
10 water water
#
loop_
_entity_poly.entity_id
_entity_poly.type
_entity_poly.pdbx_seq_one_letter_code
_entity_poly.pdbx_strand_id
1 'polypeptide(L)'
;PIELLPETPSQTAGPYVHIGLALEAAGNPTRDQEIWNRLAKPDAPGEHILLLGQVYDGNGHLVRDSFLEVWQADANGEYQ
DAYNLENAFNSFGRTATTFDAGEWTLHTVKPGVVNNAAGVPMAPHINISLFARGINIHLHTRLYFDDEAQANAKCPVLNL
IEQPQRRETLIAKRCEVDGKTAYRFDIRIQGEGETVFFDF
;
A,E,C
2 'polypeptide(L)'
;PAQDNSRFVIRDRNWHPKALTPDYKTSIARSPRQALVSIPQSISETTGPNFSHLGFGAHDHDLLLNFNNGGLPIGERIIV
AGRVVDQYGKPVPNTLVEMWQANAGGRYRHKNDRYLAPLDPNFGGVGRCLTDSDGYYSFRTIKPGPYPWRNGPNDWRPAH
IHFGISGPSIATKLITQLYFEGDPLIPMCPIVKSIANPEAVQQLIAKLDMNNANPMDCLAYRFDIVLRGQRKTHFENC
;
F,B
3 'polypeptide(L)'
;PAQDNSRFVIRDRNWHPKALTPDYKTSIARSPRQALVSIPQSISETTGPNFSHLGFGAHDHDLLLNFNNGGLPIGERIIV
AGRVVDQYGKPVPNTLVEMWQANAGGRYRHKNDRYLAPLDPNFGGVGR(CSO)LTDSDGYYSFRTIKPGPYPWRNGPNDW
RPAHIHFGISGPSIATKLITQLYFEGDPLIP(MHO)CPIVKSIANPEAVQQLIAKLDMNNANPMDCLAYRFDIVLRGQRK
THFENC
;
D
#
loop_
_chem_comp.id
_chem_comp.type
_chem_comp.name
_chem_comp.formula
3N8 non-polymer 4-fluorobenzene-1,2-diol 'C6 H5 F O2'
BME non-polymer BETA-MERCAPTOETHANOL 'C2 H6 O S'
CL non-polymer 'CHLORIDE ION' 'Cl -1'
FE non-polymer 'FE (III) ION' 'Fe 3'
MUC non-polymer '[(2S)-5-oxo-2,5-dihydrofuran-2-yl]acetic acid' 'C6 H6 O4'
SO4 non-polymer 'SULFATE ION' 'O4 S -2'
#
# COMPACT_ATOMS: atom_id res chain seq x y z
N PRO A 1 -9.29 2.85 -29.24
CA PRO A 1 -8.55 1.65 -29.66
C PRO A 1 -9.47 0.45 -29.78
N ILE A 2 -8.97 -0.63 -30.36
CA ILE A 2 -9.73 -1.87 -30.47
C ILE A 2 -9.78 -2.53 -29.10
N GLU A 3 -11.00 -2.74 -28.61
CA GLU A 3 -11.24 -3.37 -27.33
C GLU A 3 -11.99 -4.67 -27.59
N LEU A 4 -11.39 -5.78 -27.18
CA LEU A 4 -12.01 -7.09 -27.33
C LEU A 4 -12.96 -7.33 -26.17
N LEU A 5 -13.63 -8.48 -26.17
CA LEU A 5 -14.41 -8.88 -25.00
C LEU A 5 -13.46 -8.97 -23.80
N PRO A 6 -13.86 -8.46 -22.63
CA PRO A 6 -12.95 -8.64 -21.48
C PRO A 6 -12.90 -10.08 -21.01
N GLU A 7 -11.72 -10.50 -20.55
CA GLU A 7 -11.55 -11.81 -19.95
C GLU A 7 -12.39 -11.90 -18.67
N THR A 8 -12.95 -13.08 -18.41
CA THR A 8 -13.55 -13.35 -17.12
C THR A 8 -12.54 -13.11 -16.00
N PRO A 9 -12.90 -12.32 -14.97
CA PRO A 9 -11.91 -12.06 -13.93
C PRO A 9 -11.66 -13.26 -13.02
N SER A 10 -10.42 -13.36 -12.57
CA SER A 10 -10.01 -14.38 -11.62
C SER A 10 -10.62 -14.14 -10.25
N GLN A 11 -10.72 -15.23 -9.50
CA GLN A 11 -11.00 -15.18 -8.05
C GLN A 11 -10.16 -16.25 -7.39
N THR A 12 -9.94 -16.10 -6.09
CA THR A 12 -9.22 -17.10 -5.32
C THR A 12 -9.86 -18.48 -5.47
N ALA A 13 -9.03 -19.51 -5.46
CA ALA A 13 -9.51 -20.87 -5.40
C ALA A 13 -10.13 -21.20 -4.03
N GLY A 14 -9.72 -20.48 -2.99
CA GLY A 14 -10.26 -20.72 -1.66
C GLY A 14 -9.65 -21.93 -0.99
N PRO A 15 -9.91 -22.11 0.32
CA PRO A 15 -9.24 -23.19 1.04
C PRO A 15 -9.84 -24.58 0.78
N TYR A 16 -10.97 -24.66 0.08
CA TYR A 16 -11.58 -25.97 -0.22
C TYR A 16 -11.41 -26.36 -1.67
N VAL A 17 -10.44 -25.75 -2.33
CA VAL A 17 -10.07 -26.10 -3.72
C VAL A 17 -9.91 -27.60 -3.91
N HIS A 18 -9.47 -28.30 -2.87
N HIS A 18 -9.44 -28.31 -2.88
CA HIS A 18 -9.29 -29.75 -2.94
CA HIS A 18 -9.21 -29.75 -3.03
C HIS A 18 -10.54 -30.52 -3.34
C HIS A 18 -10.51 -30.56 -3.25
N ILE A 19 -11.68 -30.04 -2.87
CA ILE A 19 -12.99 -30.69 -3.19
C ILE A 19 -13.08 -30.91 -4.70
N GLY A 20 -12.67 -29.90 -5.46
CA GLY A 20 -12.80 -29.90 -6.89
C GLY A 20 -11.62 -30.46 -7.63
N LEU A 21 -10.40 -30.24 -7.13
CA LEU A 21 -9.17 -30.44 -7.91
C LEU A 21 -8.13 -31.36 -7.27
N ALA A 22 -8.39 -31.82 -6.04
CA ALA A 22 -7.48 -32.70 -5.29
C ALA A 22 -8.31 -33.52 -4.31
N LEU A 23 -9.16 -34.40 -4.85
CA LEU A 23 -10.27 -35.00 -4.09
C LEU A 23 -9.87 -35.76 -2.82
N GLU A 24 -8.83 -36.57 -2.95
CA GLU A 24 -8.26 -37.29 -1.81
C GLU A 24 -7.92 -36.33 -0.66
N ALA A 25 -7.27 -35.23 -1.01
CA ALA A 25 -6.78 -34.27 -0.02
C ALA A 25 -7.92 -33.64 0.79
N ALA A 26 -9.09 -33.49 0.18
CA ALA A 26 -10.26 -32.94 0.87
C ALA A 26 -10.84 -33.91 1.90
N GLY A 27 -10.44 -35.17 1.80
CA GLY A 27 -10.97 -36.24 2.62
C GLY A 27 -12.03 -37.04 1.91
N ASN A 28 -12.04 -36.98 0.57
CA ASN A 28 -13.15 -37.51 -0.21
C ASN A 28 -12.79 -38.62 -1.20
N PRO A 29 -13.79 -39.41 -1.63
CA PRO A 29 -13.51 -40.43 -2.62
C PRO A 29 -13.05 -39.84 -3.96
N THR A 30 -12.27 -40.63 -4.68
CA THR A 30 -11.82 -40.26 -6.01
C THR A 30 -12.67 -40.92 -7.10
N ARG A 31 -12.55 -40.37 -8.30
CA ARG A 31 -13.21 -40.90 -9.48
C ARG A 31 -12.25 -41.86 -10.16
N ASP A 32 -12.71 -42.57 -11.19
CA ASP A 32 -11.88 -43.58 -11.85
C ASP A 32 -10.58 -42.98 -12.40
N GLN A 33 -10.70 -41.80 -12.99
CA GLN A 33 -9.54 -41.07 -13.51
C GLN A 33 -9.40 -39.70 -12.86
N GLU A 34 -8.22 -39.45 -12.31
CA GLU A 34 -7.86 -38.16 -11.71
C GLU A 34 -6.55 -37.64 -12.31
N ILE A 35 -6.47 -36.32 -12.45
CA ILE A 35 -5.27 -35.61 -12.87
C ILE A 35 -4.44 -35.33 -11.62
N TRP A 36 -3.28 -35.97 -11.49
CA TRP A 36 -2.52 -35.81 -10.25
C TRP A 36 -1.01 -35.71 -10.51
N ASN A 37 -0.20 -36.22 -9.58
CA ASN A 37 1.18 -35.78 -9.44
C ASN A 37 2.23 -36.75 -9.98
N ARG A 38 1.81 -37.77 -10.70
CA ARG A 38 2.74 -38.72 -11.31
C ARG A 38 2.72 -38.52 -12.82
N LEU A 39 3.61 -37.66 -13.31
CA LEU A 39 3.71 -37.35 -14.74
C LEU A 39 4.32 -38.49 -15.54
N ALA A 40 5.20 -39.25 -14.90
CA ALA A 40 5.94 -40.32 -15.56
C ALA A 40 5.69 -41.68 -14.91
N LYS A 41 5.32 -42.65 -15.73
CA LYS A 41 5.35 -44.06 -15.35
C LYS A 41 6.80 -44.55 -15.46
N PRO A 42 7.12 -45.66 -14.80
CA PRO A 42 8.50 -46.17 -14.81
C PRO A 42 9.13 -46.30 -16.21
N ASP A 43 8.33 -46.60 -17.22
CA ASP A 43 8.80 -46.82 -18.60
C ASP A 43 9.02 -45.55 -19.43
N ALA A 44 8.72 -44.38 -18.87
CA ALA A 44 9.00 -43.14 -19.57
C ALA A 44 10.51 -42.98 -19.77
N PRO A 45 10.95 -42.55 -20.96
CA PRO A 45 12.37 -42.28 -21.14
C PRO A 45 12.78 -41.02 -20.38
N GLY A 46 14.06 -40.94 -20.06
CA GLY A 46 14.62 -39.81 -19.35
C GLY A 46 15.08 -40.13 -17.94
N GLU A 47 15.52 -39.10 -17.25
CA GLU A 47 16.00 -39.22 -15.89
C GLU A 47 14.82 -39.03 -14.95
N HIS A 48 14.41 -40.10 -14.28
CA HIS A 48 13.32 -40.03 -13.32
C HIS A 48 13.73 -39.28 -12.06
N ILE A 49 12.89 -38.33 -11.68
CA ILE A 49 13.17 -37.43 -10.55
C ILE A 49 11.93 -37.20 -9.69
N LEU A 50 12.19 -36.99 -8.41
CA LEU A 50 11.22 -36.51 -7.44
C LEU A 50 11.40 -35.02 -7.26
N LEU A 51 10.30 -34.28 -7.30
CA LEU A 51 10.29 -32.87 -6.93
C LEU A 51 9.48 -32.73 -5.65
N LEU A 52 9.91 -31.85 -4.76
N LEU A 52 9.93 -31.87 -4.74
CA LEU A 52 9.18 -31.59 -3.53
CA LEU A 52 9.15 -31.58 -3.55
C LEU A 52 9.43 -30.18 -3.08
C LEU A 52 9.42 -30.17 -3.08
N GLY A 53 8.51 -29.66 -2.28
CA GLY A 53 8.67 -28.31 -1.76
C GLY A 53 7.63 -27.91 -0.77
N GLN A 54 7.90 -26.78 -0.14
CA GLN A 54 6.99 -26.12 0.77
C GLN A 54 6.76 -24.69 0.29
N VAL A 55 5.64 -24.13 0.71
CA VAL A 55 5.22 -22.79 0.30
C VAL A 55 5.07 -21.92 1.55
N TYR A 56 5.64 -20.72 1.52
CA TYR A 56 5.64 -19.83 2.67
C TYR A 56 4.97 -18.50 2.39
N ASP A 57 4.28 -17.97 3.39
CA ASP A 57 3.70 -16.64 3.31
C ASP A 57 4.68 -15.57 3.78
N GLY A 58 4.25 -14.32 3.78
CA GLY A 58 5.13 -13.20 4.08
C GLY A 58 5.60 -13.13 5.53
N ASN A 59 4.98 -13.91 6.39
CA ASN A 59 5.41 -14.01 7.77
C ASN A 59 6.30 -15.23 8.00
N GLY A 60 6.67 -15.94 6.95
CA GLY A 60 7.47 -17.13 7.05
C GLY A 60 6.74 -18.38 7.49
N HIS A 61 5.40 -18.37 7.40
CA HIS A 61 4.58 -19.50 7.82
C HIS A 61 4.14 -20.32 6.63
N LEU A 62 4.04 -21.62 6.84
CA LEU A 62 3.64 -22.53 5.78
C LEU A 62 2.23 -22.25 5.27
N VAL A 63 2.10 -22.30 3.95
CA VAL A 63 0.81 -22.22 3.31
C VAL A 63 0.41 -23.67 3.07
N ARG A 64 -0.50 -24.15 3.91
CA ARG A 64 -0.80 -25.56 3.99
C ARG A 64 -1.92 -25.98 3.05
N ASP A 65 -2.52 -25.01 2.38
CA ASP A 65 -3.68 -25.23 1.51
C ASP A 65 -3.39 -24.85 0.04
N SER A 66 -2.14 -24.93 -0.37
N SER A 66 -2.10 -24.91 -0.32
CA SER A 66 -1.81 -24.52 -1.72
CA SER A 66 -1.59 -24.62 -1.68
C SER A 66 -1.98 -25.66 -2.72
C SER A 66 -2.06 -25.69 -2.70
N PHE A 67 -2.30 -25.24 -3.93
CA PHE A 67 -2.60 -26.14 -5.03
C PHE A 67 -1.71 -25.69 -6.18
N LEU A 68 -0.99 -26.63 -6.80
CA LEU A 68 -0.05 -26.33 -7.87
C LEU A 68 -0.38 -27.10 -9.12
N GLU A 69 -0.26 -26.42 -10.26
CA GLU A 69 -0.32 -27.07 -11.57
C GLU A 69 1.01 -26.91 -12.27
N VAL A 70 1.47 -27.97 -12.91
CA VAL A 70 2.77 -27.96 -13.55
C VAL A 70 2.66 -28.38 -15.00
N TRP A 71 3.56 -27.82 -15.80
CA TRP A 71 3.60 -28.05 -17.23
C TRP A 71 5.07 -28.08 -17.64
N GLN A 72 5.50 -29.18 -18.26
CA GLN A 72 6.91 -29.36 -18.60
C GLN A 72 7.09 -30.17 -19.87
N ALA A 73 8.21 -29.96 -20.53
CA ALA A 73 8.58 -30.80 -21.67
C ALA A 73 8.97 -32.20 -21.21
N ASP A 74 8.90 -33.13 -22.14
CA ASP A 74 9.45 -34.47 -21.94
C ASP A 74 10.97 -34.40 -22.04
N ALA A 75 11.63 -35.56 -21.93
CA ALA A 75 13.07 -35.58 -21.89
C ALA A 75 13.72 -35.11 -23.20
N ASN A 76 12.97 -35.16 -24.30
CA ASN A 76 13.42 -34.65 -25.59
C ASN A 76 13.22 -33.13 -25.77
N GLY A 77 12.61 -32.47 -24.80
CA GLY A 77 12.29 -31.06 -24.96
C GLY A 77 11.07 -30.79 -25.82
N GLU A 78 10.13 -31.73 -25.82
CA GLU A 78 8.86 -31.56 -26.51
C GLU A 78 7.71 -31.59 -25.51
N TYR A 79 6.76 -30.68 -25.71
CA TYR A 79 5.57 -30.64 -24.88
C TYR A 79 4.52 -31.59 -25.42
N GLN A 80 3.94 -32.39 -24.52
CA GLN A 80 2.96 -33.41 -24.89
C GLN A 80 1.60 -33.01 -24.37
N ASP A 81 0.77 -32.51 -25.28
CA ASP A 81 -0.54 -31.98 -24.87
C ASP A 81 -1.66 -33.02 -24.85
N ALA A 82 -1.43 -34.20 -25.41
CA ALA A 82 -2.51 -35.20 -25.48
C ALA A 82 -2.57 -35.94 -24.13
N TYR A 83 -3.30 -35.37 -23.19
CA TYR A 83 -3.34 -35.91 -21.83
C TYR A 83 -4.10 -37.23 -21.76
N ASN A 84 -3.48 -38.26 -21.19
CA ASN A 84 -4.10 -39.57 -21.11
C ASN A 84 -3.43 -40.36 -20.00
N LEU A 85 -4.23 -40.96 -19.11
CA LEU A 85 -3.65 -41.74 -18.01
C LEU A 85 -2.93 -43.00 -18.49
N GLU A 86 -3.18 -43.39 -19.72
CA GLU A 86 -2.48 -44.54 -20.32
C GLU A 86 -1.06 -44.20 -20.77
N ASN A 87 -0.76 -42.90 -20.92
CA ASN A 87 0.56 -42.48 -21.39
C ASN A 87 1.63 -42.78 -20.38
N ALA A 88 2.80 -43.22 -20.86
CA ALA A 88 3.97 -43.33 -20.00
C ALA A 88 4.43 -41.97 -19.47
N PHE A 89 4.15 -40.90 -20.21
CA PHE A 89 4.49 -39.54 -19.79
C PHE A 89 3.37 -38.57 -20.18
N ASN A 90 3.02 -37.69 -19.24
CA ASN A 90 2.20 -36.50 -19.50
C ASN A 90 2.99 -35.26 -19.11
N SER A 91 2.84 -34.21 -19.91
CA SER A 91 3.51 -32.94 -19.64
C SER A 91 2.85 -32.13 -18.51
N PHE A 92 1.59 -32.47 -18.17
CA PHE A 92 0.80 -31.76 -17.17
C PHE A 92 0.59 -32.59 -15.93
N GLY A 93 0.58 -31.92 -14.79
CA GLY A 93 0.11 -32.54 -13.57
C GLY A 93 -0.32 -31.54 -12.51
N ARG A 94 -0.77 -32.09 -11.39
CA ARG A 94 -1.27 -31.33 -10.26
C ARG A 94 -0.71 -31.92 -8.99
N THR A 95 -0.55 -31.06 -7.99
CA THR A 95 -0.17 -31.47 -6.64
C THR A 95 -0.69 -30.44 -5.65
N ALA A 96 -0.52 -30.74 -4.37
CA ALA A 96 -1.06 -29.88 -3.30
C ALA A 96 -0.22 -30.07 -2.06
N THR A 97 -0.20 -29.06 -1.21
CA THR A 97 0.55 -29.25 0.04
C THR A 97 -0.23 -30.05 1.08
N THR A 98 0.43 -30.99 1.75
CA THR A 98 -0.17 -31.67 2.91
C THR A 98 -0.55 -30.65 4.00
N PHE A 99 -1.67 -30.88 4.68
CA PHE A 99 -2.14 -29.93 5.66
C PHE A 99 -1.32 -29.94 6.94
N ASP A 100 -0.72 -31.09 7.30
CA ASP A 100 0.14 -31.16 8.48
C ASP A 100 1.55 -30.60 8.25
N ALA A 101 2.27 -31.14 7.27
CA ALA A 101 3.65 -30.76 7.02
C ALA A 101 3.79 -29.62 6.02
N GLY A 102 2.76 -29.34 5.23
CA GLY A 102 2.84 -28.33 4.18
C GLY A 102 3.70 -28.68 2.97
N GLU A 103 3.93 -29.97 2.67
CA GLU A 103 4.87 -30.36 1.60
C GLU A 103 4.09 -30.95 0.43
N TRP A 104 4.45 -30.57 -0.81
CA TRP A 104 3.94 -31.18 -2.04
C TRP A 104 5.02 -32.04 -2.67
N THR A 105 4.61 -33.02 -3.46
CA THR A 105 5.52 -33.86 -4.23
C THR A 105 5.03 -34.05 -5.67
N LEU A 106 5.98 -34.31 -6.56
CA LEU A 106 5.71 -34.62 -7.98
C LEU A 106 6.70 -35.68 -8.42
N HIS A 107 6.24 -36.61 -9.26
CA HIS A 107 7.07 -37.68 -9.78
C HIS A 107 7.13 -37.52 -11.29
N THR A 108 8.30 -37.26 -11.84
CA THR A 108 8.40 -36.90 -13.23
C THR A 108 9.74 -37.33 -13.84
N VAL A 109 10.06 -36.80 -15.01
CA VAL A 109 11.41 -36.90 -15.58
C VAL A 109 11.94 -35.49 -15.76
N LYS A 110 13.25 -35.35 -15.78
CA LYS A 110 13.83 -34.05 -16.04
C LYS A 110 13.51 -33.59 -17.46
N PRO A 111 13.00 -32.37 -17.63
CA PRO A 111 12.66 -31.93 -19.00
C PRO A 111 13.91 -31.60 -19.80
N GLY A 112 13.83 -31.86 -21.10
CA GLY A 112 14.84 -31.40 -22.05
C GLY A 112 14.73 -29.92 -22.36
N VAL A 113 15.70 -29.46 -23.14
CA VAL A 113 15.83 -28.07 -23.50
C VAL A 113 14.80 -27.69 -24.56
N VAL A 114 14.16 -26.53 -24.35
N VAL A 114 14.27 -26.47 -24.37
CA VAL A 114 13.32 -25.93 -25.38
CA VAL A 114 13.28 -25.86 -25.23
C VAL A 114 13.76 -24.49 -25.66
C VAL A 114 13.80 -24.47 -25.64
N ASN A 115 13.71 -24.12 -26.94
CA ASN A 115 14.05 -22.77 -27.37
C ASN A 115 12.93 -21.79 -27.11
N ASN A 116 13.29 -20.54 -26.83
CA ASN A 116 12.32 -19.45 -26.80
C ASN A 116 11.90 -19.09 -28.25
N ALA A 117 11.02 -18.12 -28.40
CA ALA A 117 10.47 -17.80 -29.71
C ALA A 117 11.51 -17.24 -30.68
N ALA A 118 12.61 -16.71 -30.14
CA ALA A 118 13.73 -16.19 -30.92
C ALA A 118 14.79 -17.25 -31.25
N GLY A 119 14.57 -18.49 -30.81
CA GLY A 119 15.50 -19.58 -31.10
C GLY A 119 16.64 -19.75 -30.11
N VAL A 120 16.55 -19.07 -28.96
CA VAL A 120 17.60 -19.14 -27.95
C VAL A 120 17.23 -20.19 -26.89
N PRO A 121 18.13 -21.13 -26.60
CA PRO A 121 17.75 -22.22 -25.71
C PRO A 121 17.50 -21.77 -24.29
N MET A 122 16.39 -22.20 -23.72
CA MET A 122 16.10 -21.99 -22.30
C MET A 122 16.68 -23.15 -21.49
N ALA A 123 17.10 -22.88 -20.27
CA ALA A 123 17.57 -23.97 -19.42
C ALA A 123 16.40 -24.86 -19.04
N PRO A 124 16.67 -26.14 -18.71
CA PRO A 124 15.56 -27.03 -18.34
C PRO A 124 14.70 -26.44 -17.23
N HIS A 125 13.38 -26.45 -17.40
CA HIS A 125 12.47 -25.84 -16.42
C HIS A 125 11.11 -26.53 -16.38
N ILE A 126 10.48 -26.42 -15.21
N ILE A 126 10.45 -26.38 -15.24
CA ILE A 126 9.08 -26.77 -15.01
CA ILE A 126 9.07 -26.78 -15.11
C ILE A 126 8.30 -25.47 -14.87
C ILE A 126 8.25 -25.54 -14.82
N ASN A 127 7.20 -25.31 -15.61
CA ASN A 127 6.31 -24.16 -15.43
C ASN A 127 5.33 -24.48 -14.32
N ILE A 128 5.17 -23.56 -13.37
CA ILE A 128 4.31 -23.77 -12.20
C ILE A 128 3.28 -22.65 -12.10
N SER A 129 2.03 -23.02 -11.81
CA SER A 129 1.00 -22.07 -11.43
C SER A 129 0.53 -22.42 -10.02
N LEU A 130 0.56 -21.42 -9.14
CA LEU A 130 0.24 -21.58 -7.72
C LEU A 130 -1.09 -20.91 -7.38
N PHE A 131 -1.96 -21.68 -6.73
CA PHE A 131 -3.31 -21.25 -6.33
C PHE A 131 -3.47 -21.52 -4.84
N ALA A 132 -4.23 -20.68 -4.15
CA ALA A 132 -4.55 -20.88 -2.74
C ALA A 132 -5.54 -19.83 -2.26
N ARG A 133 -6.17 -20.13 -1.12
CA ARG A 133 -6.78 -19.11 -0.28
C ARG A 133 -5.83 -17.93 -0.17
N GLY A 134 -6.37 -16.72 -0.35
CA GLY A 134 -5.59 -15.51 -0.26
C GLY A 134 -4.90 -15.08 -1.54
N ILE A 135 -4.86 -15.95 -2.55
CA ILE A 135 -4.22 -15.67 -3.85
C ILE A 135 -5.35 -15.39 -4.85
N ASN A 136 -5.53 -14.12 -5.24
CA ASN A 136 -6.71 -13.74 -6.03
C ASN A 136 -6.58 -14.14 -7.49
N ILE A 137 -5.37 -14.12 -8.03
CA ILE A 137 -5.05 -14.62 -9.36
C ILE A 137 -3.77 -15.43 -9.18
N HIS A 138 -3.71 -16.60 -9.80
CA HIS A 138 -2.62 -17.51 -9.60
C HIS A 138 -1.30 -16.89 -9.98
N LEU A 139 -0.25 -17.40 -9.32
CA LEU A 139 1.10 -16.92 -9.47
C LEU A 139 1.85 -17.88 -10.37
N HIS A 140 2.50 -17.34 -11.40
CA HIS A 140 3.30 -18.13 -12.32
C HIS A 140 4.77 -18.08 -11.91
N THR A 141 5.43 -19.24 -11.89
CA THR A 141 6.87 -19.26 -11.69
C THR A 141 7.48 -20.40 -12.50
N ARG A 142 8.79 -20.55 -12.39
CA ARG A 142 9.50 -21.65 -13.03
C ARG A 142 10.45 -22.27 -12.02
N LEU A 143 10.53 -23.59 -12.07
CA LEU A 143 11.50 -24.39 -11.33
C LEU A 143 12.62 -24.76 -12.29
N TYR A 144 13.82 -24.25 -12.02
CA TYR A 144 15.04 -24.64 -12.70
C TYR A 144 15.86 -25.53 -11.73
N PHE A 145 16.97 -26.08 -12.22
CA PHE A 145 17.70 -27.12 -11.51
C PHE A 145 19.13 -26.71 -11.20
N ASP A 146 19.58 -26.95 -9.97
CA ASP A 146 20.93 -26.50 -9.59
C ASP A 146 22.07 -27.31 -10.21
N ASP A 147 21.75 -28.44 -10.83
CA ASP A 147 22.71 -29.21 -11.60
C ASP A 147 22.76 -28.79 -13.09
N GLU A 148 22.15 -27.64 -13.38
CA GLU A 148 22.17 -27.06 -14.73
C GLU A 148 22.74 -25.63 -14.70
N ALA A 149 23.71 -25.38 -13.81
CA ALA A 149 24.16 -24.02 -13.59
C ALA A 149 24.66 -23.32 -14.85
N GLN A 150 25.38 -24.04 -15.71
CA GLN A 150 25.93 -23.41 -16.90
C GLN A 150 24.80 -23.01 -17.88
N ALA A 151 23.81 -23.87 -18.03
CA ALA A 151 22.65 -23.56 -18.85
C ALA A 151 21.82 -22.44 -18.24
N ASN A 152 21.63 -22.47 -16.92
CA ASN A 152 20.87 -21.45 -16.23
C ASN A 152 21.47 -20.07 -16.45
N ALA A 153 22.80 -19.98 -16.43
CA ALA A 153 23.49 -18.69 -16.55
C ALA A 153 23.21 -17.99 -17.90
N LYS A 154 22.83 -18.77 -18.91
CA LYS A 154 22.54 -18.26 -20.25
C LYS A 154 21.06 -18.30 -20.64
N CYS A 155 20.17 -18.70 -19.73
CA CYS A 155 18.77 -18.79 -20.06
C CYS A 155 18.23 -17.39 -20.34
N PRO A 156 17.57 -17.19 -21.51
CA PRO A 156 17.04 -15.86 -21.82
C PRO A 156 15.87 -15.45 -20.95
N VAL A 157 15.20 -16.39 -20.29
CA VAL A 157 14.14 -16.02 -19.36
C VAL A 157 14.74 -15.62 -18.00
N LEU A 158 15.64 -16.43 -17.46
CA LEU A 158 16.32 -16.01 -16.23
C LEU A 158 17.03 -14.66 -16.39
N ASN A 159 17.57 -14.40 -17.58
CA ASN A 159 18.25 -13.14 -17.83
C ASN A 159 17.33 -11.93 -17.89
N LEU A 160 16.02 -12.14 -17.96
CA LEU A 160 15.06 -11.04 -17.86
C LEU A 160 14.80 -10.60 -16.41
N ILE A 161 15.30 -11.38 -15.45
CA ILE A 161 15.27 -10.97 -14.05
C ILE A 161 16.49 -10.09 -13.85
N GLU A 162 16.27 -8.80 -13.55
CA GLU A 162 17.35 -7.81 -13.57
C GLU A 162 18.45 -8.13 -12.58
N GLN A 163 18.09 -8.58 -11.37
CA GLN A 163 19.06 -8.82 -10.31
C GLN A 163 19.40 -10.29 -10.18
N PRO A 164 20.70 -10.63 -10.33
CA PRO A 164 21.11 -12.02 -10.19
C PRO A 164 20.65 -12.68 -8.89
N GLN A 165 20.62 -11.93 -7.79
CA GLN A 165 20.17 -12.49 -6.52
C GLN A 165 18.75 -13.05 -6.63
N ARG A 166 17.88 -12.39 -7.39
CA ARG A 166 16.52 -12.88 -7.53
C ARG A 166 16.44 -14.13 -8.39
N ARG A 167 17.35 -14.29 -9.35
CA ARG A 167 17.39 -15.49 -10.18
C ARG A 167 17.58 -16.74 -9.31
N GLU A 168 18.32 -16.59 -8.23
CA GLU A 168 18.60 -17.71 -7.35
C GLU A 168 17.33 -18.31 -6.75
N THR A 169 16.27 -17.51 -6.63
CA THR A 169 15.02 -17.99 -6.06
C THR A 169 14.33 -19.06 -6.90
N LEU A 170 14.73 -19.21 -8.16
CA LEU A 170 14.10 -20.17 -9.08
C LEU A 170 14.88 -21.46 -9.23
N ILE A 171 15.96 -21.63 -8.46
CA ILE A 171 16.85 -22.78 -8.65
C ILE A 171 16.60 -23.83 -7.57
N ALA A 172 16.05 -24.98 -7.97
CA ALA A 172 15.77 -26.09 -7.07
C ALA A 172 17.06 -26.79 -6.69
N LYS A 173 17.10 -27.34 -5.48
CA LYS A 173 18.30 -27.91 -4.91
C LYS A 173 18.28 -29.42 -4.96
N ARG A 174 19.21 -29.99 -5.72
CA ARG A 174 19.31 -31.43 -5.85
C ARG A 174 19.68 -32.08 -4.51
N CYS A 175 19.08 -33.24 -4.28
CA CYS A 175 19.30 -34.06 -3.10
C CYS A 175 18.98 -35.52 -3.48
N GLU A 176 19.06 -36.42 -2.52
CA GLU A 176 18.62 -37.81 -2.72
C GLU A 176 17.54 -38.09 -1.68
N VAL A 177 16.47 -38.73 -2.13
CA VAL A 177 15.36 -39.10 -1.26
C VAL A 177 15.05 -40.55 -1.54
N ASP A 178 15.22 -41.41 -0.53
CA ASP A 178 15.04 -42.86 -0.66
C ASP A 178 15.79 -43.43 -1.86
N GLY A 179 17.04 -43.03 -2.02
CA GLY A 179 17.89 -43.51 -3.11
C GLY A 179 17.50 -43.04 -4.51
N LYS A 180 16.64 -42.02 -4.60
CA LYS A 180 16.22 -41.48 -5.88
C LYS A 180 16.65 -40.02 -5.95
N THR A 181 17.03 -39.58 -7.15
CA THR A 181 17.37 -38.18 -7.37
C THR A 181 16.13 -37.32 -7.13
N ALA A 182 16.31 -36.25 -6.35
CA ALA A 182 15.23 -35.36 -6.00
C ALA A 182 15.71 -33.91 -6.08
N TYR A 183 14.78 -32.98 -6.21
CA TYR A 183 15.07 -31.56 -6.08
C TYR A 183 14.03 -30.90 -5.19
N ARG A 184 14.50 -30.08 -4.25
CA ARG A 184 13.61 -29.29 -3.40
C ARG A 184 13.46 -27.90 -3.98
N PHE A 185 12.20 -27.46 -4.10
CA PHE A 185 11.89 -26.15 -4.61
C PHE A 185 10.87 -25.50 -3.68
N ASP A 186 11.35 -24.66 -2.77
CA ASP A 186 10.47 -23.92 -1.89
C ASP A 186 10.09 -22.61 -2.55
N ILE A 187 8.87 -22.16 -2.29
CA ILE A 187 8.34 -20.90 -2.79
C ILE A 187 8.06 -19.99 -1.60
N ARG A 188 8.53 -18.75 -1.71
CA ARG A 188 8.26 -17.72 -0.72
C ARG A 188 7.45 -16.65 -1.42
N ILE A 189 6.18 -16.55 -1.04
CA ILE A 189 5.26 -15.68 -1.77
C ILE A 189 5.61 -14.21 -1.56
N GLN A 190 6.17 -13.86 -0.41
CA GLN A 190 6.31 -12.47 -0.02
C GLN A 190 7.49 -12.29 0.92
N GLY A 191 8.26 -11.23 0.70
CA GLY A 191 9.26 -10.79 1.66
C GLY A 191 10.67 -11.30 1.39
N GLU A 192 11.39 -11.67 2.45
CA GLU A 192 12.75 -12.13 2.30
C GLU A 192 12.79 -13.39 1.45
N GLY A 193 13.63 -13.35 0.42
CA GLY A 193 13.77 -14.45 -0.52
C GLY A 193 12.55 -14.64 -1.41
N GLU A 194 11.76 -13.60 -1.59
CA GLU A 194 10.52 -13.70 -2.39
C GLU A 194 10.81 -14.33 -3.75
N THR A 195 10.05 -15.36 -4.08
CA THR A 195 10.20 -16.06 -5.34
C THR A 195 9.80 -15.15 -6.49
N VAL A 196 10.58 -15.17 -7.56
CA VAL A 196 10.20 -14.44 -8.77
C VAL A 196 8.91 -15.04 -9.35
N PHE A 197 7.97 -14.16 -9.67
CA PHE A 197 6.72 -14.54 -10.33
C PHE A 197 6.65 -13.79 -11.66
N PHE A 198 6.10 -14.47 -12.68
CA PHE A 198 6.09 -13.96 -14.04
C PHE A 198 4.71 -13.48 -14.49
N ASP A 199 4.71 -12.56 -15.44
CA ASP A 199 3.52 -12.25 -16.25
C ASP A 199 3.84 -12.59 -17.70
N PHE A 200 2.86 -13.17 -18.39
CA PHE A 200 2.99 -13.45 -19.81
C PHE A 200 1.60 -13.62 -20.38
N PRO B 1 26.51 35.62 -2.93
CA PRO B 1 25.67 36.75 -3.28
C PRO B 1 24.25 36.45 -3.74
N ALA B 2 23.83 35.19 -3.83
CA ALA B 2 22.39 34.91 -3.92
C ALA B 2 21.77 35.27 -2.55
N GLN B 3 20.54 35.77 -2.57
CA GLN B 3 19.84 36.15 -1.34
C GLN B 3 18.50 35.44 -1.18
N ASP B 4 18.09 35.28 0.08
CA ASP B 4 16.79 34.74 0.43
C ASP B 4 15.78 35.88 0.42
N ASN B 5 15.06 36.05 -0.68
CA ASN B 5 14.09 37.13 -0.76
C ASN B 5 12.69 36.68 -1.14
N SER B 6 12.50 35.37 -1.28
CA SER B 6 11.22 34.90 -1.77
C SER B 6 10.86 33.56 -1.16
N ARG B 7 9.58 33.25 -1.28
CA ARG B 7 9.01 31.98 -0.86
C ARG B 7 8.30 31.37 -2.05
N PHE B 8 8.29 30.05 -2.07
CA PHE B 8 7.68 29.29 -3.15
C PHE B 8 6.49 28.49 -2.63
N VAL B 9 5.37 28.60 -3.33
CA VAL B 9 4.14 27.93 -2.93
C VAL B 9 4.41 26.43 -2.75
N ILE B 10 3.89 25.87 -1.67
CA ILE B 10 4.14 24.48 -1.34
C ILE B 10 3.56 23.56 -2.44
N ARG B 11 4.29 22.51 -2.79
CA ARG B 11 3.82 21.58 -3.81
C ARG B 11 2.61 20.80 -3.36
N ASP B 12 1.74 20.53 -4.31
CA ASP B 12 0.62 19.62 -4.12
C ASP B 12 1.07 18.22 -4.56
N ARG B 13 1.44 17.39 -3.58
CA ARG B 13 1.98 16.07 -3.87
C ARG B 13 0.90 15.02 -4.15
N ASN B 14 -0.35 15.45 -4.26
CA ASN B 14 -1.39 14.63 -4.89
C ASN B 14 -1.73 15.07 -6.32
N TRP B 15 -1.12 16.17 -6.77
CA TRP B 15 -1.22 16.63 -8.15
C TRP B 15 -0.07 16.00 -8.93
N HIS B 16 1.14 16.16 -8.41
CA HIS B 16 2.25 15.33 -8.83
C HIS B 16 1.94 13.85 -8.64
N PRO B 17 2.65 12.98 -9.38
CA PRO B 17 2.61 11.56 -9.06
C PRO B 17 3.18 11.28 -7.68
N LYS B 18 2.56 10.35 -6.96
CA LYS B 18 3.13 9.82 -5.75
C LYS B 18 4.36 8.98 -6.06
N ALA B 19 5.15 8.68 -5.03
CA ALA B 19 6.34 7.85 -5.22
C ALA B 19 5.98 6.42 -5.59
N LEU B 20 5.07 5.82 -4.83
CA LEU B 20 4.73 4.42 -5.01
C LEU B 20 3.52 4.29 -5.93
N THR B 21 3.76 3.86 -7.17
CA THR B 21 2.71 3.70 -8.18
C THR B 21 2.99 2.35 -8.84
N PRO B 22 2.53 1.25 -8.22
CA PRO B 22 3.07 -0.07 -8.57
C PRO B 22 2.92 -0.55 -10.02
N ASP B 23 1.94 -0.03 -10.76
CA ASP B 23 1.82 -0.43 -12.16
C ASP B 23 3.03 0.02 -12.98
N TYR B 24 3.72 1.06 -12.50
CA TYR B 24 5.04 1.44 -12.98
C TYR B 24 6.03 0.67 -12.11
N LYS B 25 6.44 -0.48 -12.59
CA LYS B 25 7.03 -1.49 -11.73
C LYS B 25 8.28 -1.06 -11.01
N THR B 26 9.14 -0.30 -11.69
N THR B 26 9.14 -0.31 -11.67
CA THR B 26 10.40 0.14 -11.09
CA THR B 26 10.40 0.07 -11.02
C THR B 26 10.18 1.05 -9.89
C THR B 26 10.19 1.07 -9.88
N SER B 27 9.02 1.68 -9.80
CA SER B 27 8.71 2.53 -8.63
C SER B 27 8.58 1.76 -7.34
N ILE B 28 8.31 0.46 -7.39
CA ILE B 28 8.04 -0.28 -6.17
C ILE B 28 9.25 -0.29 -5.23
N ALA B 29 10.43 -0.57 -5.74
CA ALA B 29 11.64 -0.63 -4.92
C ALA B 29 12.40 0.70 -4.83
N ARG B 30 11.93 1.72 -5.55
CA ARG B 30 12.61 3.02 -5.64
C ARG B 30 11.79 4.17 -5.09
N SER B 31 10.87 3.82 -4.18
CA SER B 31 10.01 4.78 -3.50
C SER B 31 10.24 4.72 -1.98
N PRO B 32 10.40 5.88 -1.32
CA PRO B 32 10.57 5.83 0.12
C PRO B 32 9.34 5.23 0.81
N ARG B 33 9.56 4.52 1.90
CA ARG B 33 8.44 4.06 2.71
C ARG B 33 8.18 4.94 3.93
N GLN B 34 9.14 5.78 4.30
CA GLN B 34 8.91 6.74 5.35
C GLN B 34 8.38 8.04 4.75
N ALA B 35 7.64 8.77 5.56
CA ALA B 35 7.17 10.09 5.16
C ALA B 35 8.31 11.05 4.89
N LEU B 36 8.13 11.92 3.91
CA LEU B 36 9.02 13.05 3.75
C LEU B 36 8.98 13.92 5.00
N VAL B 37 10.10 14.53 5.32
CA VAL B 37 10.18 15.45 6.46
C VAL B 37 10.06 16.87 5.94
N SER B 38 8.99 17.57 6.34
CA SER B 38 8.81 18.95 5.93
C SER B 38 9.78 19.88 6.65
N ILE B 39 10.40 20.79 5.90
CA ILE B 39 11.27 21.80 6.48
C ILE B 39 10.91 23.16 5.95
N PRO B 40 11.10 24.22 6.76
CA PRO B 40 10.81 25.57 6.27
C PRO B 40 11.82 25.97 5.20
N GLN B 41 11.42 26.89 4.35
CA GLN B 41 12.32 27.41 3.33
C GLN B 41 13.40 28.27 3.98
N SER B 42 14.64 28.02 3.56
CA SER B 42 15.77 28.86 3.91
C SER B 42 16.45 29.26 2.61
N ILE B 43 17.49 30.06 2.74
CA ILE B 43 18.29 30.43 1.56
C ILE B 43 18.82 29.20 0.81
N SER B 44 19.02 28.06 1.48
CA SER B 44 19.44 26.84 0.78
C SER B 44 18.45 26.38 -0.29
N GLU B 45 17.16 26.56 -0.01
CA GLU B 45 16.09 26.09 -0.88
C GLU B 45 15.55 27.15 -1.84
N THR B 46 15.66 28.42 -1.48
CA THR B 46 15.00 29.49 -2.23
C THR B 46 15.92 30.18 -3.23
N THR B 47 17.13 29.66 -3.36
CA THR B 47 18.10 30.09 -4.35
C THR B 47 18.43 28.93 -5.28
N GLY B 48 19.09 29.23 -6.39
CA GLY B 48 19.54 28.19 -7.31
C GLY B 48 20.32 28.82 -8.44
N PRO B 49 20.88 27.97 -9.31
CA PRO B 49 21.72 28.47 -10.37
C PRO B 49 20.96 29.28 -11.41
N ASN B 50 21.62 30.31 -11.91
CA ASN B 50 21.18 31.12 -13.03
C ASN B 50 22.15 30.82 -14.17
N PHE B 51 21.62 30.40 -15.32
CA PHE B 51 22.45 29.93 -16.44
C PHE B 51 22.58 30.94 -17.58
N SER B 52 22.33 32.21 -17.29
CA SER B 52 22.41 33.27 -18.28
C SER B 52 23.74 33.30 -19.02
N HIS B 53 24.83 32.90 -18.36
CA HIS B 53 26.15 32.92 -18.97
C HIS B 53 26.77 31.53 -19.19
N LEU B 54 25.91 30.52 -19.25
CA LEU B 54 26.30 29.24 -19.81
C LEU B 54 26.44 29.46 -21.32
N GLY B 55 27.50 28.89 -21.89
CA GLY B 55 27.78 29.07 -23.30
C GLY B 55 27.01 28.06 -24.12
N PHE B 56 26.04 28.53 -24.89
CA PHE B 56 25.27 27.67 -25.78
C PHE B 56 25.85 27.69 -27.20
N GLY B 57 25.96 26.51 -27.81
CA GLY B 57 26.32 26.44 -29.22
C GLY B 57 25.15 26.87 -30.09
N ALA B 58 25.46 27.25 -31.33
CA ALA B 58 24.48 27.83 -32.24
C ALA B 58 23.28 26.95 -32.49
N HIS B 59 23.46 25.64 -32.48
CA HIS B 59 22.39 24.71 -32.80
C HIS B 59 21.92 23.92 -31.57
N ASP B 60 22.23 24.38 -30.36
CA ASP B 60 21.87 23.58 -29.19
C ASP B 60 20.35 23.33 -29.04
N HIS B 61 19.55 24.23 -29.60
CA HIS B 61 18.09 24.15 -29.54
C HIS B 61 17.48 23.50 -30.80
N ASP B 62 18.33 23.14 -31.76
CA ASP B 62 17.88 22.66 -33.09
C ASP B 62 18.39 21.25 -33.34
N LEU B 63 17.56 20.28 -33.01
CA LEU B 63 17.91 18.87 -33.14
C LEU B 63 17.97 18.40 -34.60
N LEU B 64 17.49 19.21 -35.54
CA LEU B 64 17.68 18.89 -36.94
C LEU B 64 19.09 19.18 -37.46
N LEU B 65 19.84 19.99 -36.72
CA LEU B 65 21.18 20.39 -37.15
C LEU B 65 22.29 20.06 -36.16
N ASN B 66 21.95 19.70 -34.91
CA ASN B 66 22.98 19.58 -33.88
C ASN B 66 23.65 18.20 -33.76
N PHE B 67 23.25 17.27 -34.64
CA PHE B 67 23.90 15.96 -34.83
C PHE B 67 24.04 15.67 -36.35
N ASN B 68 24.61 16.61 -37.08
CA ASN B 68 24.71 16.57 -38.55
C ASN B 68 25.89 15.68 -38.99
N ASN B 69 25.57 14.58 -39.67
CA ASN B 69 26.56 13.60 -40.15
C ASN B 69 26.37 13.30 -41.63
N GLY B 70 26.00 14.33 -42.38
CA GLY B 70 25.83 14.20 -43.83
C GLY B 70 24.44 14.50 -44.34
N GLY B 71 23.46 14.66 -43.45
CA GLY B 71 22.11 14.99 -43.86
C GLY B 71 21.09 15.30 -42.79
N LEU B 72 19.84 15.40 -43.22
CA LEU B 72 18.74 15.68 -42.31
C LEU B 72 18.21 14.40 -41.67
N PRO B 73 17.75 14.50 -40.41
CA PRO B 73 17.09 13.34 -39.85
C PRO B 73 15.80 13.00 -40.59
N ILE B 74 15.43 11.73 -40.52
CA ILE B 74 14.17 11.27 -41.05
C ILE B 74 13.11 11.42 -39.97
N GLY B 75 11.96 11.96 -40.32
CA GLY B 75 10.88 12.08 -39.37
C GLY B 75 10.08 13.35 -39.52
N GLU B 76 9.06 13.46 -38.68
CA GLU B 76 8.11 14.56 -38.75
C GLU B 76 8.75 15.81 -38.18
N ARG B 77 9.07 16.78 -39.04
CA ARG B 77 9.70 18.01 -38.61
C ARG B 77 8.71 18.83 -37.82
N ILE B 78 9.11 19.21 -36.61
CA ILE B 78 8.26 19.99 -35.72
C ILE B 78 9.06 21.01 -34.92
N ILE B 79 8.43 22.14 -34.66
CA ILE B 79 8.85 23.09 -33.64
C ILE B 79 8.09 22.74 -32.35
N VAL B 80 8.82 22.74 -31.24
CA VAL B 80 8.22 22.59 -29.91
C VAL B 80 8.53 23.87 -29.15
N ALA B 81 7.48 24.61 -28.80
CA ALA B 81 7.62 25.93 -28.21
C ALA B 81 6.59 26.13 -27.12
N GLY B 82 6.85 27.09 -26.25
CA GLY B 82 5.91 27.42 -25.20
C GLY B 82 6.47 28.48 -24.28
N ARG B 83 5.77 28.68 -23.17
CA ARG B 83 6.13 29.69 -22.19
C ARG B 83 6.29 29.00 -20.85
N VAL B 84 7.28 29.46 -20.08
CA VAL B 84 7.43 29.04 -18.69
C VAL B 84 6.93 30.19 -17.84
N VAL B 85 5.93 29.91 -17.00
CA VAL B 85 5.40 30.88 -16.05
C VAL B 85 5.38 30.21 -14.68
N ASP B 86 5.17 31.02 -13.63
CA ASP B 86 4.90 30.47 -12.32
C ASP B 86 3.41 30.42 -12.02
N GLN B 87 3.04 29.92 -10.84
CA GLN B 87 1.63 29.70 -10.56
C GLN B 87 0.81 30.97 -10.45
N TYR B 88 1.47 32.12 -10.23
CA TYR B 88 0.83 33.43 -10.24
C TYR B 88 0.71 34.01 -11.67
N GLY B 89 1.18 33.26 -12.66
CA GLY B 89 1.12 33.69 -14.05
C GLY B 89 2.30 34.52 -14.50
N LYS B 90 3.31 34.66 -13.66
CA LYS B 90 4.45 35.52 -13.99
C LYS B 90 5.44 34.76 -14.86
N PRO B 91 5.90 35.38 -15.96
CA PRO B 91 6.89 34.68 -16.77
C PRO B 91 8.18 34.38 -16.01
N VAL B 92 8.86 33.32 -16.43
CA VAL B 92 10.13 32.92 -15.85
C VAL B 92 11.20 33.09 -16.94
N PRO B 93 11.83 34.28 -16.98
CA PRO B 93 12.79 34.57 -18.03
C PRO B 93 14.17 33.99 -17.75
N ASN B 94 14.95 33.79 -18.82
CA ASN B 94 16.35 33.41 -18.70
C ASN B 94 16.57 32.14 -17.88
N THR B 95 15.65 31.19 -18.04
CA THR B 95 15.70 29.91 -17.32
C THR B 95 16.11 28.78 -18.27
N LEU B 96 16.77 27.77 -17.72
CA LEU B 96 17.31 26.68 -18.51
C LEU B 96 16.26 25.60 -18.75
N VAL B 97 16.03 25.33 -20.03
CA VAL B 97 15.12 24.28 -20.49
C VAL B 97 15.94 23.27 -21.29
N GLU B 98 15.94 22.03 -20.85
CA GLU B 98 16.67 20.94 -21.47
C GLU B 98 15.67 19.89 -21.88
N MET B 99 15.96 19.18 -22.97
CA MET B 99 15.05 18.14 -23.46
C MET B 99 15.83 17.01 -24.09
N TRP B 100 15.26 15.82 -24.02
CA TRP B 100 15.83 14.67 -24.69
C TRP B 100 14.73 13.71 -25.12
N GLN B 101 15.04 12.93 -26.16
CA GLN B 101 14.01 12.13 -26.81
C GLN B 101 14.62 11.06 -27.70
N ALA B 102 13.77 10.10 -28.05
CA ALA B 102 14.07 9.09 -29.06
C ALA B 102 13.91 9.68 -30.47
N ASN B 103 14.37 8.90 -31.45
CA ASN B 103 14.21 9.29 -32.85
C ASN B 103 12.82 8.94 -33.38
N ALA B 104 12.62 9.10 -34.70
CA ALA B 104 11.30 8.91 -35.28
C ALA B 104 10.74 7.50 -35.09
N GLY B 105 11.62 6.53 -34.89
CA GLY B 105 11.21 5.15 -34.69
C GLY B 105 11.20 4.65 -33.28
N GLY B 106 11.39 5.55 -32.32
CA GLY B 106 11.39 5.15 -30.91
C GLY B 106 12.72 4.63 -30.41
N ARG B 107 13.80 4.86 -31.14
CA ARG B 107 15.13 4.41 -30.71
C ARG B 107 15.88 5.57 -30.07
N TYR B 108 16.41 5.33 -28.87
CA TYR B 108 17.26 6.30 -28.18
C TYR B 108 18.72 6.07 -28.50
N ARG B 109 19.46 7.17 -28.61
CA ARG B 109 20.90 7.12 -28.78
C ARG B 109 21.55 7.05 -27.38
N HIS B 110 21.45 5.86 -26.79
CA HIS B 110 21.97 5.58 -25.45
C HIS B 110 22.44 4.13 -25.47
N LYS B 111 23.59 3.88 -24.85
CA LYS B 111 24.20 2.55 -24.88
C LYS B 111 23.33 1.44 -24.27
N ASN B 112 22.36 1.81 -23.44
CA ASN B 112 21.55 0.85 -22.72
C ASN B 112 20.23 0.55 -23.44
N ASP B 113 19.94 1.27 -24.54
CA ASP B 113 18.72 1.00 -25.30
C ASP B 113 18.97 -0.11 -26.29
N ARG B 114 18.31 -1.25 -26.08
CA ARG B 114 18.48 -2.40 -26.97
C ARG B 114 17.26 -2.67 -27.87
N TYR B 115 16.38 -1.69 -28.04
CA TYR B 115 15.27 -1.82 -28.98
C TYR B 115 15.79 -1.94 -30.41
N LEU B 116 15.17 -2.82 -31.17
CA LEU B 116 15.64 -3.20 -32.51
C LEU B 116 15.52 -2.11 -33.57
N ALA B 117 14.70 -1.08 -33.32
CA ALA B 117 14.52 0.01 -34.29
C ALA B 117 15.86 0.75 -34.49
N PRO B 118 16.17 1.12 -35.74
CA PRO B 118 17.50 1.68 -36.01
C PRO B 118 17.72 3.10 -35.52
N LEU B 119 18.98 3.39 -35.19
CA LEU B 119 19.42 4.74 -35.02
C LEU B 119 19.33 5.50 -36.34
N ASP B 120 19.19 6.81 -36.23
CA ASP B 120 19.18 7.72 -37.35
C ASP B 120 20.55 8.42 -37.33
N PRO B 121 21.35 8.23 -38.40
CA PRO B 121 22.72 8.78 -38.36
C PRO B 121 22.83 10.29 -38.24
N ASN B 122 21.74 11.00 -38.51
CA ASN B 122 21.67 12.45 -38.42
C ASN B 122 20.84 12.97 -37.24
N PHE B 123 20.59 12.12 -36.25
CA PHE B 123 19.79 12.50 -35.09
C PHE B 123 20.40 12.03 -33.78
N GLY B 124 20.55 12.97 -32.84
CA GLY B 124 21.08 12.69 -31.51
C GLY B 124 20.03 12.67 -30.42
N GLY B 125 19.11 13.64 -30.45
CA GLY B 125 18.00 13.67 -29.50
C GLY B 125 18.14 14.50 -28.24
N VAL B 126 19.04 15.48 -28.26
N VAL B 126 19.11 15.41 -28.16
CA VAL B 126 19.30 16.36 -27.12
CA VAL B 126 19.17 16.32 -27.03
C VAL B 126 19.19 17.82 -27.53
C VAL B 126 19.18 17.78 -27.48
N GLY B 127 18.47 18.61 -26.73
CA GLY B 127 18.43 20.04 -26.93
C GLY B 127 18.51 20.80 -25.62
N ARG B 128 18.90 22.07 -25.70
CA ARG B 128 18.78 22.98 -24.57
C ARG B 128 18.66 24.42 -25.06
N CYS B 129 18.05 25.25 -24.25
CA CYS B 129 17.99 26.66 -24.51
C CYS B 129 17.66 27.39 -23.22
N LEU B 130 17.68 28.71 -23.30
N LEU B 130 17.73 28.72 -23.26
CA LEU B 130 17.25 29.58 -22.23
CA LEU B 130 17.17 29.54 -22.21
C LEU B 130 15.91 30.21 -22.65
C LEU B 130 15.85 30.10 -22.68
N THR B 131 14.93 30.31 -21.75
CA THR B 131 13.75 31.13 -22.05
C THR B 131 14.20 32.58 -22.26
N ASP B 132 13.46 33.27 -23.14
CA ASP B 132 13.74 34.67 -23.42
C ASP B 132 13.22 35.57 -22.31
N SER B 133 13.33 36.88 -22.52
CA SER B 133 12.96 37.85 -21.48
C SER B 133 11.48 37.84 -21.12
N ASP B 134 10.67 37.20 -21.98
CA ASP B 134 9.22 37.10 -21.78
C ASP B 134 8.77 35.68 -21.38
N GLY B 135 9.74 34.81 -21.12
CA GLY B 135 9.46 33.44 -20.67
C GLY B 135 9.31 32.36 -21.74
N TYR B 136 9.52 32.72 -23.01
CA TYR B 136 9.28 31.79 -24.13
C TYR B 136 10.54 30.99 -24.49
N TYR B 137 10.35 29.72 -24.85
CA TYR B 137 11.42 28.85 -25.35
C TYR B 137 10.98 28.27 -26.70
N SER B 138 11.96 27.75 -27.44
N SER B 138 11.94 27.78 -27.48
CA SER B 138 11.71 27.13 -28.74
CA SER B 138 11.60 27.03 -28.69
C SER B 138 12.78 26.09 -29.08
C SER B 138 12.73 26.13 -29.15
N PHE B 139 12.33 24.94 -29.56
CA PHE B 139 13.18 23.89 -30.10
C PHE B 139 12.67 23.53 -31.47
N ARG B 140 13.56 23.00 -32.31
CA ARG B 140 13.15 22.32 -33.53
C ARG B 140 13.66 20.89 -33.48
N THR B 141 12.84 19.94 -33.88
CA THR B 141 13.16 18.52 -33.72
C THR B 141 12.33 17.68 -34.69
N ILE B 142 12.40 16.36 -34.53
CA ILE B 142 11.44 15.47 -35.19
C ILE B 142 10.56 14.84 -34.12
N LYS B 143 9.33 14.52 -34.47
CA LYS B 143 8.43 13.90 -33.51
C LYS B 143 8.96 12.50 -33.16
N PRO B 144 9.18 12.22 -31.87
CA PRO B 144 9.67 10.90 -31.49
C PRO B 144 8.60 9.81 -31.68
N GLY B 145 9.03 8.58 -31.94
CA GLY B 145 8.10 7.46 -31.99
C GLY B 145 7.85 6.85 -30.62
N PRO B 146 6.73 6.14 -30.48
CA PRO B 146 6.51 5.36 -29.27
C PRO B 146 7.60 4.32 -29.07
N TYR B 147 7.74 3.92 -27.80
N TYR B 147 7.89 3.92 -27.88
CA TYR B 147 8.89 3.13 -27.28
CA TYR B 147 8.72 2.77 -27.86
C TYR B 147 8.38 1.88 -26.49
C TYR B 147 8.25 1.86 -26.80
N PRO B 148 8.64 0.62 -26.96
CA PRO B 148 8.21 -0.50 -26.14
C PRO B 148 9.18 -0.67 -24.99
N TRP B 149 8.69 -1.11 -23.85
CA TRP B 149 9.56 -1.23 -22.68
C TRP B 149 9.08 -2.36 -21.76
N ARG B 150 10.02 -2.90 -21.00
CA ARG B 150 9.80 -4.12 -20.22
C ARG B 150 9.16 -3.80 -18.88
N ASN B 151 7.93 -3.33 -18.93
CA ASN B 151 7.11 -3.08 -17.75
C ASN B 151 6.12 -4.25 -17.71
N GLY B 152 4.87 -4.05 -18.15
CA GLY B 152 4.00 -5.17 -18.46
C GLY B 152 4.44 -5.86 -19.75
N PRO B 153 3.75 -6.93 -20.14
CA PRO B 153 4.19 -7.69 -21.32
C PRO B 153 3.95 -7.05 -22.69
N ASN B 154 3.17 -5.97 -22.76
CA ASN B 154 2.95 -5.25 -24.02
C ASN B 154 2.73 -3.79 -23.73
N ASP B 155 3.72 -3.18 -23.07
CA ASP B 155 3.64 -1.77 -22.74
C ASP B 155 4.48 -0.94 -23.71
N TRP B 156 3.93 0.22 -24.05
CA TRP B 156 4.52 1.14 -25.02
C TRP B 156 4.39 2.56 -24.49
N ARG B 157 5.50 3.28 -24.42
CA ARG B 157 5.41 4.71 -24.08
C ARG B 157 4.72 5.42 -25.24
N PRO B 158 3.81 6.35 -24.93
CA PRO B 158 3.40 7.27 -25.99
C PRO B 158 4.58 8.04 -26.53
N ALA B 159 4.48 8.60 -27.72
CA ALA B 159 5.48 9.55 -28.18
C ALA B 159 5.71 10.59 -27.09
N HIS B 160 6.96 10.87 -26.76
CA HIS B 160 7.19 11.84 -25.68
C HIS B 160 8.56 12.46 -25.77
N ILE B 161 8.67 13.65 -25.19
CA ILE B 161 9.93 14.35 -25.05
C ILE B 161 10.14 14.62 -23.57
N HIS B 162 11.30 14.23 -23.05
CA HIS B 162 11.64 14.52 -21.67
C HIS B 162 12.07 15.99 -21.56
N PHE B 163 11.64 16.64 -20.47
CA PHE B 163 11.95 18.05 -20.19
C PHE B 163 12.53 18.20 -18.80
N GLY B 164 13.54 19.07 -18.69
CA GLY B 164 14.01 19.57 -17.41
C GLY B 164 14.00 21.10 -17.44
N ILE B 165 13.56 21.71 -16.34
CA ILE B 165 13.44 23.16 -16.22
C ILE B 165 14.02 23.57 -14.89
N SER B 166 14.94 24.53 -14.90
CA SER B 166 15.60 24.96 -13.65
C SER B 166 14.71 25.86 -12.80
N GLY B 167 14.23 26.95 -13.38
CA GLY B 167 13.49 27.94 -12.64
C GLY B 167 14.37 28.74 -11.71
N PRO B 168 13.76 29.61 -10.89
CA PRO B 168 14.54 30.52 -10.05
C PRO B 168 15.26 29.90 -8.86
N SER B 169 14.93 28.68 -8.48
CA SER B 169 15.55 28.08 -7.29
C SER B 169 15.56 26.57 -7.36
N ILE B 170 16.35 25.93 -6.49
CA ILE B 170 16.31 24.46 -6.46
C ILE B 170 14.93 23.95 -6.04
N ALA B 171 14.13 24.79 -5.37
CA ALA B 171 12.76 24.45 -5.02
C ALA B 171 11.83 24.38 -6.23
N THR B 172 12.15 25.09 -7.32
CA THR B 172 11.30 25.07 -8.52
C THR B 172 11.74 24.07 -9.59
N LYS B 173 12.96 23.54 -9.49
CA LYS B 173 13.48 22.64 -10.51
C LYS B 173 12.51 21.47 -10.72
N LEU B 174 12.30 21.11 -11.98
CA LEU B 174 11.31 20.10 -12.34
C LEU B 174 11.81 19.29 -13.53
N ILE B 175 11.62 17.97 -13.47
CA ILE B 175 11.72 17.11 -14.64
C ILE B 175 10.33 16.56 -14.93
N THR B 176 9.96 16.53 -16.21
CA THR B 176 8.65 16.07 -16.63
C THR B 176 8.74 15.46 -18.03
N GLN B 177 7.58 15.12 -18.61
CA GLN B 177 7.53 14.61 -19.98
C GLN B 177 6.38 15.29 -20.71
N LEU B 178 6.62 15.59 -21.99
CA LEU B 178 5.64 16.14 -22.91
C LEU B 178 5.08 14.99 -23.75
N TYR B 179 3.75 14.96 -23.88
CA TYR B 179 3.04 14.03 -24.75
C TYR B 179 2.34 14.83 -25.86
N PHE B 180 1.83 14.15 -26.89
CA PHE B 180 1.27 14.81 -28.06
C PHE B 180 -0.22 14.63 -28.19
N GLU B 181 -0.90 15.74 -28.47
CA GLU B 181 -2.35 15.77 -28.61
C GLU B 181 -2.90 14.59 -29.40
N GLY B 182 -3.85 13.88 -28.82
CA GLY B 182 -4.59 12.82 -29.53
C GLY B 182 -3.99 11.43 -29.45
N ASP B 183 -2.77 11.30 -28.91
CA ASP B 183 -2.06 10.02 -28.98
C ASP B 183 -2.83 8.96 -28.18
N PRO B 184 -3.31 7.89 -28.84
CA PRO B 184 -4.13 6.91 -28.15
C PRO B 184 -3.37 6.05 -27.15
N LEU B 185 -2.04 6.15 -27.14
CA LEU B 185 -1.25 5.47 -26.12
C LEU B 185 -1.28 6.16 -24.75
N ILE B 186 -1.61 7.44 -24.70
CA ILE B 186 -1.52 8.21 -23.46
C ILE B 186 -2.33 7.59 -22.31
N PRO B 187 -3.61 7.26 -22.55
CA PRO B 187 -4.40 6.71 -21.44
C PRO B 187 -3.98 5.32 -20.97
N MET B 188 -3.13 4.64 -21.75
CA MET B 188 -2.73 3.27 -21.46
C MET B 188 -1.40 3.18 -20.73
N CYS B 189 -0.69 4.29 -20.61
CA CYS B 189 0.68 4.26 -20.10
C CYS B 189 0.76 4.31 -18.58
N PRO B 190 1.41 3.32 -17.95
CA PRO B 190 1.54 3.37 -16.47
C PRO B 190 2.43 4.51 -15.91
N ILE B 191 3.30 5.09 -16.73
CA ILE B 191 4.07 6.27 -16.30
C ILE B 191 3.16 7.50 -16.35
N VAL B 192 2.40 7.69 -17.42
CA VAL B 192 1.40 8.76 -17.44
C VAL B 192 0.48 8.61 -16.21
N LYS B 193 0.02 7.37 -15.98
CA LYS B 193 -0.98 7.11 -14.94
C LYS B 193 -0.40 7.05 -13.53
N SER B 194 0.91 7.29 -13.40
CA SER B 194 1.48 7.60 -12.08
C SER B 194 0.88 8.89 -11.54
N ILE B 195 0.38 9.74 -12.43
CA ILE B 195 -0.38 10.93 -12.06
C ILE B 195 -1.85 10.51 -11.84
N ALA B 196 -2.35 10.63 -10.60
CA ALA B 196 -3.69 10.16 -10.27
C ALA B 196 -4.82 11.01 -10.85
N ASN B 197 -4.60 12.32 -10.97
CA ASN B 197 -5.66 13.25 -11.34
C ASN B 197 -5.65 13.43 -12.87
N PRO B 198 -6.74 13.04 -13.56
CA PRO B 198 -6.75 13.21 -15.03
C PRO B 198 -6.53 14.64 -15.53
N GLU B 199 -6.92 15.64 -14.75
CA GLU B 199 -6.68 17.03 -15.12
C GLU B 199 -5.18 17.35 -15.12
N ALA B 200 -4.44 16.72 -14.22
CA ALA B 200 -2.98 16.91 -14.19
C ALA B 200 -2.32 16.27 -15.42
N VAL B 201 -2.79 15.09 -15.81
CA VAL B 201 -2.28 14.46 -17.04
C VAL B 201 -2.47 15.40 -18.23
N GLN B 202 -3.63 16.05 -18.32
CA GLN B 202 -3.89 16.93 -19.44
C GLN B 202 -2.87 18.05 -19.56
N GLN B 203 -2.30 18.48 -18.44
CA GLN B 203 -1.31 19.53 -18.45
C GLN B 203 0.00 19.13 -19.12
N LEU B 204 0.21 17.82 -19.35
CA LEU B 204 1.40 17.34 -20.02
C LEU B 204 1.23 17.11 -21.52
N ILE B 205 0.04 17.40 -22.04
CA ILE B 205 -0.24 17.09 -23.45
C ILE B 205 -0.08 18.37 -24.28
N ALA B 206 0.95 18.37 -25.12
CA ALA B 206 1.21 19.49 -26.01
C ALA B 206 0.15 19.52 -27.11
N LYS B 207 -0.25 20.72 -27.50
CA LYS B 207 -1.29 20.93 -28.50
C LYS B 207 -0.69 21.27 -29.85
N LEU B 208 -1.24 20.69 -30.90
CA LEU B 208 -0.89 21.08 -32.25
C LEU B 208 -1.11 22.58 -32.41
N ASP B 209 -0.12 23.26 -33.00
CA ASP B 209 -0.10 24.71 -33.06
C ASP B 209 0.14 25.16 -34.50
N MET B 210 -0.92 25.18 -35.31
CA MET B 210 -0.74 25.46 -36.73
C MET B 210 -0.24 26.88 -36.99
N ASN B 211 -0.57 27.79 -36.06
CA ASN B 211 -0.17 29.18 -36.13
C ASN B 211 1.35 29.35 -36.06
N ASN B 212 2.03 28.39 -35.47
CA ASN B 212 3.49 28.45 -35.32
C ASN B 212 4.24 27.60 -36.36
N ALA B 213 3.50 26.90 -37.21
CA ALA B 213 4.10 26.06 -38.25
C ALA B 213 4.74 26.90 -39.34
N ASN B 214 5.76 26.33 -39.99
CA ASN B 214 6.31 26.88 -41.22
C ASN B 214 5.72 26.09 -42.39
N PRO B 215 4.84 26.70 -43.19
CA PRO B 215 4.25 25.99 -44.34
C PRO B 215 5.30 25.35 -45.22
N MET B 216 4.98 24.16 -45.75
CA MET B 216 5.85 23.41 -46.66
C MET B 216 7.19 23.06 -46.01
N ASP B 217 7.19 22.98 -44.67
CA ASP B 217 8.44 22.82 -43.93
C ASP B 217 8.25 21.99 -42.64
N CYS B 218 7.62 22.57 -41.63
CA CYS B 218 7.49 21.89 -40.35
C CYS B 218 6.21 22.27 -39.64
N LEU B 219 5.67 21.31 -38.89
CA LEU B 219 4.55 21.59 -38.00
C LEU B 219 5.07 22.15 -36.68
N ALA B 220 4.19 22.35 -35.72
CA ALA B 220 4.53 22.92 -34.42
C ALA B 220 3.57 22.41 -33.36
N TYR B 221 4.10 22.26 -32.14
CA TYR B 221 3.37 21.92 -30.93
C TYR B 221 3.69 22.96 -29.85
N ARG B 222 2.70 23.23 -29.01
CA ARG B 222 2.84 24.18 -27.91
C ARG B 222 2.73 23.47 -26.58
N PHE B 223 3.72 23.73 -25.71
CA PHE B 223 3.80 23.10 -24.41
C PHE B 223 4.21 24.17 -23.40
N ASP B 224 3.23 24.64 -22.62
CA ASP B 224 3.49 25.62 -21.58
C ASP B 224 3.80 24.90 -20.28
N ILE B 225 4.67 25.51 -19.48
CA ILE B 225 5.15 24.92 -18.24
C ILE B 225 4.86 25.88 -17.10
N VAL B 226 4.34 25.36 -15.99
CA VAL B 226 4.05 26.16 -14.81
C VAL B 226 4.92 25.67 -13.65
N LEU B 227 5.76 26.57 -13.16
CA LEU B 227 6.59 26.30 -11.97
C LEU B 227 5.92 26.88 -10.73
N ARG B 228 6.42 26.46 -9.56
CA ARG B 228 5.86 26.91 -8.30
C ARG B 228 5.79 28.43 -8.22
N GLY B 229 4.68 28.93 -7.69
CA GLY B 229 4.50 30.36 -7.52
C GLY B 229 5.55 30.95 -6.59
N GLN B 230 6.07 32.11 -6.96
CA GLN B 230 7.08 32.82 -6.16
C GLN B 230 6.47 34.10 -5.58
N ARG B 231 6.63 34.31 -4.26
CA ARG B 231 6.16 35.54 -3.63
C ARG B 231 7.24 36.09 -2.72
N LYS B 232 7.12 37.38 -2.43
CA LYS B 232 7.97 38.01 -1.45
C LYS B 232 7.66 37.45 -0.06
N THR B 233 8.67 37.37 0.79
CA THR B 233 8.46 37.11 2.21
C THR B 233 7.60 38.22 2.83
N HIS B 234 6.82 37.88 3.84
CA HIS B 234 6.07 38.87 4.59
C HIS B 234 5.86 38.44 6.03
N PHE B 235 5.91 39.42 6.92
CA PHE B 235 5.63 39.22 8.35
C PHE B 235 6.42 38.07 8.98
N GLU B 236 7.67 37.88 8.55
CA GLU B 236 8.50 36.83 9.17
C GLU B 236 9.34 37.36 10.33
N ASN B 237 9.61 36.48 11.30
CA ASN B 237 10.41 36.82 12.50
C ASN B 237 9.84 37.95 13.34
N CYS B 238 8.51 38.09 13.34
N CYS B 238 8.51 38.08 13.33
CA CYS B 238 7.84 39.14 14.10
CA CYS B 238 7.80 39.13 14.08
C CYS B 238 6.40 38.72 14.41
C CYS B 238 6.36 38.71 14.34
N PRO C 1 -11.55 28.48 -1.64
CA PRO C 1 -10.26 29.14 -1.37
C PRO C 1 -9.62 29.64 -2.65
N ILE C 2 -8.53 30.38 -2.54
CA ILE C 2 -7.77 30.86 -3.69
C ILE C 2 -6.96 29.71 -4.25
N GLU C 3 -7.18 29.42 -5.53
CA GLU C 3 -6.47 28.37 -6.22
C GLU C 3 -5.67 29.00 -7.36
N LEU C 4 -4.36 28.81 -7.32
CA LEU C 4 -3.48 29.33 -8.36
C LEU C 4 -3.44 28.37 -9.56
N LEU C 5 -2.70 28.72 -10.61
CA LEU C 5 -2.48 27.75 -11.69
C LEU C 5 -1.78 26.53 -11.10
N PRO C 6 -2.22 25.31 -11.43
CA PRO C 6 -1.47 24.15 -10.92
C PRO C 6 -0.08 24.04 -11.55
N GLU C 7 0.87 23.59 -10.76
CA GLU C 7 2.21 23.29 -11.23
C GLU C 7 2.14 22.16 -12.26
N THR C 8 3.01 22.24 -13.27
CA THR C 8 3.21 21.13 -14.20
C THR C 8 3.62 19.89 -13.40
N PRO C 9 2.94 18.75 -13.56
CA PRO C 9 3.31 17.56 -12.77
C PRO C 9 4.63 16.96 -13.19
N SER C 10 5.33 16.41 -12.22
CA SER C 10 6.58 15.68 -12.43
C SER C 10 6.35 14.36 -13.14
N GLN C 11 7.39 13.91 -13.81
CA GLN C 11 7.47 12.54 -14.31
C GLN C 11 8.89 12.05 -14.08
N THR C 12 9.06 10.74 -14.07
CA THR C 12 10.38 10.17 -13.96
C THR C 12 11.31 10.70 -15.04
N ALA C 13 12.58 10.80 -14.69
CA ALA C 13 13.61 11.10 -15.70
C ALA C 13 13.85 9.92 -16.65
N GLY C 14 13.55 8.71 -16.20
CA GLY C 14 13.78 7.50 -16.98
C GLY C 14 15.23 7.11 -17.08
N PRO C 15 15.49 5.91 -17.62
CA PRO C 15 16.86 5.39 -17.63
C PRO C 15 17.79 6.03 -18.67
N TYR C 16 17.26 6.85 -19.57
CA TYR C 16 18.10 7.51 -20.58
C TYR C 16 18.26 9.00 -20.33
N VAL C 17 18.04 9.41 -19.07
CA VAL C 17 18.27 10.77 -18.62
C VAL C 17 19.66 11.32 -19.03
N HIS C 18 20.66 10.45 -19.09
N HIS C 18 20.65 10.43 -19.10
CA HIS C 18 22.00 10.93 -19.45
CA HIS C 18 21.99 10.80 -19.51
C HIS C 18 22.13 11.43 -20.90
C HIS C 18 22.05 11.47 -20.87
N ILE C 19 21.23 11.02 -21.81
CA ILE C 19 21.16 11.63 -23.18
C ILE C 19 21.07 13.15 -23.05
N GLY C 20 20.22 13.62 -22.14
CA GLY C 20 19.91 15.02 -21.99
C GLY C 20 20.80 15.75 -21.01
N LEU C 21 21.21 15.07 -19.94
CA LEU C 21 21.80 15.73 -18.76
C LEU C 21 23.18 15.21 -18.33
N ALA C 22 23.68 14.15 -18.98
CA ALA C 22 25.00 13.54 -18.66
C ALA C 22 25.54 12.84 -19.92
N LEU C 23 25.87 13.65 -20.92
CA LEU C 23 26.01 13.18 -22.31
C LEU C 23 27.05 12.07 -22.51
N GLU C 24 28.17 12.23 -21.84
CA GLU C 24 29.26 11.26 -21.88
C GLU C 24 28.79 9.89 -21.36
N ALA C 25 28.05 9.88 -20.26
CA ALA C 25 27.59 8.64 -19.63
C ALA C 25 26.63 7.87 -20.54
N ALA C 26 25.91 8.58 -21.41
CA ALA C 26 25.03 7.94 -22.41
C ALA C 26 25.82 7.20 -23.50
N GLY C 27 27.09 7.56 -23.63
CA GLY C 27 27.95 7.04 -24.69
C GLY C 27 28.03 7.99 -25.88
N ASN C 28 27.73 9.27 -25.64
CA ASN C 28 27.64 10.27 -26.71
C ASN C 28 28.65 11.42 -26.57
N PRO C 29 28.88 12.17 -27.67
CA PRO C 29 29.77 13.34 -27.60
C PRO C 29 29.22 14.46 -26.72
N THR C 30 30.11 15.29 -26.19
CA THR C 30 29.72 16.43 -25.38
C THR C 30 29.74 17.73 -26.20
N ARG C 31 29.05 18.73 -25.68
CA ARG C 31 29.07 20.06 -26.26
C ARG C 31 30.23 20.85 -25.68
N ASP C 32 30.46 22.05 -26.18
CA ASP C 32 31.61 22.84 -25.72
C ASP C 32 31.57 23.07 -24.20
N GLN C 33 30.38 23.40 -23.69
CA GLN C 33 30.17 23.64 -22.27
C GLN C 33 29.11 22.71 -21.70
N GLU C 34 29.50 21.97 -20.65
CA GLU C 34 28.60 21.08 -19.94
C GLU C 34 28.61 21.41 -18.46
N ILE C 35 27.46 21.20 -17.83
CA ILE C 35 27.28 21.30 -16.39
C ILE C 35 27.59 19.94 -15.76
N TRP C 36 28.67 19.85 -14.99
CA TRP C 36 29.08 18.54 -14.47
C TRP C 36 29.59 18.62 -13.02
N ASN C 37 30.54 17.76 -12.66
CA ASN C 37 30.75 17.38 -11.26
C ASN C 37 31.97 18.01 -10.58
N ARG C 38 32.60 18.98 -11.22
N ARG C 38 32.58 18.99 -11.22
CA ARG C 38 33.70 19.71 -10.62
CA ARG C 38 33.70 19.72 -10.62
C ARG C 38 33.26 21.13 -10.31
C ARG C 38 33.25 21.14 -10.31
N LEU C 39 32.82 21.34 -9.06
CA LEU C 39 32.33 22.65 -8.59
C LEU C 39 33.48 23.63 -8.34
N ALA C 40 34.65 23.10 -7.99
CA ALA C 40 35.79 23.94 -7.67
C ALA C 40 37.01 23.67 -8.55
N LYS C 41 37.58 24.74 -9.09
CA LYS C 41 38.90 24.69 -9.71
C LYS C 41 39.93 24.68 -8.56
N PRO C 42 41.17 24.23 -8.83
CA PRO C 42 42.17 24.11 -7.75
C PRO C 42 42.41 25.37 -6.91
N ASP C 43 42.29 26.54 -7.51
CA ASP C 43 42.59 27.81 -6.81
C ASP C 43 41.42 28.35 -5.99
N ALA C 44 40.29 27.65 -6.00
CA ALA C 44 39.15 28.07 -5.21
C ALA C 44 39.51 28.04 -3.73
N PRO C 45 39.10 29.07 -2.97
CA PRO C 45 39.37 29.03 -1.53
C PRO C 45 38.54 27.97 -0.81
N GLY C 46 39.06 27.48 0.31
CA GLY C 46 38.38 26.46 1.10
C GLY C 46 39.13 25.15 1.13
N GLU C 47 38.56 24.19 1.84
CA GLU C 47 39.10 22.85 1.93
C GLU C 47 38.55 22.01 0.78
N HIS C 48 39.46 21.57 -0.10
CA HIS C 48 39.05 20.81 -1.26
C HIS C 48 38.77 19.40 -0.85
N ILE C 49 37.59 18.91 -1.27
CA ILE C 49 37.13 17.59 -0.90
C ILE C 49 36.53 16.85 -2.10
N LEU C 50 36.71 15.53 -2.05
CA LEU C 50 36.03 14.60 -2.93
C LEU C 50 34.81 14.07 -2.19
N LEU C 51 33.66 14.06 -2.86
CA LEU C 51 32.48 13.39 -2.35
C LEU C 51 32.19 12.20 -3.26
N LEU C 52 31.75 11.11 -2.67
CA LEU C 52 31.40 9.93 -3.45
C LEU C 52 30.34 9.12 -2.74
N GLY C 53 29.62 8.33 -3.51
CA GLY C 53 28.57 7.51 -2.94
C GLY C 53 27.91 6.57 -3.92
N GLN C 54 27.11 5.66 -3.34
CA GLN C 54 26.29 4.72 -4.07
C GLN C 54 24.85 4.89 -3.62
N VAL C 55 23.93 4.44 -4.46
CA VAL C 55 22.50 4.60 -4.23
C VAL C 55 21.87 3.22 -4.26
N TYR C 56 21.07 2.91 -3.25
CA TYR C 56 20.48 1.59 -3.10
C TYR C 56 18.96 1.64 -3.13
N ASP C 57 18.37 0.62 -3.76
CA ASP C 57 16.93 0.44 -3.76
C ASP C 57 16.48 -0.34 -2.51
N GLY C 58 15.18 -0.57 -2.41
CA GLY C 58 14.58 -1.24 -1.26
C GLY C 58 14.97 -2.70 -1.06
N ASN C 59 15.56 -3.31 -2.09
CA ASN C 59 16.09 -4.66 -1.99
C ASN C 59 17.58 -4.68 -1.73
N GLY C 60 18.17 -3.52 -1.47
CA GLY C 60 19.60 -3.44 -1.23
C GLY C 60 20.47 -3.51 -2.47
N HIS C 61 19.86 -3.32 -3.63
CA HIS C 61 20.58 -3.39 -4.90
C HIS C 61 20.94 -2.01 -5.43
N LEU C 62 22.10 -1.91 -6.07
CA LEU C 62 22.57 -0.63 -6.59
C LEU C 62 21.62 -0.06 -7.65
N VAL C 63 21.41 1.26 -7.56
CA VAL C 63 20.67 2.01 -8.55
C VAL C 63 21.73 2.60 -9.46
N ARG C 64 21.93 1.96 -10.60
CA ARG C 64 23.07 2.24 -11.45
C ARG C 64 22.81 3.37 -12.44
N ASP C 65 21.56 3.84 -12.50
CA ASP C 65 21.14 4.87 -13.45
C ASP C 65 20.68 6.17 -12.74
N SER C 66 21.20 6.39 -11.53
CA SER C 66 20.89 7.59 -10.72
C SER C 66 21.52 8.84 -11.36
N PHE C 67 20.81 9.96 -11.23
CA PHE C 67 21.28 11.27 -11.67
C PHE C 67 21.07 12.22 -10.48
N LEU C 68 22.12 12.94 -10.09
CA LEU C 68 22.07 13.82 -8.93
C LEU C 68 22.40 15.24 -9.29
N GLU C 69 21.68 16.18 -8.68
CA GLU C 69 22.00 17.60 -8.75
C GLU C 69 22.31 18.11 -7.35
N VAL C 70 23.36 18.93 -7.24
CA VAL C 70 23.77 19.45 -5.96
C VAL C 70 23.86 20.95 -5.94
N TRP C 71 23.64 21.52 -4.75
CA TRP C 71 23.61 22.96 -4.55
C TRP C 71 24.21 23.22 -3.18
N GLN C 72 25.28 24.01 -3.11
CA GLN C 72 25.95 24.23 -1.84
C GLN C 72 26.56 25.60 -1.76
N ALA C 73 26.75 26.10 -0.55
CA ALA C 73 27.47 27.34 -0.34
C ALA C 73 28.96 27.16 -0.64
N ASP C 74 29.63 28.27 -0.94
CA ASP C 74 31.09 28.29 -0.99
C ASP C 74 31.68 28.18 0.43
N ALA C 75 33.00 28.20 0.55
CA ALA C 75 33.65 28.04 1.85
C ALA C 75 33.31 29.15 2.85
N ASN C 76 32.96 30.32 2.34
CA ASN C 76 32.55 31.47 3.17
C ASN C 76 31.05 31.50 3.48
N GLY C 77 30.33 30.44 3.09
CA GLY C 77 28.91 30.31 3.40
C GLY C 77 27.99 31.16 2.52
N GLU C 78 28.45 31.46 1.31
CA GLU C 78 27.66 32.22 0.34
C GLU C 78 27.30 31.36 -0.86
N TYR C 79 26.03 31.44 -1.28
CA TYR C 79 25.59 30.74 -2.47
C TYR C 79 25.92 31.56 -3.70
N GLN C 80 26.54 30.92 -4.68
CA GLN C 80 26.98 31.58 -5.90
C GLN C 80 26.11 31.13 -7.06
N ASP C 81 25.14 31.95 -7.42
CA ASP C 81 24.17 31.57 -8.45
C ASP C 81 24.56 31.93 -9.87
N ALA C 82 25.61 32.72 -10.05
CA ALA C 82 26.04 33.12 -11.39
C ALA C 82 26.87 32.00 -12.00
N TYR C 83 26.20 31.03 -12.60
CA TYR C 83 26.88 29.85 -13.11
C TYR C 83 27.74 30.19 -14.32
N ASN C 84 29.02 29.82 -14.26
CA ASN C 84 29.95 30.11 -15.32
C ASN C 84 31.15 29.17 -15.21
N LEU C 85 31.49 28.50 -16.31
CA LEU C 85 32.61 27.56 -16.29
C LEU C 85 33.96 28.24 -16.05
N GLU C 86 34.01 29.56 -16.23
CA GLU C 86 35.22 30.33 -15.93
C GLU C 86 35.45 30.55 -14.43
N ASN C 87 34.39 30.40 -13.62
CA ASN C 87 34.48 30.63 -12.17
C ASN C 87 35.38 29.62 -11.48
N ALA C 88 36.15 30.09 -10.49
CA ALA C 88 36.89 29.18 -9.64
C ALA C 88 35.95 28.28 -8.85
N PHE C 89 34.75 28.76 -8.54
CA PHE C 89 33.76 27.98 -7.80
C PHE C 89 32.35 28.22 -8.36
N ASN C 90 31.60 27.13 -8.47
CA ASN C 90 30.17 27.21 -8.73
C ASN C 90 29.44 26.45 -7.63
N SER C 91 28.31 27.01 -7.19
CA SER C 91 27.49 26.37 -6.15
C SER C 91 26.70 25.17 -6.65
N PHE C 92 26.54 25.07 -7.97
CA PHE C 92 25.71 24.03 -8.57
C PHE C 92 26.56 23.03 -9.33
N GLY C 93 26.18 21.76 -9.26
CA GLY C 93 26.70 20.77 -10.18
C GLY C 93 25.82 19.56 -10.35
N ARG C 94 26.29 18.66 -11.19
CA ARG C 94 25.59 17.43 -11.56
C ARG C 94 26.56 16.26 -11.53
N THR C 95 26.03 15.10 -11.18
CA THR C 95 26.77 13.86 -11.28
C THR C 95 25.80 12.70 -11.54
N ALA C 96 26.36 11.53 -11.75
CA ALA C 96 25.57 10.34 -12.08
C ALA C 96 26.33 9.11 -11.62
N THR C 97 25.60 8.03 -11.35
CA THR C 97 26.26 6.77 -11.00
C THR C 97 26.82 6.01 -12.20
N THR C 98 28.03 5.47 -12.11
N THR C 98 28.04 5.48 -12.11
CA THR C 98 28.57 4.62 -13.19
CA THR C 98 28.55 4.61 -13.19
C THR C 98 27.73 3.33 -13.32
C THR C 98 27.64 3.39 -13.33
N PHE C 99 27.52 2.87 -14.55
CA PHE C 99 26.65 1.70 -14.80
C PHE C 99 27.23 0.38 -14.29
N ASP C 100 28.55 0.23 -14.32
CA ASP C 100 29.22 -0.97 -13.80
C ASP C 100 29.25 -0.99 -12.26
N ALA C 101 29.82 0.04 -11.66
CA ALA C 101 30.05 0.05 -10.21
C ALA C 101 28.96 0.73 -9.37
N GLY C 102 28.17 1.59 -9.99
CA GLY C 102 27.11 2.35 -9.31
C GLY C 102 27.61 3.49 -8.43
N GLU C 103 28.79 4.04 -8.69
CA GLU C 103 29.36 5.09 -7.83
C GLU C 103 29.31 6.44 -8.55
N TRP C 104 28.92 7.49 -7.82
CA TRP C 104 29.04 8.88 -8.28
C TRP C 104 30.16 9.60 -7.53
N THR C 105 30.70 10.65 -8.15
CA THR C 105 31.73 11.48 -7.54
C THR C 105 31.47 12.97 -7.80
N LEU C 106 31.96 13.79 -6.89
CA LEU C 106 31.86 15.23 -6.95
C LEU C 106 33.18 15.79 -6.44
N HIS C 107 33.65 16.85 -7.06
CA HIS C 107 34.87 17.54 -6.63
C HIS C 107 34.50 18.95 -6.24
N THR C 108 34.71 19.31 -4.97
CA THR C 108 34.19 20.56 -4.43
C THR C 108 35.05 21.06 -3.26
N VAL C 109 34.51 22.06 -2.55
CA VAL C 109 35.11 22.46 -1.28
C VAL C 109 34.03 22.30 -0.23
N LYS C 110 34.45 22.12 1.03
CA LYS C 110 33.50 22.01 2.10
C LYS C 110 32.75 23.34 2.28
N PRO C 111 31.41 23.30 2.32
CA PRO C 111 30.64 24.54 2.44
C PRO C 111 30.75 25.17 3.83
N GLY C 112 30.74 26.50 3.87
CA GLY C 112 30.61 27.24 5.12
C GLY C 112 29.20 27.22 5.66
N VAL C 113 29.07 27.68 6.88
CA VAL C 113 27.81 27.75 7.61
C VAL C 113 26.89 28.83 7.04
N VAL C 114 25.63 28.48 6.83
N VAL C 114 25.62 28.45 6.92
CA VAL C 114 24.64 29.47 6.43
CA VAL C 114 24.55 29.28 6.41
C VAL C 114 23.48 29.42 7.41
C VAL C 114 23.46 29.40 7.48
N ASN C 115 22.93 30.60 7.71
CA ASN C 115 21.81 30.73 8.65
C ASN C 115 20.47 30.43 7.99
N ASN C 116 19.56 29.85 8.76
CA ASN C 116 18.20 29.66 8.30
C ASN C 116 17.42 30.98 8.33
N ALA C 117 16.14 30.94 7.99
CA ALA C 117 15.33 32.16 7.86
C ALA C 117 15.09 32.89 9.18
N ALA C 118 15.20 32.17 10.29
CA ALA C 118 15.09 32.73 11.64
C ALA C 118 16.45 33.16 12.22
N GLY C 119 17.51 33.08 11.43
CA GLY C 119 18.86 33.51 11.84
C GLY C 119 19.67 32.48 12.62
N VAL C 120 19.22 31.23 12.60
CA VAL C 120 19.87 30.16 13.36
C VAL C 120 20.83 29.42 12.42
N PRO C 121 22.11 29.26 12.82
CA PRO C 121 23.07 28.59 11.96
C PRO C 121 22.69 27.13 11.65
N MET C 122 22.77 26.77 10.37
CA MET C 122 22.66 25.39 9.95
C MET C 122 24.07 24.78 9.85
N ALA C 123 24.17 23.50 10.13
CA ALA C 123 25.45 22.83 10.00
C ALA C 123 25.86 22.77 8.53
N PRO C 124 27.17 22.67 8.24
CA PRO C 124 27.58 22.63 6.83
C PRO C 124 26.87 21.51 6.08
N HIS C 125 26.31 21.84 4.92
CA HIS C 125 25.55 20.84 4.16
C HIS C 125 25.60 21.08 2.65
N ILE C 126 25.37 19.99 1.92
CA ILE C 126 25.16 20.05 0.48
C ILE C 126 23.72 19.61 0.23
N ASN C 127 22.97 20.42 -0.51
CA ASN C 127 21.61 20.07 -0.92
C ASN C 127 21.68 19.15 -2.13
N ILE C 128 20.96 18.03 -2.08
CA ILE C 128 20.96 17.04 -3.16
C ILE C 128 19.54 16.78 -3.65
N SER C 129 19.38 16.68 -4.97
CA SER C 129 18.15 16.21 -5.60
C SER C 129 18.50 14.98 -6.43
N LEU C 130 17.77 13.88 -6.18
CA LEU C 130 18.03 12.58 -6.77
C LEU C 130 16.90 12.22 -7.77
N PHE C 131 17.29 11.86 -8.99
CA PHE C 131 16.40 11.51 -10.11
C PHE C 131 16.84 10.13 -10.63
N ALA C 132 15.89 9.34 -11.12
CA ALA C 132 16.18 8.05 -11.75
C ALA C 132 14.91 7.43 -12.31
N ARG C 133 15.08 6.49 -13.25
CA ARG C 133 14.06 5.48 -13.53
C ARG C 133 13.44 5.03 -12.22
N GLY C 134 12.11 4.96 -12.18
CA GLY C 134 11.39 4.52 -10.99
C GLY C 134 11.08 5.60 -9.96
N ILE C 135 11.68 6.78 -10.11
CA ILE C 135 11.48 7.89 -9.17
C ILE C 135 10.60 8.91 -9.91
N ASN C 136 9.35 9.01 -9.48
CA ASN C 136 8.37 9.82 -10.20
C ASN C 136 8.53 11.31 -10.02
N ILE C 137 8.93 11.71 -8.81
CA ILE C 137 9.30 13.07 -8.49
C ILE C 137 10.58 12.96 -7.68
N HIS C 138 11.51 13.87 -7.96
CA HIS C 138 12.84 13.77 -7.36
C HIS C 138 12.81 13.86 -5.85
N LEU C 139 13.80 13.23 -5.26
CA LEU C 139 13.95 13.15 -3.81
C LEU C 139 14.99 14.16 -3.35
N HIS C 140 14.59 14.98 -2.38
CA HIS C 140 15.46 15.99 -1.80
C HIS C 140 16.13 15.44 -0.55
N THR C 141 17.43 15.61 -0.42
CA THR C 141 18.11 15.27 0.83
C THR C 141 19.23 16.26 1.08
N ARG C 142 19.92 16.06 2.19
CA ARG C 142 21.11 16.86 2.55
C ARG C 142 22.24 15.94 2.97
N LEU C 143 23.44 16.30 2.56
CA LEU C 143 24.69 15.68 2.98
C LEU C 143 25.37 16.58 3.99
N TYR C 144 25.48 16.09 5.22
CA TYR C 144 26.22 16.74 6.32
C TYR C 144 27.52 15.96 6.54
N PHE C 145 28.41 16.47 7.40
CA PHE C 145 29.76 15.93 7.54
C PHE C 145 30.00 15.37 8.94
N ASP C 146 30.57 14.16 9.02
CA ASP C 146 30.77 13.53 10.35
C ASP C 146 31.81 14.22 11.23
N ASP C 147 32.63 15.10 10.65
CA ASP C 147 33.57 15.91 11.45
C ASP C 147 33.01 17.28 11.87
N GLU C 148 31.69 17.44 11.73
CA GLU C 148 30.99 18.62 12.23
C GLU C 148 29.96 18.23 13.29
N ALA C 149 30.32 17.31 14.19
CA ALA C 149 29.36 16.78 15.15
C ALA C 149 28.70 17.85 16.01
N GLN C 150 29.49 18.80 16.51
CA GLN C 150 28.92 19.86 17.36
C GLN C 150 27.87 20.69 16.59
N ALA C 151 28.20 21.10 15.37
CA ALA C 151 27.25 21.86 14.57
C ALA C 151 26.03 21.04 14.16
N ASN C 152 26.24 19.77 13.83
CA ASN C 152 25.16 18.90 13.41
C ASN C 152 24.13 18.74 14.53
N ALA C 153 24.61 18.58 15.76
CA ALA C 153 23.74 18.42 16.92
C ALA C 153 22.79 19.62 17.16
N LYS C 154 23.21 20.80 16.70
CA LYS C 154 22.45 22.03 16.90
C LYS C 154 21.73 22.51 15.63
N CYS C 155 21.86 21.77 14.53
CA CYS C 155 21.24 22.21 13.28
C CYS C 155 19.71 22.19 13.35
N PRO C 156 19.08 23.35 13.08
CA PRO C 156 17.61 23.44 13.14
C PRO C 156 16.89 22.61 12.08
N VAL C 157 17.59 22.20 11.02
CA VAL C 157 16.99 21.29 10.02
C VAL C 157 17.09 19.83 10.50
N LEU C 158 18.27 19.42 10.91
N LEU C 158 18.28 19.40 10.93
CA LEU C 158 18.44 18.07 11.46
CA LEU C 158 18.41 18.04 11.45
C LEU C 158 17.51 17.81 12.65
C LEU C 158 17.48 17.81 12.65
N ASN C 159 17.29 18.85 13.47
CA ASN C 159 16.44 18.73 14.64
C ASN C 159 14.94 18.60 14.32
N LEU C 160 14.55 18.84 13.06
CA LEU C 160 13.16 18.59 12.62
C LEU C 160 12.91 17.11 12.28
N ILE C 161 13.96 16.32 12.25
CA ILE C 161 13.84 14.87 12.09
C ILE C 161 13.59 14.32 13.49
N GLU C 162 12.41 13.73 13.72
CA GLU C 162 11.96 13.38 15.08
C GLU C 162 12.89 12.37 15.78
N GLN C 163 13.39 11.39 15.03
CA GLN C 163 14.20 10.30 15.62
C GLN C 163 15.68 10.53 15.35
N PRO C 164 16.48 10.58 16.43
CA PRO C 164 17.93 10.73 16.26
C PRO C 164 18.56 9.70 15.30
N GLN C 165 18.07 8.48 15.34
CA GLN C 165 18.59 7.42 14.51
C GLN C 165 18.45 7.78 13.02
N ARG C 166 17.36 8.45 12.64
CA ARG C 166 17.20 8.85 11.25
C ARG C 166 18.13 10.00 10.86
N ARG C 167 18.48 10.86 11.82
CA ARG C 167 19.43 11.94 11.54
C ARG C 167 20.76 11.39 11.05
N GLU C 168 21.14 10.21 11.56
CA GLU C 168 22.40 9.58 11.23
C GLU C 168 22.52 9.27 9.74
N THR C 169 21.38 9.09 9.06
CA THR C 169 21.39 8.77 7.64
C THR C 169 21.91 9.90 6.78
N LEU C 170 21.98 11.12 7.33
CA LEU C 170 22.42 12.28 6.55
C LEU C 170 23.87 12.68 6.78
N ILE C 171 24.60 11.85 7.52
CA ILE C 171 25.97 12.19 7.90
C ILE C 171 26.97 11.40 7.06
N ALA C 172 27.69 12.12 6.19
CA ALA C 172 28.74 11.54 5.36
C ALA C 172 29.98 11.21 6.17
N LYS C 173 30.65 10.14 5.76
CA LYS C 173 31.79 9.59 6.50
C LYS C 173 33.12 10.02 5.90
N ARG C 174 33.92 10.72 6.69
CA ARG C 174 35.23 11.18 6.24
C ARG C 174 36.15 10.00 6.00
N CYS C 175 36.93 10.08 4.93
CA CYS C 175 37.90 9.06 4.59
C CYS C 175 38.99 9.68 3.71
N GLU C 176 39.88 8.86 3.19
CA GLU C 176 40.89 9.32 2.26
C GLU C 176 40.83 8.47 1.01
N VAL C 177 40.79 9.14 -0.15
CA VAL C 177 40.79 8.48 -1.45
C VAL C 177 42.00 8.98 -2.22
N ASP C 178 42.84 8.03 -2.64
CA ASP C 178 44.19 8.30 -3.16
C ASP C 178 44.81 9.61 -2.63
N GLY C 179 44.99 9.65 -1.32
CA GLY C 179 45.69 10.75 -0.66
C GLY C 179 44.94 12.06 -0.51
N LYS C 180 43.65 12.08 -0.85
CA LYS C 180 42.85 13.30 -0.76
C LYS C 180 41.71 13.12 0.25
N THR C 181 41.37 14.20 0.94
CA THR C 181 40.22 14.19 1.85
C THR C 181 38.94 13.90 1.06
N ALA C 182 38.17 12.93 1.56
CA ALA C 182 36.91 12.53 0.92
C ALA C 182 35.84 12.28 1.96
N TYR C 183 34.58 12.34 1.52
CA TYR C 183 33.46 11.89 2.35
C TYR C 183 32.57 10.98 1.52
N ARG C 184 32.20 9.84 2.09
CA ARG C 184 31.28 8.90 1.43
C ARG C 184 29.88 9.15 1.96
N PHE C 185 28.94 9.28 1.03
CA PHE C 185 27.54 9.50 1.33
C PHE C 185 26.68 8.57 0.50
N ASP C 186 26.31 7.43 1.08
CA ASP C 186 25.41 6.49 0.44
C ASP C 186 23.98 6.89 0.74
N ILE C 187 23.10 6.64 -0.23
CA ILE C 187 21.67 6.90 -0.11
C ILE C 187 20.95 5.57 -0.23
N ARG C 188 20.01 5.34 0.68
CA ARG C 188 19.15 4.15 0.68
C ARG C 188 17.73 4.65 0.48
N ILE C 189 17.16 4.38 -0.68
CA ILE C 189 15.87 4.98 -1.02
C ILE C 189 14.75 4.41 -0.17
N GLN C 190 14.89 3.16 0.23
CA GLN C 190 13.80 2.43 0.85
C GLN C 190 14.30 1.36 1.80
N GLY C 191 13.66 1.25 2.96
CA GLY C 191 13.84 0.11 3.85
C GLY C 191 14.86 0.37 4.94
N GLU C 192 15.68 -0.63 5.23
CA GLU C 192 16.62 -0.50 6.34
C GLU C 192 17.60 0.63 6.04
N GLY C 193 17.76 1.52 7.02
CA GLY C 193 18.65 2.67 6.86
C GLY C 193 18.16 3.72 5.89
N GLU C 194 16.86 3.71 5.61
CA GLU C 194 16.31 4.62 4.61
C GLU C 194 16.74 6.06 4.88
N THR C 195 17.28 6.70 3.86
CA THR C 195 17.74 8.09 3.94
C THR C 195 16.58 9.04 4.14
N VAL C 196 16.74 10.01 5.03
CA VAL C 196 15.72 11.04 5.20
C VAL C 196 15.61 11.86 3.91
N PHE C 197 14.37 12.06 3.46
CA PHE C 197 14.07 12.90 2.30
C PHE C 197 13.15 14.00 2.79
N PHE C 198 13.34 15.19 2.23
CA PHE C 198 12.66 16.40 2.66
C PHE C 198 11.57 16.85 1.69
N ASP C 199 10.59 17.55 2.24
CA ASP C 199 9.66 18.36 1.46
C ASP C 199 9.84 19.81 1.89
N PHE C 200 9.84 20.71 0.93
CA PHE C 200 9.87 22.14 1.19
C PHE C 200 9.34 22.89 -0.01
N PRO D 1 -30.57 -3.96 1.24
N PRO D 1 -30.64 -3.96 1.24
CA PRO D 1 -30.53 -4.48 2.61
CA PRO D 1 -30.58 -4.50 2.59
C PRO D 1 -30.93 -3.44 3.64
C PRO D 1 -30.96 -3.45 3.62
N ILE D 2 -31.13 -3.88 4.87
CA ILE D 2 -31.41 -2.96 5.97
C ILE D 2 -30.14 -2.20 6.34
N GLU D 3 -30.19 -0.88 6.24
CA GLU D 3 -29.05 -0.02 6.58
C GLU D 3 -29.48 0.84 7.74
N LEU D 4 -28.77 0.71 8.87
CA LEU D 4 -29.05 1.51 10.05
C LEU D 4 -28.38 2.87 9.92
N LEU D 5 -28.54 3.72 10.92
CA LEU D 5 -27.80 4.96 10.94
C LEU D 5 -26.30 4.61 10.96
N PRO D 6 -25.47 5.30 10.18
CA PRO D 6 -24.04 5.01 10.28
C PRO D 6 -23.46 5.48 11.61
N GLU D 7 -22.49 4.71 12.12
CA GLU D 7 -21.74 5.13 13.30
C GLU D 7 -20.93 6.39 13.01
N THR D 8 -20.84 7.27 13.98
CA THR D 8 -19.92 8.39 13.88
C THR D 8 -18.49 7.87 13.61
N PRO D 9 -17.80 8.40 12.59
CA PRO D 9 -16.47 7.86 12.30
C PRO D 9 -15.41 8.29 13.32
N SER D 10 -14.49 7.39 13.56
CA SER D 10 -13.34 7.65 14.40
C SER D 10 -12.38 8.69 13.82
N GLN D 11 -11.63 9.33 14.71
CA GLN D 11 -10.47 10.13 14.35
C GLN D 11 -9.41 9.88 15.41
N THR D 12 -8.16 10.16 15.04
CA THR D 12 -7.06 10.08 15.98
C THR D 12 -7.32 10.91 17.23
N ALA D 13 -6.82 10.41 18.36
CA ALA D 13 -6.85 11.18 19.60
C ALA D 13 -5.87 12.35 19.56
N GLY D 14 -4.84 12.25 18.71
CA GLY D 14 -3.84 13.28 18.59
C GLY D 14 -2.86 13.30 19.75
N PRO D 15 -1.77 14.05 19.61
CA PRO D 15 -0.74 14.00 20.65
C PRO D 15 -1.07 14.78 21.93
N TYR D 16 -2.16 15.56 21.93
CA TYR D 16 -2.55 16.30 23.12
C TYR D 16 -3.77 15.68 23.83
N VAL D 17 -4.00 14.40 23.56
CA VAL D 17 -5.05 13.61 24.21
C VAL D 17 -5.02 13.76 25.74
N HIS D 18 -3.84 13.96 26.29
CA HIS D 18 -3.66 14.08 27.76
C HIS D 18 -4.43 15.25 28.34
N ILE D 19 -4.58 16.34 27.58
CA ILE D 19 -5.39 17.50 28.03
C ILE D 19 -6.75 17.05 28.53
N GLY D 20 -7.36 16.15 27.77
CA GLY D 20 -8.70 15.68 28.04
C GLY D 20 -8.78 14.47 28.95
N LEU D 21 -7.83 13.54 28.83
CA LEU D 21 -7.95 12.19 29.41
C LEU D 21 -6.83 11.76 30.36
N ALA D 22 -5.78 12.59 30.48
CA ALA D 22 -4.64 12.29 31.35
C ALA D 22 -4.02 13.62 31.77
N LEU D 23 -4.77 14.36 32.59
CA LEU D 23 -4.51 15.79 32.84
C LEU D 23 -3.13 16.09 33.43
N GLU D 24 -2.73 15.27 34.39
CA GLU D 24 -1.43 15.45 35.00
C GLU D 24 -0.29 15.31 33.96
N ALA D 25 -0.45 14.34 33.06
CA ALA D 25 0.54 14.07 32.00
C ALA D 25 0.70 15.25 31.02
N ALA D 26 -0.38 15.99 30.77
CA ALA D 26 -0.34 17.20 29.95
C ALA D 26 0.48 18.33 30.56
N GLY D 27 0.66 18.25 31.88
CA GLY D 27 1.32 19.28 32.69
C GLY D 27 0.32 20.17 33.40
N ASN D 28 -0.92 19.69 33.55
CA ASN D 28 -2.03 20.50 34.00
C ASN D 28 -2.59 20.06 35.33
N PRO D 29 -3.30 20.97 36.01
CA PRO D 29 -3.95 20.58 37.26
C PRO D 29 -5.02 19.53 37.02
N THR D 30 -5.27 18.72 38.03
CA THR D 30 -6.33 17.71 37.98
C THR D 30 -7.60 18.17 38.68
N ARG D 31 -8.69 17.50 38.36
CA ARG D 31 -9.99 17.74 38.97
C ARG D 31 -10.08 16.86 40.23
N ASP D 32 -11.10 17.09 41.04
CA ASP D 32 -11.25 16.32 42.29
C ASP D 32 -11.26 14.81 42.05
N GLN D 33 -11.98 14.35 41.03
CA GLN D 33 -12.00 12.94 40.64
C GLN D 33 -11.51 12.73 39.20
N GLU D 34 -10.55 11.81 39.06
CA GLU D 34 -9.99 11.43 37.78
C GLU D 34 -10.02 9.92 37.62
N ILE D 35 -10.24 9.47 36.38
CA ILE D 35 -10.20 8.07 36.00
C ILE D 35 -8.78 7.74 35.62
N TRP D 36 -8.11 6.89 36.37
CA TRP D 36 -6.68 6.67 36.14
C TRP D 36 -6.28 5.20 36.38
N ASN D 37 -5.05 4.98 36.82
CA ASN D 37 -4.36 3.69 36.62
C ASN D 37 -4.26 2.80 37.85
N ARG D 38 -4.99 3.14 38.91
CA ARG D 38 -4.98 2.32 40.13
C ARG D 38 -6.38 1.70 40.28
N LEU D 39 -6.52 0.48 39.78
CA LEU D 39 -7.82 -0.18 39.74
C LEU D 39 -8.22 -0.75 41.10
N ALA D 40 -7.25 -1.04 41.93
CA ALA D 40 -7.51 -1.76 43.17
C ALA D 40 -7.03 -0.98 44.40
N LYS D 41 -7.91 -0.85 45.40
CA LYS D 41 -7.51 -0.37 46.71
C LYS D 41 -6.69 -1.50 47.32
N PRO D 42 -5.81 -1.19 48.28
CA PRO D 42 -4.90 -2.19 48.85
C PRO D 42 -5.56 -3.47 49.34
N ASP D 43 -6.80 -3.36 49.81
CA ASP D 43 -7.51 -4.49 50.42
C ASP D 43 -8.49 -5.18 49.47
N ALA D 44 -8.44 -4.84 48.19
CA ALA D 44 -9.27 -5.52 47.20
C ALA D 44 -8.91 -7.00 47.18
N PRO D 45 -9.91 -7.89 46.96
CA PRO D 45 -9.59 -9.30 46.89
C PRO D 45 -8.66 -9.63 45.72
N GLY D 46 -7.82 -10.64 45.91
CA GLY D 46 -7.03 -11.20 44.82
C GLY D 46 -5.54 -10.89 44.94
N GLU D 47 -4.82 -11.27 43.90
CA GLU D 47 -3.39 -11.11 43.84
C GLU D 47 -3.04 -9.75 43.22
N HIS D 48 -2.46 -8.86 44.02
CA HIS D 48 -2.13 -7.53 43.55
C HIS D 48 -0.88 -7.58 42.68
N ILE D 49 -0.99 -6.95 41.51
CA ILE D 49 0.04 -6.98 40.49
C ILE D 49 0.23 -5.62 39.84
N LEU D 50 1.45 -5.38 39.37
CA LEU D 50 1.76 -4.23 38.53
C LEU D 50 1.83 -4.72 37.10
N LEU D 51 1.21 -3.98 36.19
CA LEU D 51 1.37 -4.18 34.76
C LEU D 51 2.15 -2.98 34.23
N LEU D 52 3.06 -3.22 33.31
CA LEU D 52 3.79 -2.12 32.66
C LEU D 52 4.19 -2.52 31.27
N GLY D 53 4.48 -1.52 30.45
CA GLY D 53 4.87 -1.79 29.09
C GLY D 53 5.27 -0.56 28.32
N GLN D 54 5.88 -0.82 27.17
CA GLN D 54 6.24 0.21 26.21
C GLN D 54 5.58 -0.12 24.87
N VAL D 55 5.43 0.89 24.03
CA VAL D 55 4.71 0.77 22.76
C VAL D 55 5.68 1.18 21.65
N TYR D 56 5.81 0.35 20.62
CA TYR D 56 6.78 0.58 19.55
C TYR D 56 6.09 0.75 18.21
N ASP D 57 6.63 1.67 17.41
CA ASP D 57 6.18 1.86 16.04
C ASP D 57 6.90 0.91 15.09
N GLY D 58 6.57 1.00 13.81
CA GLY D 58 7.13 0.12 12.79
C GLY D 58 8.61 0.23 12.54
N ASN D 59 9.22 1.30 13.05
CA ASN D 59 10.66 1.50 12.97
C ASN D 59 11.36 1.09 14.25
N GLY D 60 10.62 0.54 15.21
CA GLY D 60 11.20 0.13 16.47
C GLY D 60 11.39 1.25 17.48
N HIS D 61 10.78 2.41 17.23
CA HIS D 61 10.88 3.55 18.11
C HIS D 61 9.70 3.66 19.06
N LEU D 62 9.96 4.16 20.25
CA LEU D 62 8.95 4.32 21.27
C LEU D 62 7.84 5.27 20.82
N VAL D 63 6.62 4.89 21.10
CA VAL D 63 5.44 5.74 20.92
C VAL D 63 5.16 6.34 22.27
N ARG D 64 5.69 7.56 22.46
CA ARG D 64 5.79 8.18 23.76
C ARG D 64 4.51 8.88 24.19
N ASP D 65 3.56 9.02 23.27
CA ASP D 65 2.30 9.73 23.46
C ASP D 65 1.08 8.80 23.43
N SER D 66 1.28 7.52 23.73
N SER D 66 1.33 7.53 23.76
CA SER D 66 0.16 6.59 23.69
CA SER D 66 0.28 6.50 23.84
C SER D 66 -0.68 6.66 24.97
C SER D 66 -0.71 6.78 24.99
N PHE D 67 -1.97 6.40 24.77
CA PHE D 67 -3.01 6.47 25.79
C PHE D 67 -3.73 5.12 25.74
N LEU D 68 -3.89 4.46 26.88
CA LEU D 68 -4.48 3.13 26.95
C LEU D 68 -5.66 3.10 27.89
N GLU D 69 -6.70 2.39 27.49
CA GLU D 69 -7.82 2.07 28.35
C GLU D 69 -7.87 0.58 28.56
N VAL D 70 -8.21 0.16 29.78
CA VAL D 70 -8.21 -1.24 30.12
C VAL D 70 -9.54 -1.61 30.78
N TRP D 71 -9.90 -2.88 30.60
CA TRP D 71 -11.15 -3.44 31.10
C TRP D 71 -10.87 -4.89 31.46
N GLN D 72 -11.09 -5.25 32.73
CA GLN D 72 -10.78 -6.60 33.17
C GLN D 72 -11.73 -7.04 34.26
N ALA D 73 -11.88 -8.35 34.39
CA ALA D 73 -12.63 -8.93 35.50
C ALA D 73 -11.84 -8.72 36.79
N ASP D 74 -12.58 -8.69 37.90
CA ASP D 74 -11.95 -8.72 39.22
C ASP D 74 -11.42 -10.13 39.53
N ALA D 75 -10.86 -10.34 40.71
CA ALA D 75 -10.22 -11.60 41.01
C ALA D 75 -11.20 -12.78 41.03
N ASN D 76 -12.47 -12.46 41.26
CA ASN D 76 -13.53 -13.45 41.29
C ASN D 76 -14.22 -13.64 39.93
N GLY D 77 -13.65 -13.08 38.86
CA GLY D 77 -14.22 -13.24 37.52
C GLY D 77 -15.45 -12.40 37.26
N GLU D 78 -15.61 -11.30 37.99
CA GLU D 78 -16.76 -10.41 37.83
C GLU D 78 -16.31 -9.07 37.27
N TYR D 79 -17.06 -8.58 36.28
CA TYR D 79 -16.82 -7.23 35.73
C TYR D 79 -17.57 -6.20 36.56
N GLN D 80 -16.82 -5.27 37.17
CA GLN D 80 -17.36 -4.25 38.06
C GLN D 80 -17.53 -2.99 37.24
N ASP D 81 -18.74 -2.79 36.73
CA ASP D 81 -19.03 -1.68 35.81
C ASP D 81 -19.50 -0.39 36.46
N ALA D 82 -19.85 -0.42 37.75
CA ALA D 82 -20.32 0.78 38.42
C ALA D 82 -19.12 1.62 38.91
N TYR D 83 -18.51 2.34 37.98
CA TYR D 83 -17.25 3.02 38.23
C TYR D 83 -17.38 3.99 39.40
N ASN D 84 -16.42 3.95 40.31
CA ASN D 84 -16.49 4.76 41.51
C ASN D 84 -15.12 4.77 42.14
N LEU D 85 -14.59 5.96 42.42
N LEU D 85 -14.60 5.96 42.40
CA LEU D 85 -13.27 6.06 43.04
CA LEU D 85 -13.29 6.10 43.04
C LEU D 85 -13.22 5.50 44.46
C LEU D 85 -13.22 5.44 44.42
N GLU D 86 -14.38 5.25 45.05
CA GLU D 86 -14.47 4.64 46.36
C GLU D 86 -14.58 3.11 46.32
N ASN D 87 -14.70 2.52 45.12
CA ASN D 87 -14.75 1.07 44.99
C ASN D 87 -13.45 0.43 45.44
N ALA D 88 -13.55 -0.71 46.11
CA ALA D 88 -12.37 -1.54 46.34
C ALA D 88 -11.71 -1.93 45.02
N PHE D 89 -12.50 -2.19 43.98
CA PHE D 89 -11.96 -2.54 42.68
C PHE D 89 -12.81 -1.94 41.57
N ASN D 90 -12.12 -1.31 40.61
CA ASN D 90 -12.74 -0.93 39.35
C ASN D 90 -12.19 -1.79 38.23
N SER D 91 -13.10 -2.33 37.40
CA SER D 91 -12.71 -3.12 36.24
C SER D 91 -12.12 -2.25 35.12
N PHE D 92 -12.39 -0.95 35.16
CA PHE D 92 -11.91 -0.01 34.15
C PHE D 92 -10.78 0.86 34.66
N GLY D 93 -9.83 1.17 33.78
CA GLY D 93 -8.86 2.19 34.07
C GLY D 93 -8.21 2.77 32.83
N ARG D 94 -7.38 3.79 33.06
CA ARG D 94 -6.66 4.50 32.02
C ARG D 94 -5.21 4.63 32.42
N THR D 95 -4.34 4.66 31.43
CA THR D 95 -2.96 4.96 31.63
C THR D 95 -2.37 5.59 30.37
N ALA D 96 -1.11 6.00 30.43
CA ALA D 96 -0.46 6.66 29.31
C ALA D 96 1.02 6.45 29.43
N THR D 97 1.72 6.45 28.31
CA THR D 97 3.18 6.31 28.40
C THR D 97 3.83 7.61 28.88
N THR D 98 4.85 7.49 29.74
CA THR D 98 5.66 8.65 30.09
C THR D 98 6.40 9.17 28.84
N PHE D 99 6.60 10.47 28.76
CA PHE D 99 7.22 11.01 27.55
C PHE D 99 8.72 10.75 27.47
N ASP D 100 9.39 10.71 28.63
CA ASP D 100 10.83 10.39 28.68
C ASP D 100 11.12 8.92 28.35
N ALA D 101 10.55 8.01 29.12
CA ALA D 101 10.86 6.58 28.98
C ALA D 101 9.88 5.80 28.11
N GLY D 102 8.74 6.40 27.78
CA GLY D 102 7.73 5.73 26.98
C GLY D 102 7.04 4.58 27.70
N GLU D 103 6.99 4.60 29.03
CA GLU D 103 6.49 3.44 29.78
C GLU D 103 5.17 3.78 30.45
N TRP D 104 4.16 2.90 30.32
CA TRP D 104 2.90 3.01 31.07
C TRP D 104 2.90 2.00 32.21
N THR D 105 2.14 2.32 33.26
CA THR D 105 1.94 1.42 34.40
C THR D 105 0.46 1.33 34.80
N LEU D 106 0.10 0.20 35.38
N LEU D 106 0.09 0.20 35.38
CA LEU D 106 -1.24 -0.08 35.87
CA LEU D 106 -1.27 -0.05 35.85
C LEU D 106 -1.10 -0.85 37.16
C LEU D 106 -1.17 -0.89 37.12
N HIS D 107 -1.88 -0.48 38.17
CA HIS D 107 -1.90 -1.22 39.42
C HIS D 107 -3.26 -1.88 39.57
N THR D 108 -3.25 -3.20 39.70
CA THR D 108 -4.50 -3.96 39.60
C THR D 108 -4.38 -5.29 40.37
N VAL D 109 -5.31 -6.20 40.11
CA VAL D 109 -5.23 -7.58 40.57
C VAL D 109 -5.28 -8.49 39.36
N LYS D 110 -4.80 -9.72 39.51
CA LYS D 110 -4.89 -10.67 38.42
C LYS D 110 -6.36 -11.05 38.19
N PRO D 111 -6.85 -10.94 36.94
CA PRO D 111 -8.26 -11.22 36.72
C PRO D 111 -8.60 -12.70 36.82
N GLY D 112 -9.78 -12.98 37.36
CA GLY D 112 -10.33 -14.32 37.34
C GLY D 112 -10.85 -14.72 35.97
N VAL D 113 -11.08 -16.01 35.80
CA VAL D 113 -11.57 -16.59 34.54
C VAL D 113 -13.02 -16.24 34.30
N VAL D 114 -13.32 -15.83 33.06
CA VAL D 114 -14.69 -15.66 32.61
C VAL D 114 -14.96 -16.53 31.39
N ASN D 115 -16.20 -16.98 31.24
CA ASN D 115 -16.59 -17.79 30.09
C ASN D 115 -16.98 -16.93 28.89
N ASN D 116 -16.70 -17.45 27.70
CA ASN D 116 -17.20 -16.84 26.48
C ASN D 116 -18.70 -17.12 26.29
N ALA D 117 -19.28 -16.65 25.19
CA ALA D 117 -20.73 -16.73 25.01
C ALA D 117 -21.24 -18.15 24.83
N ALA D 118 -20.34 -19.07 24.45
CA ALA D 118 -20.68 -20.49 24.31
C ALA D 118 -20.41 -21.28 25.59
N GLY D 119 -20.03 -20.58 26.67
CA GLY D 119 -19.75 -21.21 27.97
C GLY D 119 -18.35 -21.80 28.14
N VAL D 120 -17.44 -21.49 27.22
CA VAL D 120 -16.07 -22.01 27.27
C VAL D 120 -15.18 -21.02 28.03
N PRO D 121 -14.43 -21.51 29.03
CA PRO D 121 -13.59 -20.58 29.79
C PRO D 121 -12.52 -19.90 28.94
N MET D 122 -12.36 -18.59 29.14
CA MET D 122 -11.26 -17.85 28.53
C MET D 122 -10.14 -17.78 29.53
N ALA D 123 -8.89 -17.76 29.06
CA ALA D 123 -7.77 -17.63 29.99
C ALA D 123 -7.82 -16.22 30.61
N PRO D 124 -7.23 -16.05 31.81
CA PRO D 124 -7.22 -14.71 32.43
C PRO D 124 -6.67 -13.65 31.47
N HIS D 125 -7.37 -12.54 31.32
CA HIS D 125 -6.95 -11.53 30.38
C HIS D 125 -7.40 -10.13 30.77
N ILE D 126 -6.63 -9.14 30.27
N ILE D 126 -6.68 -9.13 30.25
CA ILE D 126 -6.96 -7.72 30.33
CA ILE D 126 -7.08 -7.76 30.38
C ILE D 126 -7.33 -7.31 28.90
C ILE D 126 -7.29 -7.22 28.97
N ASN D 127 -8.48 -6.66 28.73
CA ASN D 127 -8.82 -6.05 27.44
C ASN D 127 -8.19 -4.67 27.38
N ILE D 128 -7.51 -4.37 26.29
CA ILE D 128 -6.81 -3.10 26.10
C ILE D 128 -7.25 -2.42 24.80
N SER D 129 -7.46 -1.12 24.88
CA SER D 129 -7.66 -0.27 23.71
C SER D 129 -6.55 0.79 23.69
N LEU D 130 -5.86 0.89 22.58
CA LEU D 130 -4.71 1.75 22.37
C LEU D 130 -5.04 2.92 21.43
N PHE D 131 -4.76 4.14 21.91
CA PHE D 131 -5.01 5.39 21.20
C PHE D 131 -3.71 6.18 21.12
N ALA D 132 -3.52 6.92 20.03
CA ALA D 132 -2.38 7.81 19.91
C ALA D 132 -2.45 8.66 18.65
N ARG D 133 -1.68 9.73 18.62
CA ARG D 133 -1.30 10.37 17.37
C ARG D 133 -0.91 9.29 16.38
N GLY D 134 -1.41 9.41 15.15
CA GLY D 134 -1.11 8.46 14.10
C GLY D 134 -2.00 7.24 14.03
N ILE D 135 -2.81 7.01 15.06
CA ILE D 135 -3.72 5.88 15.16
C ILE D 135 -5.15 6.42 14.88
N ASN D 136 -5.70 6.12 13.70
CA ASN D 136 -6.95 6.75 13.27
C ASN D 136 -8.19 6.18 13.96
N ILE D 137 -8.13 4.89 14.28
CA ILE D 137 -9.13 4.20 15.08
C ILE D 137 -8.37 3.31 16.04
N HIS D 138 -8.81 3.29 17.29
CA HIS D 138 -8.07 2.60 18.34
C HIS D 138 -7.90 1.13 18.04
N LEU D 139 -6.82 0.58 18.58
CA LEU D 139 -6.44 -0.80 18.40
C LEU D 139 -6.80 -1.60 19.63
N HIS D 140 -7.55 -2.68 19.44
CA HIS D 140 -7.97 -3.56 20.53
C HIS D 140 -6.98 -4.71 20.65
N THR D 141 -6.56 -5.04 21.87
CA THR D 141 -5.78 -6.25 22.07
C THR D 141 -6.14 -6.87 23.42
N ARG D 142 -5.44 -7.95 23.78
CA ARG D 142 -5.62 -8.57 25.08
C ARG D 142 -4.24 -8.89 25.64
N LEU D 143 -4.12 -8.70 26.96
CA LEU D 143 -2.95 -9.09 27.73
C LEU D 143 -3.31 -10.36 28.50
N TYR D 144 -2.59 -11.43 28.19
CA TYR D 144 -2.67 -12.70 28.91
C TYR D 144 -1.36 -12.87 29.72
N PHE D 145 -1.29 -13.92 30.55
CA PHE D 145 -0.19 -14.04 31.51
C PHE D 145 0.66 -15.28 31.25
N ASP D 146 1.98 -15.14 31.28
CA ASP D 146 2.86 -16.28 30.94
C ASP D 146 2.84 -17.42 31.96
N ASP D 147 2.32 -17.16 33.16
CA ASP D 147 2.17 -18.21 34.19
C ASP D 147 0.77 -18.85 34.19
N GLU D 148 0.05 -18.67 33.08
CA GLU D 148 -1.25 -19.34 32.84
C GLU D 148 -1.19 -20.16 31.56
N ALA D 149 -0.06 -20.82 31.34
CA ALA D 149 0.17 -21.51 30.06
C ALA D 149 -0.92 -22.53 29.74
N GLN D 150 -1.36 -23.30 30.74
CA GLN D 150 -2.36 -24.32 30.51
C GLN D 150 -3.67 -23.69 30.05
N ALA D 151 -4.10 -22.63 30.73
CA ALA D 151 -5.34 -21.96 30.35
C ALA D 151 -5.19 -21.29 28.99
N ASN D 152 -4.04 -20.65 28.76
CA ASN D 152 -3.80 -19.97 27.50
C ASN D 152 -3.93 -20.91 26.30
N ALA D 153 -3.41 -22.12 26.46
CA ALA D 153 -3.41 -23.09 25.37
C ALA D 153 -4.82 -23.52 24.98
N LYS D 154 -5.76 -23.40 25.91
CA LYS D 154 -7.16 -23.78 25.71
C LYS D 154 -8.10 -22.59 25.48
N CYS D 155 -7.57 -21.35 25.48
CA CYS D 155 -8.44 -20.18 25.35
C CYS D 155 -9.07 -20.12 23.97
N PRO D 156 -10.42 -20.03 23.92
CA PRO D 156 -11.08 -20.01 22.62
C PRO D 156 -10.89 -18.72 21.83
N VAL D 157 -10.40 -17.66 22.47
CA VAL D 157 -10.03 -16.45 21.75
C VAL D 157 -8.61 -16.56 21.22
N LEU D 158 -7.64 -16.97 22.04
CA LEU D 158 -6.27 -17.17 21.53
C LEU D 158 -6.25 -18.17 20.37
N ASN D 159 -7.13 -19.17 20.45
CA ASN D 159 -7.17 -20.20 19.40
C ASN D 159 -7.71 -19.69 18.06
N LEU D 160 -8.31 -18.49 18.03
CA LEU D 160 -8.76 -17.88 16.77
C LEU D 160 -7.62 -17.20 16.02
N ILE D 161 -6.46 -17.08 16.67
CA ILE D 161 -5.27 -16.59 16.00
C ILE D 161 -4.64 -17.81 15.31
N GLU D 162 -4.55 -17.78 13.98
CA GLU D 162 -4.23 -18.98 13.20
C GLU D 162 -2.82 -19.51 13.51
N GLN D 163 -1.85 -18.60 13.67
CA GLN D 163 -0.46 -18.97 13.91
C GLN D 163 -0.06 -18.89 15.37
N PRO D 164 0.43 -20.01 15.95
CA PRO D 164 0.93 -20.01 17.33
C PRO D 164 1.96 -18.92 17.60
N GLN D 165 2.83 -18.62 16.64
CA GLN D 165 3.84 -17.58 16.83
C GLN D 165 3.17 -16.23 17.12
N ARG D 166 2.05 -15.95 16.47
CA ARG D 166 1.35 -14.69 16.73
C ARG D 166 0.65 -14.69 18.10
N ARG D 167 0.21 -15.84 18.58
CA ARG D 167 -0.39 -15.92 19.92
C ARG D 167 0.58 -15.46 21.00
N GLU D 168 1.86 -15.74 20.79
CA GLU D 168 2.91 -15.38 21.73
C GLU D 168 2.98 -13.86 21.98
N THR D 169 2.54 -13.06 21.01
CA THR D 169 2.58 -11.61 21.15
C THR D 169 1.64 -11.10 22.23
N LEU D 170 0.68 -11.91 22.67
CA LEU D 170 -0.30 -11.49 23.67
C LEU D 170 0.01 -11.96 25.07
N ILE D 171 1.16 -12.57 25.24
CA ILE D 171 1.49 -13.18 26.53
C ILE D 171 2.49 -12.29 27.29
N ALA D 172 2.00 -11.66 28.37
CA ALA D 172 2.84 -10.79 29.19
C ALA D 172 3.83 -11.61 30.00
N LYS D 173 5.00 -11.01 30.24
CA LYS D 173 6.13 -11.69 30.87
C LYS D 173 6.19 -11.34 32.35
N ARG D 174 6.12 -12.35 33.21
CA ARG D 174 6.22 -12.12 34.63
C ARG D 174 7.63 -11.62 34.97
N CYS D 175 7.66 -10.64 35.87
CA CYS D 175 8.90 -9.99 36.28
C CYS D 175 8.66 -9.38 37.65
N GLU D 176 9.64 -8.63 38.15
CA GLU D 176 9.47 -7.92 39.41
C GLU D 176 9.94 -6.50 39.31
N VAL D 177 9.10 -5.59 39.79
CA VAL D 177 9.38 -4.16 39.81
C VAL D 177 9.36 -3.72 41.27
N ASP D 178 10.49 -3.20 41.72
CA ASP D 178 10.67 -2.83 43.14
C ASP D 178 10.36 -4.01 44.06
N GLY D 179 10.69 -5.21 43.59
CA GLY D 179 10.50 -6.43 44.36
C GLY D 179 9.09 -6.99 44.38
N LYS D 180 8.18 -6.39 43.62
CA LYS D 180 6.78 -6.76 43.64
C LYS D 180 6.42 -7.44 42.33
N THR D 181 5.46 -8.36 42.41
CA THR D 181 5.03 -9.09 41.22
C THR D 181 4.49 -8.16 40.15
N ALA D 182 5.01 -8.35 38.94
CA ALA D 182 4.64 -7.53 37.79
C ALA D 182 4.56 -8.40 36.54
N TYR D 183 3.89 -7.86 35.53
CA TYR D 183 3.94 -8.46 34.20
C TYR D 183 4.17 -7.35 33.18
N ARG D 184 5.12 -7.58 32.28
CA ARG D 184 5.44 -6.64 31.20
C ARG D 184 4.74 -7.05 29.91
N PHE D 185 4.05 -6.08 29.33
CA PHE D 185 3.32 -6.28 28.08
C PHE D 185 3.69 -5.16 27.11
N ASP D 186 4.73 -5.41 26.31
CA ASP D 186 5.13 -4.49 25.26
C ASP D 186 4.21 -4.73 24.04
N ILE D 187 3.88 -3.64 23.36
CA ILE D 187 3.05 -3.67 22.14
C ILE D 187 3.91 -3.18 20.98
N ARG D 188 3.92 -3.94 19.89
CA ARG D 188 4.58 -3.57 18.66
C ARG D 188 3.47 -3.35 17.63
N ILE D 189 3.27 -2.10 17.22
CA ILE D 189 2.13 -1.77 16.36
C ILE D 189 2.31 -2.37 14.97
N GLN D 190 3.56 -2.46 14.51
CA GLN D 190 3.85 -2.74 13.12
C GLN D 190 5.17 -3.47 12.98
N GLY D 191 5.19 -4.49 12.13
CA GLY D 191 6.43 -5.11 11.71
C GLY D 191 6.80 -6.35 12.49
N GLU D 192 8.10 -6.49 12.76
CA GLU D 192 8.60 -7.67 13.46
C GLU D 192 7.96 -7.76 14.85
N GLY D 193 7.41 -8.93 15.18
CA GLY D 193 6.74 -9.14 16.45
C GLY D 193 5.43 -8.38 16.60
N GLU D 194 4.81 -7.99 15.49
CA GLU D 194 3.60 -7.17 15.53
C GLU D 194 2.54 -7.81 16.43
N THR D 195 2.05 -7.03 17.39
CA THR D 195 1.03 -7.48 18.30
C THR D 195 -0.29 -7.80 17.57
N VAL D 196 -0.93 -8.90 17.95
CA VAL D 196 -2.25 -9.20 17.46
C VAL D 196 -3.23 -8.11 17.91
N PHE D 197 -4.02 -7.61 16.97
CA PHE D 197 -5.10 -6.68 17.25
C PHE D 197 -6.40 -7.31 16.78
N PHE D 198 -7.47 -7.06 17.52
CA PHE D 198 -8.76 -7.69 17.32
C PHE D 198 -9.79 -6.75 16.71
N ASP D 199 -10.75 -7.35 16.00
CA ASP D 199 -12.00 -6.69 15.63
C ASP D 199 -13.14 -7.47 16.28
N PHE D 200 -14.09 -6.74 16.83
CA PHE D 200 -15.29 -7.32 17.40
C PHE D 200 -16.40 -6.29 17.44
N PRO E 1 -22.67 -7.04 39.48
CA PRO E 1 -21.70 -6.88 38.39
C PRO E 1 -22.35 -6.94 37.02
N ALA E 2 -21.56 -6.66 35.98
CA ALA E 2 -22.06 -6.59 34.61
C ALA E 2 -22.40 -7.97 34.05
N GLN E 3 -23.38 -8.00 33.15
CA GLN E 3 -23.78 -9.22 32.49
C GLN E 3 -23.72 -9.07 30.98
N ASP E 4 -23.53 -10.19 30.30
CA ASP E 4 -23.59 -10.25 28.84
C ASP E 4 -25.04 -10.38 28.42
N ASN E 5 -25.65 -9.29 27.98
CA ASN E 5 -27.06 -9.33 27.60
C ASN E 5 -27.38 -8.71 26.26
N SER E 6 -26.36 -8.36 25.49
CA SER E 6 -26.59 -7.69 24.21
C SER E 6 -25.44 -7.91 23.25
N ARG E 7 -25.73 -7.58 21.99
CA ARG E 7 -24.78 -7.63 20.90
C ARG E 7 -24.73 -6.27 20.25
N PHE E 8 -23.57 -5.93 19.71
CA PHE E 8 -23.34 -4.65 19.05
C PHE E 8 -23.02 -4.84 17.57
N VAL E 9 -23.73 -4.08 16.75
CA VAL E 9 -23.59 -4.17 15.30
C VAL E 9 -22.13 -4.04 14.91
N ILE E 10 -21.66 -4.88 14.00
CA ILE E 10 -20.26 -4.90 13.61
C ILE E 10 -19.90 -3.59 12.92
N ARG E 11 -18.71 -3.07 13.22
CA ARG E 11 -18.26 -1.81 12.65
C ARG E 11 -18.00 -1.92 11.16
N ASP E 12 -18.28 -0.84 10.45
CA ASP E 12 -17.92 -0.69 9.05
C ASP E 12 -16.57 0.01 8.99
N ARG E 13 -15.50 -0.77 8.80
CA ARG E 13 -14.16 -0.24 8.83
C ARG E 13 -13.72 0.39 7.51
N ASN E 14 -14.67 0.49 6.55
CA ASN E 14 -14.51 1.41 5.41
C ASN E 14 -15.26 2.73 5.55
N TRP E 15 -16.06 2.85 6.61
CA TRP E 15 -16.75 4.09 6.96
C TRP E 15 -15.81 4.88 7.91
N HIS E 16 -15.35 4.21 8.95
CA HIS E 16 -14.20 4.68 9.72
C HIS E 16 -13.00 4.87 8.83
N PRO E 17 -12.05 5.71 9.26
CA PRO E 17 -10.77 5.78 8.58
C PRO E 17 -10.04 4.46 8.69
N LYS E 18 -9.32 4.06 7.64
CA LYS E 18 -8.41 2.95 7.73
C LYS E 18 -7.18 3.34 8.55
N ALA E 19 -6.40 2.36 8.97
CA ALA E 19 -5.19 2.61 9.75
C ALA E 19 -4.12 3.32 8.91
N LEU E 20 -3.84 2.81 7.72
CA LEU E 20 -2.77 3.38 6.88
C LEU E 20 -3.34 4.42 5.93
N THR E 21 -3.07 5.69 6.23
CA THR E 21 -3.54 6.82 5.43
C THR E 21 -2.33 7.74 5.27
N PRO E 22 -1.46 7.47 4.29
CA PRO E 22 -0.10 8.04 4.33
C PRO E 22 0.01 9.56 4.26
N ASP E 23 -1.00 10.25 3.74
CA ASP E 23 -0.95 11.72 3.74
C ASP E 23 -0.96 12.26 5.17
N TYR E 24 -1.52 11.48 6.10
CA TYR E 24 -1.36 11.74 7.53
C TYR E 24 -0.12 10.98 7.95
N LYS E 25 1.01 11.69 7.95
CA LYS E 25 2.31 11.02 7.93
C LYS E 25 2.57 10.09 9.10
N THR E 26 2.14 10.47 10.30
N THR E 26 2.16 10.46 10.31
CA THR E 26 2.43 9.65 11.49
CA THR E 26 2.44 9.63 11.48
C THR E 26 1.66 8.32 11.43
C THR E 26 1.66 8.31 11.44
N SER E 27 0.63 8.20 10.58
CA SER E 27 -0.06 6.93 10.44
C SER E 27 0.80 5.85 9.77
N ILE E 28 1.85 6.25 9.04
CA ILE E 28 2.61 5.28 8.26
C ILE E 28 3.27 4.24 9.17
N ALA E 29 3.95 4.68 10.22
CA ALA E 29 4.64 3.74 11.10
C ALA E 29 3.79 3.30 12.30
N ARG E 30 2.55 3.81 12.40
CA ARG E 30 1.71 3.49 13.58
C ARG E 30 0.42 2.77 13.18
N SER E 31 0.49 2.08 12.03
CA SER E 31 -0.63 1.30 11.50
C SER E 31 -0.19 -0.17 11.40
N PRO E 32 -1.01 -1.11 11.88
CA PRO E 32 -0.64 -2.51 11.75
C PRO E 32 -0.54 -2.90 10.28
N ARG E 33 0.35 -3.83 9.97
CA ARG E 33 0.42 -4.39 8.63
C ARG E 33 -0.22 -5.77 8.54
N GLN E 34 -0.52 -6.41 9.64
CA GLN E 34 -1.32 -7.64 9.64
C GLN E 34 -2.78 -7.32 9.79
N ALA E 35 -3.63 -8.22 9.30
CA ALA E 35 -5.05 -8.08 9.44
C ALA E 35 -5.47 -8.17 10.90
N LEU E 36 -6.49 -7.40 11.26
CA LEU E 36 -7.16 -7.58 12.53
C LEU E 36 -7.72 -9.01 12.58
N VAL E 37 -7.73 -9.59 13.77
CA VAL E 37 -8.32 -10.89 14.02
C VAL E 37 -9.72 -10.70 14.57
N SER E 38 -10.73 -11.19 13.85
CA SER E 38 -12.11 -11.08 14.30
C SER E 38 -12.40 -12.11 15.38
N ILE E 39 -13.06 -11.65 16.44
CA ILE E 39 -13.48 -12.55 17.50
C ILE E 39 -14.95 -12.30 17.81
N PRO E 40 -15.66 -13.35 18.25
CA PRO E 40 -17.06 -13.18 18.61
C PRO E 40 -17.21 -12.36 19.88
N GLN E 41 -18.34 -11.71 20.05
CA GLN E 41 -18.59 -10.96 21.26
C GLN E 41 -18.81 -11.88 22.44
N SER E 42 -18.15 -11.54 23.54
CA SER E 42 -18.33 -12.17 24.83
C SER E 42 -18.59 -11.08 25.85
N ILE E 43 -18.80 -11.49 27.09
CA ILE E 43 -18.96 -10.54 28.19
C ILE E 43 -17.79 -9.53 28.27
N SER E 44 -16.60 -9.95 27.86
CA SER E 44 -15.46 -9.03 27.90
C SER E 44 -15.66 -7.80 26.99
N GLU E 45 -16.34 -7.99 25.85
CA GLU E 45 -16.52 -6.94 24.87
C GLU E 45 -17.88 -6.22 24.97
N THR E 46 -18.87 -6.89 25.55
CA THR E 46 -20.24 -6.37 25.52
C THR E 46 -20.62 -5.63 26.80
N THR E 47 -19.66 -5.53 27.73
CA THR E 47 -19.81 -4.75 28.94
C THR E 47 -18.76 -3.63 28.95
N GLY E 48 -18.93 -2.69 29.87
CA GLY E 48 -17.98 -1.62 30.02
C GLY E 48 -18.39 -0.72 31.16
N PRO E 49 -17.56 0.27 31.47
CA PRO E 49 -17.83 1.09 32.63
C PRO E 49 -19.03 2.00 32.43
N ASN E 50 -19.79 2.21 33.49
CA ASN E 50 -20.80 3.22 33.56
C ASN E 50 -20.32 4.24 34.59
N PHE E 51 -20.48 5.52 34.27
CA PHE E 51 -19.90 6.60 35.05
C PHE E 51 -20.92 7.43 35.84
N SER E 52 -22.12 6.88 36.05
CA SER E 52 -23.14 7.56 36.86
C SER E 52 -22.65 7.97 38.27
N HIS E 53 -21.70 7.22 38.83
CA HIS E 53 -21.22 7.47 40.20
C HIS E 53 -19.86 8.17 40.24
N LEU E 54 -19.40 8.65 39.10
CA LEU E 54 -18.23 9.50 39.04
C LEU E 54 -18.63 10.88 39.57
N GLY E 55 -17.77 11.49 40.36
CA GLY E 55 -18.07 12.79 40.94
C GLY E 55 -17.63 13.88 39.99
N PHE E 56 -18.59 14.63 39.47
CA PHE E 56 -18.33 15.76 38.59
C PHE E 56 -18.38 17.06 39.38
N GLY E 57 -17.41 17.93 39.11
CA GLY E 57 -17.43 19.28 39.66
C GLY E 57 -18.48 20.11 38.94
N ALA E 58 -18.90 21.17 39.61
CA ALA E 58 -20.00 22.00 39.12
C ALA E 58 -19.77 22.59 37.73
N HIS E 59 -18.51 22.89 37.41
CA HIS E 59 -18.17 23.52 36.14
C HIS E 59 -17.45 22.59 35.17
N ASP E 60 -17.51 21.28 35.39
CA ASP E 60 -16.77 20.34 34.54
C ASP E 60 -17.15 20.43 33.05
N HIS E 61 -18.39 20.83 32.77
CA HIS E 61 -18.92 20.94 31.39
C HIS E 61 -18.81 22.37 30.84
N ASP E 62 -18.29 23.31 31.65
CA ASP E 62 -18.28 24.74 31.32
C ASP E 62 -16.86 25.28 31.25
N LEU E 63 -16.28 25.28 30.06
CA LEU E 63 -14.91 25.72 29.84
C LEU E 63 -14.71 27.23 29.98
N LEU E 64 -15.80 28.00 30.06
N LEU E 64 -15.80 28.00 30.06
CA LEU E 64 -15.69 29.42 30.38
CA LEU E 64 -15.69 29.43 30.38
C LEU E 64 -15.38 29.68 31.86
C LEU E 64 -15.47 29.71 31.87
N LEU E 65 -15.71 28.71 32.71
CA LEU E 65 -15.56 28.87 34.16
C LEU E 65 -14.64 27.88 34.83
N ASN E 66 -14.26 26.80 34.17
CA ASN E 66 -13.54 25.71 34.84
C ASN E 66 -12.01 25.83 34.90
N PHE E 67 -11.48 26.92 34.34
CA PHE E 67 -10.06 27.33 34.44
C PHE E 67 -10.01 28.83 34.78
N ASN E 68 -10.69 29.20 35.86
CA ASN E 68 -10.90 30.62 36.22
C ASN E 68 -9.69 31.18 36.96
N ASN E 69 -8.95 32.06 36.28
CA ASN E 69 -7.78 32.72 36.86
C ASN E 69 -7.88 34.25 36.88
N GLY E 70 -9.10 34.75 37.07
CA GLY E 70 -9.34 36.19 37.21
C GLY E 70 -10.25 36.80 36.16
N GLY E 71 -10.67 36.00 35.17
CA GLY E 71 -11.55 36.51 34.15
C GLY E 71 -12.07 35.49 33.17
N LEU E 72 -12.75 36.00 32.18
CA LEU E 72 -13.29 35.15 31.12
C LEU E 72 -12.30 34.91 30.01
N PRO E 73 -12.37 33.75 29.37
CA PRO E 73 -11.57 33.52 28.19
C PRO E 73 -11.92 34.48 27.06
N ILE E 74 -10.92 34.77 26.25
CA ILE E 74 -11.11 35.53 25.02
C ILE E 74 -11.51 34.56 23.91
N GLY E 75 -12.56 34.89 23.17
CA GLY E 75 -12.94 34.04 22.05
C GLY E 75 -14.44 33.96 21.85
N GLU E 76 -14.81 33.22 20.82
CA GLU E 76 -16.21 33.13 20.40
C GLU E 76 -16.98 32.21 21.34
N ARG E 77 -17.81 32.80 22.20
CA ARG E 77 -18.56 32.04 23.18
C ARG E 77 -19.59 31.16 22.48
N ILE E 78 -19.56 29.87 22.79
CA ILE E 78 -20.47 28.90 22.13
C ILE E 78 -20.89 27.80 23.09
N ILE E 79 -22.13 27.38 22.92
CA ILE E 79 -22.60 26.12 23.48
C ILE E 79 -22.38 25.03 22.43
N VAL E 80 -21.89 23.87 22.87
CA VAL E 80 -21.78 22.70 22.00
C VAL E 80 -22.66 21.62 22.63
N ALA E 81 -23.71 21.24 21.94
CA ALA E 81 -24.70 20.31 22.49
C ALA E 81 -25.14 19.33 21.42
N GLY E 82 -25.75 18.25 21.86
CA GLY E 82 -26.25 17.26 20.91
C GLY E 82 -26.80 16.08 21.65
N ARG E 83 -27.10 15.04 20.89
CA ARG E 83 -27.65 13.82 21.42
C ARG E 83 -26.75 12.65 21.05
N VAL E 84 -26.58 11.71 21.97
CA VAL E 84 -25.93 10.45 21.68
C VAL E 84 -27.03 9.38 21.53
N VAL E 85 -27.05 8.76 20.35
CA VAL E 85 -27.97 7.67 20.04
C VAL E 85 -27.16 6.51 19.52
N ASP E 86 -27.76 5.32 19.47
CA ASP E 86 -27.16 4.20 18.78
C ASP E 86 -27.72 4.08 17.35
N GLN E 87 -27.24 3.09 16.60
CA GLN E 87 -27.57 3.02 15.17
C GLN E 87 -29.02 2.68 14.93
N TYR E 88 -29.72 2.15 15.95
CA TYR E 88 -31.17 1.91 15.86
C TYR E 88 -31.96 3.17 16.23
N GLY E 89 -31.26 4.26 16.57
CA GLY E 89 -31.90 5.51 16.95
C GLY E 89 -32.26 5.63 18.43
N LYS E 90 -31.83 4.67 19.23
CA LYS E 90 -32.16 4.68 20.66
C LYS E 90 -31.20 5.60 21.40
N PRO E 91 -31.73 6.49 22.28
CA PRO E 91 -30.82 7.32 23.05
C PRO E 91 -29.89 6.53 23.95
N VAL E 92 -28.72 7.10 24.22
CA VAL E 92 -27.73 6.49 25.08
C VAL E 92 -27.61 7.39 26.32
N PRO E 93 -28.40 7.10 27.38
CA PRO E 93 -28.42 7.96 28.56
C PRO E 93 -27.26 7.69 29.50
N ASN E 94 -26.95 8.67 30.34
CA ASN E 94 -25.98 8.51 31.43
C ASN E 94 -24.62 7.99 30.93
N THR E 95 -24.20 8.47 29.76
CA THR E 95 -22.93 8.07 29.15
C THR E 95 -21.91 9.21 29.26
N LEU E 96 -20.65 8.85 29.36
CA LEU E 96 -19.58 9.81 29.56
C LEU E 96 -19.12 10.42 28.23
N VAL E 97 -19.21 11.75 28.15
CA VAL E 97 -18.74 12.52 27.03
C VAL E 97 -17.63 13.44 27.53
N GLU E 98 -16.46 13.31 26.94
CA GLU E 98 -15.30 14.13 27.28
C GLU E 98 -14.84 14.87 26.06
N MET E 99 -14.28 16.06 26.24
CA MET E 99 -13.82 16.84 25.13
C MET E 99 -12.59 17.64 25.50
N TRP E 100 -11.76 17.92 24.50
CA TRP E 100 -10.60 18.77 24.71
C TRP E 100 -10.28 19.53 23.43
N GLN E 101 -9.65 20.69 23.58
CA GLN E 101 -9.50 21.62 22.47
C GLN E 101 -8.42 22.66 22.74
N ALA E 102 -7.98 23.31 21.68
CA ALA E 102 -7.15 24.48 21.76
C ALA E 102 -7.97 25.73 22.13
N ASN E 103 -7.27 26.82 22.41
CA ASN E 103 -7.91 28.09 22.69
C ASN E 103 -8.30 28.83 21.39
N ALA E 104 -8.76 30.07 21.52
CA ALA E 104 -9.25 30.83 20.37
C ALA E 104 -8.21 31.04 19.29
N GLY E 105 -6.93 30.99 19.66
CA GLY E 105 -5.85 31.18 18.69
C GLY E 105 -5.18 29.92 18.23
N GLY E 106 -5.73 28.76 18.60
CA GLY E 106 -5.15 27.50 18.18
C GLY E 106 -4.00 27.00 19.04
N ARG E 107 -3.87 27.54 20.25
CA ARG E 107 -2.82 27.08 21.17
C ARG E 107 -3.42 26.11 22.17
N TYR E 108 -2.77 24.96 22.32
CA TYR E 108 -3.15 23.98 23.32
C TYR E 108 -2.38 24.20 24.62
N ARG E 109 -3.08 23.97 25.72
CA ARG E 109 -2.48 23.97 27.04
C ARG E 109 -1.89 22.58 27.33
N HIS E 110 -0.77 22.28 26.67
CA HIS E 110 -0.09 21.00 26.78
C HIS E 110 1.38 21.29 26.68
N LYS E 111 2.17 20.62 27.52
CA LYS E 111 3.61 20.86 27.58
C LYS E 111 4.34 20.63 26.25
N ASN E 112 3.78 19.81 25.38
CA ASN E 112 4.42 19.49 24.10
C ASN E 112 4.01 20.37 22.92
N ASP E 113 3.10 21.33 23.13
CA ASP E 113 2.69 22.23 22.04
C ASP E 113 3.68 23.37 21.93
N ARG E 114 4.39 23.42 20.81
CA ARG E 114 5.38 24.46 20.56
C ARG E 114 4.91 25.62 19.66
N TYR E 115 3.61 25.66 19.33
CA TYR E 115 3.06 26.77 18.51
C TYR E 115 3.19 28.11 19.26
N LEU E 116 3.57 29.16 18.53
CA LEU E 116 3.90 30.47 19.13
C LEU E 116 2.69 31.25 19.64
N ALA E 117 1.48 30.90 19.19
CA ALA E 117 0.26 31.61 19.60
C ALA E 117 0.11 31.50 21.12
N PRO E 118 -0.32 32.59 21.80
CA PRO E 118 -0.29 32.59 23.26
C PRO E 118 -1.37 31.76 23.94
N LEU E 119 -1.05 31.28 25.13
CA LEU E 119 -2.03 30.74 26.03
C LEU E 119 -2.98 31.84 26.47
N ASP E 120 -4.20 31.44 26.83
CA ASP E 120 -5.21 32.33 27.40
C ASP E 120 -5.22 31.98 28.88
N PRO E 121 -4.90 32.96 29.76
CA PRO E 121 -4.77 32.64 31.19
C PRO E 121 -6.07 32.14 31.84
N ASN E 122 -7.20 32.33 31.17
CA ASN E 122 -8.49 31.92 31.69
C ASN E 122 -9.10 30.75 30.94
N PHE E 123 -8.29 30.01 30.19
CA PHE E 123 -8.80 28.90 29.39
C PHE E 123 -7.90 27.69 29.51
N GLY E 124 -8.52 26.56 29.86
CA GLY E 124 -7.84 25.28 30.00
C GLY E 124 -8.04 24.35 28.81
N GLY E 125 -9.27 24.19 28.36
CA GLY E 125 -9.55 23.38 27.18
C GLY E 125 -10.06 21.97 27.40
N VAL E 126 -10.58 21.68 28.59
N VAL E 126 -10.47 21.59 28.61
CA VAL E 126 -11.08 20.36 28.95
CA VAL E 126 -11.10 20.26 28.81
C VAL E 126 -12.50 20.42 29.51
C VAL E 126 -12.43 20.36 29.50
N GLY E 127 -13.37 19.55 29.01
CA GLY E 127 -14.69 19.40 29.58
C GLY E 127 -15.11 17.95 29.69
N ARG E 128 -16.06 17.67 30.57
CA ARG E 128 -16.71 16.39 30.61
C ARG E 128 -18.12 16.53 31.15
N CSO E 129 -18.99 15.60 30.74
CA CSO E 129 -20.32 15.49 31.30
CB CSO E 129 -21.19 16.56 30.69
SG CSO E 129 -21.66 16.27 29.02
C CSO E 129 -20.89 14.13 31.07
O CSO E 129 -20.28 13.32 30.39
OD CSO E 129 -23.09 16.98 29.66
N LEU E 130 -22.07 13.90 31.61
N LEU E 130 -22.05 13.86 31.66
CA LEU E 130 -22.84 12.68 31.36
CA LEU E 130 -22.86 12.71 31.27
C LEU E 130 -24.06 13.08 30.52
C LEU E 130 -23.99 13.17 30.40
N THR E 131 -24.42 12.30 29.49
CA THR E 131 -25.68 12.54 28.82
C THR E 131 -26.82 12.39 29.84
N ASP E 132 -27.90 13.13 29.59
CA ASP E 132 -29.07 13.05 30.45
C ASP E 132 -29.90 11.80 30.13
N SER E 133 -31.04 11.67 30.79
CA SER E 133 -31.86 10.47 30.66
C SER E 133 -32.42 10.29 29.25
N ASP E 134 -32.37 11.33 28.42
CA ASP E 134 -32.85 11.29 27.04
C ASP E 134 -31.71 11.31 26.01
N GLY E 135 -30.45 11.16 26.47
CA GLY E 135 -29.29 11.10 25.61
C GLY E 135 -28.61 12.41 25.26
N TYR E 136 -29.05 13.53 25.84
CA TYR E 136 -28.51 14.85 25.46
C TYR E 136 -27.33 15.25 26.34
N TYR E 137 -26.35 15.93 25.72
CA TYR E 137 -25.23 16.51 26.44
C TYR E 137 -25.12 17.99 26.10
N SER E 138 -24.40 18.73 26.93
CA SER E 138 -24.15 20.15 26.68
C SER E 138 -22.86 20.64 27.34
N PHE E 139 -22.07 21.35 26.55
CA PHE E 139 -20.86 22.04 27.01
C PHE E 139 -20.98 23.51 26.68
N ARG E 140 -20.25 24.35 27.42
CA ARG E 140 -20.06 25.75 27.01
C ARG E 140 -18.56 25.98 26.89
N THR E 141 -18.15 26.67 25.84
CA THR E 141 -16.74 26.84 25.54
C THR E 141 -16.51 28.06 24.65
N ILE E 142 -15.29 28.21 24.15
CA ILE E 142 -15.01 29.17 23.08
C ILE E 142 -14.64 28.36 21.84
N LYS E 143 -14.90 28.91 20.67
CA LYS E 143 -14.60 28.20 19.43
C LYS E 143 -13.07 28.15 19.28
N PRO E 144 -12.52 26.94 19.10
CA PRO E 144 -11.08 26.87 18.95
C PRO E 144 -10.60 27.41 17.59
N GLY E 145 -9.36 27.88 17.56
CA GLY E 145 -8.74 28.31 16.32
C GLY E 145 -8.06 27.17 15.57
N PRO E 146 -7.88 27.30 14.24
CA PRO E 146 -7.07 26.35 13.50
C PRO E 146 -5.65 26.29 14.04
N TYR E 147 -5.01 25.13 13.80
N TYR E 147 -4.94 25.23 13.84
CA TYR E 147 -3.73 24.69 14.43
CA TYR E 147 -3.58 25.45 14.17
C TYR E 147 -2.69 24.28 13.34
C TYR E 147 -2.81 24.69 13.19
N PRO E 148 -1.56 25.05 13.13
CA PRO E 148 -0.62 24.56 12.15
C PRO E 148 0.16 23.40 12.74
N TRP E 149 0.56 22.46 11.90
CA TRP E 149 1.24 21.28 12.39
C TRP E 149 2.20 20.72 11.37
N ARG E 150 3.20 20.00 11.86
CA ARG E 150 4.31 19.56 11.03
C ARG E 150 4.02 18.25 10.32
N ASN E 151 3.06 18.33 9.40
CA ASN E 151 2.72 17.21 8.52
C ASN E 151 3.37 17.58 7.18
N GLY E 152 2.59 18.06 6.21
CA GLY E 152 3.17 18.73 5.05
C GLY E 152 3.71 20.09 5.43
N PRO E 153 4.30 20.80 4.46
CA PRO E 153 4.95 22.07 4.81
C PRO E 153 4.04 23.26 5.09
N ASN E 154 2.74 23.14 4.81
CA ASN E 154 1.78 24.21 5.13
C ASN E 154 0.43 23.62 5.48
N ASP E 155 0.42 22.73 6.45
CA ASP E 155 -0.81 22.05 6.87
C ASP E 155 -1.36 22.70 8.14
N TRP E 156 -2.68 22.80 8.18
CA TRP E 156 -3.42 23.45 9.25
C TRP E 156 -4.65 22.64 9.60
N ARG E 157 -4.81 22.25 10.87
CA ARG E 157 -6.05 21.62 11.27
C ARG E 157 -7.18 22.63 11.16
N PRO E 158 -8.36 22.20 10.67
CA PRO E 158 -9.53 23.04 10.83
C PRO E 158 -9.79 23.27 12.32
N ALA E 159 -10.56 24.29 12.66
CA ALA E 159 -11.05 24.43 14.03
C ALA E 159 -11.70 23.11 14.42
N HIS E 160 -11.34 22.58 15.58
CA HIS E 160 -11.92 21.30 15.99
C HIS E 160 -11.91 21.08 17.49
N ILE E 161 -12.83 20.23 17.95
CA ILE E 161 -12.89 19.80 19.33
C ILE E 161 -12.78 18.29 19.34
N HIS E 162 -11.84 17.75 20.10
CA HIS E 162 -11.73 16.33 20.28
C HIS E 162 -12.82 15.84 21.24
N PHE E 163 -13.42 14.69 20.90
CA PHE E 163 -14.48 14.05 21.69
C PHE E 163 -14.13 12.61 22.02
N GLY E 164 -14.49 12.19 23.23
CA GLY E 164 -14.51 10.79 23.60
C GLY E 164 -15.86 10.45 24.17
N ILE E 165 -16.41 9.30 23.80
CA ILE E 165 -17.72 8.85 24.25
C ILE E 165 -17.60 7.40 24.70
N SER E 166 -18.06 7.08 25.90
CA SER E 166 -17.93 5.71 26.42
C SER E 166 -18.98 4.76 25.82
N GLY E 167 -20.24 5.13 25.93
CA GLY E 167 -21.32 4.26 25.52
C GLY E 167 -21.46 3.05 26.43
N PRO E 168 -22.36 2.13 26.07
CA PRO E 168 -22.69 1.02 26.96
C PRO E 168 -21.63 -0.05 27.16
N SER E 169 -20.62 -0.12 26.29
CA SER E 169 -19.61 -1.17 26.41
C SER E 169 -18.28 -0.72 25.86
N ILE E 170 -17.22 -1.49 26.12
CA ILE E 170 -15.95 -1.17 25.49
C ILE E 170 -16.00 -1.32 23.95
N ALA E 171 -16.98 -2.09 23.46
CA ALA E 171 -17.18 -2.21 22.02
C ALA E 171 -17.73 -0.92 21.38
N THR E 172 -18.40 -0.08 22.16
CA THR E 172 -18.97 1.17 21.64
C THR E 172 -18.06 2.39 21.82
N LYS E 173 -17.04 2.30 22.68
CA LYS E 173 -16.23 3.46 23.00
C LYS E 173 -15.63 4.03 21.73
N LEU E 174 -15.62 5.35 21.63
CA LEU E 174 -15.19 6.05 20.42
C LEU E 174 -14.46 7.33 20.77
N ILE E 175 -13.39 7.61 20.04
CA ILE E 175 -12.77 8.94 20.02
C ILE E 175 -12.92 9.48 18.60
N THR E 176 -13.29 10.76 18.51
CA THR E 176 -13.52 11.42 17.25
C THR E 176 -13.17 12.89 17.35
N GLN E 177 -13.44 13.65 16.30
CA GLN E 177 -13.26 15.09 16.29
C GLN E 177 -14.48 15.74 15.65
N LEU E 178 -14.89 16.86 16.25
CA LEU E 178 -15.95 17.75 15.77
C LEU E 178 -15.32 18.88 14.98
N TYR E 179 -15.87 19.16 13.78
CA TYR E 179 -15.50 20.29 12.94
C TYR E 179 -16.70 21.23 12.84
N PHE E 180 -16.49 22.43 12.30
CA PHE E 180 -17.52 23.48 12.31
C PHE E 180 -18.01 23.81 10.91
N GLU E 181 -19.34 23.87 10.80
CA GLU E 181 -20.03 24.16 9.54
C GLU E 181 -19.35 25.26 8.73
N GLY E 182 -19.01 24.94 7.48
CA GLY E 182 -18.49 25.92 6.55
C GLY E 182 -16.99 26.12 6.54
N ASP E 183 -16.25 25.51 7.47
CA ASP E 183 -14.83 25.83 7.62
C ASP E 183 -14.10 25.40 6.34
N PRO E 184 -13.45 26.35 5.62
CA PRO E 184 -12.80 25.99 4.37
C PRO E 184 -11.56 25.12 4.53
N LEU E 185 -11.06 24.94 5.75
CA LEU E 185 -9.93 24.05 5.98
C LEU E 185 -10.32 22.58 5.97
N ILE E 186 -11.60 22.27 6.17
CA ILE E 186 -12.02 20.87 6.32
C ILE E 186 -11.63 20.00 5.10
N PRO E 187 -11.92 20.45 3.87
CA PRO E 187 -11.58 19.59 2.72
C PRO E 187 -10.08 19.42 2.47
N MHO E 188 -9.26 20.25 3.11
CA MHO E 188 -7.81 20.26 2.90
CB MHO E 188 -7.27 21.69 3.04
CG MHO E 188 -7.98 22.79 2.27
SD MHO E 188 -7.18 24.31 2.37
CE MHO E 188 -6.24 23.94 1.01
C MHO E 188 -7.05 19.42 3.91
O MHO E 188 -5.85 19.21 3.75
OD1 MHO E 188 -8.21 25.27 1.92
N CYS E 189 -7.71 18.97 4.98
CA CYS E 189 -7.01 18.35 6.09
C CYS E 189 -6.75 16.86 5.89
N PRO E 190 -5.48 16.43 5.96
CA PRO E 190 -5.20 14.99 5.83
C PRO E 190 -5.74 14.09 6.95
N ILE E 191 -6.05 14.65 8.11
CA ILE E 191 -6.69 13.87 9.18
C ILE E 191 -8.17 13.71 8.86
N VAL E 192 -8.85 14.77 8.48
CA VAL E 192 -10.22 14.63 8.00
C VAL E 192 -10.26 13.60 6.88
N LYS E 193 -9.32 13.70 5.94
N LYS E 193 -9.32 13.70 5.94
CA LYS E 193 -9.31 12.87 4.74
CA LYS E 193 -9.33 12.87 4.74
C LYS E 193 -8.81 11.44 4.97
C LYS E 193 -8.81 11.45 4.97
N SER E 194 -8.42 11.13 6.20
CA SER E 194 -8.23 9.75 6.58
C SER E 194 -9.54 8.98 6.44
N ILE E 195 -10.67 9.68 6.51
CA ILE E 195 -11.98 9.10 6.23
C ILE E 195 -12.20 9.15 4.70
N ALA E 196 -12.33 7.99 4.09
CA ALA E 196 -12.39 7.90 2.61
C ALA E 196 -13.74 8.38 2.03
N ASN E 197 -14.81 8.15 2.77
CA ASN E 197 -16.16 8.41 2.27
C ASN E 197 -16.58 9.84 2.64
N PRO E 198 -16.85 10.71 1.64
CA PRO E 198 -17.24 12.09 1.98
C PRO E 198 -18.50 12.21 2.86
N GLU E 199 -19.45 11.29 2.74
CA GLU E 199 -20.63 11.28 3.59
C GLU E 199 -20.28 11.04 5.05
N ALA E 200 -19.23 10.25 5.31
CA ALA E 200 -18.78 10.02 6.69
C ALA E 200 -18.15 11.29 7.26
N VAL E 201 -17.37 12.01 6.46
CA VAL E 201 -16.81 13.30 6.89
C VAL E 201 -17.92 14.25 7.31
N GLN E 202 -19.02 14.29 6.55
CA GLN E 202 -20.10 15.20 6.87
C GLN E 202 -20.70 14.94 8.25
N GLN E 203 -20.62 13.70 8.71
CA GLN E 203 -21.14 13.33 10.01
C GLN E 203 -20.35 13.95 11.18
N LEU E 204 -19.15 14.46 10.89
CA LEU E 204 -18.31 15.10 11.90
C LEU E 204 -18.44 16.61 11.92
N ILE E 205 -19.32 17.17 11.08
CA ILE E 205 -19.43 18.62 10.96
C ILE E 205 -20.62 19.11 11.77
N ALA E 206 -20.33 19.82 12.85
CA ALA E 206 -21.34 20.41 13.71
C ALA E 206 -22.02 21.57 13.01
N LYS E 207 -23.33 21.69 13.21
CA LYS E 207 -24.12 22.72 12.56
C LYS E 207 -24.42 23.88 13.49
N LEU E 208 -24.33 25.09 12.96
CA LEU E 208 -24.75 26.27 13.69
C LEU E 208 -26.20 26.08 14.13
N ASP E 209 -26.49 26.39 15.40
CA ASP E 209 -27.78 26.08 16.01
C ASP E 209 -28.32 27.33 16.68
N MET E 210 -28.93 28.20 15.90
CA MET E 210 -29.38 29.49 16.43
C MET E 210 -30.44 29.32 17.50
N ASN E 211 -31.23 28.26 17.40
CA ASN E 211 -32.31 27.97 18.36
C ASN E 211 -31.80 27.76 19.78
N ASN E 212 -30.55 27.32 19.91
CA ASN E 212 -29.95 27.02 21.20
C ASN E 212 -29.03 28.13 21.72
N ALA E 213 -28.90 29.20 20.93
CA ALA E 213 -28.09 30.34 21.33
C ALA E 213 -28.74 31.14 22.45
N ASN E 214 -27.89 31.80 23.24
CA ASN E 214 -28.34 32.78 24.22
C ASN E 214 -28.10 34.16 23.63
N PRO E 215 -29.17 34.88 23.27
CA PRO E 215 -28.98 36.19 22.66
C PRO E 215 -28.11 37.13 23.51
N MET E 216 -27.29 37.92 22.84
CA MET E 216 -26.40 38.87 23.50
C MET E 216 -25.38 38.20 24.39
N ASP E 217 -25.09 36.94 24.12
CA ASP E 217 -24.27 36.15 25.04
C ASP E 217 -23.41 35.14 24.27
N CYS E 218 -24.02 34.08 23.76
CA CYS E 218 -23.27 33.03 23.11
C CYS E 218 -24.05 32.39 21.98
N LEU E 219 -23.31 31.92 20.98
CA LEU E 219 -23.88 31.14 19.90
C LEU E 219 -23.91 29.67 20.32
N ALA E 220 -24.32 28.78 19.41
CA ALA E 220 -24.44 27.38 19.70
C ALA E 220 -24.22 26.57 18.43
N TYR E 221 -23.68 25.37 18.62
CA TYR E 221 -23.47 24.37 17.59
C TYR E 221 -24.05 23.05 18.07
N ARG E 222 -24.58 22.26 17.13
CA ARG E 222 -25.17 20.98 17.45
C ARG E 222 -24.34 19.86 16.79
N PHE E 223 -24.00 18.86 17.60
CA PHE E 223 -23.18 17.72 17.16
C PHE E 223 -23.77 16.44 17.76
N ASP E 224 -24.50 15.70 16.93
CA ASP E 224 -25.08 14.44 17.34
C ASP E 224 -24.06 13.33 17.07
N ILE E 225 -24.10 12.33 17.93
CA ILE E 225 -23.17 11.22 17.90
C ILE E 225 -23.95 9.92 17.82
N VAL E 226 -23.52 9.04 16.92
CA VAL E 226 -24.12 7.73 16.75
C VAL E 226 -23.12 6.63 17.11
N LEU E 227 -23.49 5.84 18.12
CA LEU E 227 -22.69 4.69 18.54
C LEU E 227 -23.26 3.40 17.94
N ARG E 228 -22.50 2.32 18.02
CA ARG E 228 -22.92 1.05 17.45
C ARG E 228 -24.27 0.63 17.98
N GLY E 229 -25.10 0.13 17.09
CA GLY E 229 -26.40 -0.37 17.49
C GLY E 229 -26.31 -1.53 18.46
N GLN E 230 -27.17 -1.49 19.48
CA GLN E 230 -27.25 -2.52 20.50
C GLN E 230 -28.55 -3.32 20.35
N ARG E 231 -28.46 -4.64 20.32
CA ARG E 231 -29.65 -5.49 20.30
C ARG E 231 -29.53 -6.61 21.31
N LYS E 232 -30.65 -7.19 21.67
CA LYS E 232 -30.67 -8.37 22.50
C LYS E 232 -30.07 -9.53 21.75
N THR E 233 -29.45 -10.43 22.48
CA THR E 233 -29.04 -11.71 21.92
C THR E 233 -30.27 -12.51 21.48
N HIS E 234 -30.10 -13.32 20.44
CA HIS E 234 -31.16 -14.21 20.01
C HIS E 234 -30.64 -15.47 19.38
N PHE E 235 -31.34 -16.58 19.64
CA PHE E 235 -31.05 -17.88 19.04
C PHE E 235 -29.58 -18.29 19.17
N GLU E 236 -28.96 -17.99 20.31
CA GLU E 236 -27.57 -18.42 20.53
C GLU E 236 -27.51 -19.75 21.26
N ASN E 237 -26.46 -20.51 20.95
CA ASN E 237 -26.19 -21.80 21.59
C ASN E 237 -27.29 -22.83 21.37
N CYS E 238 -27.94 -22.77 20.22
N CYS E 238 -27.93 -22.75 20.22
CA CYS E 238 -28.95 -23.76 19.86
CA CYS E 238 -29.05 -23.62 19.91
C CYS E 238 -29.13 -23.81 18.35
C CYS E 238 -29.29 -23.65 18.40
N PRO F 1 3.42 -33.72 -30.80
CA PRO F 1 3.57 -32.80 -29.68
C PRO F 1 2.99 -31.43 -30.00
N ALA F 2 2.99 -30.56 -29.01
CA ALA F 2 2.48 -29.21 -29.17
C ALA F 2 3.48 -28.34 -29.92
N GLN F 3 2.98 -27.29 -30.55
CA GLN F 3 3.79 -26.32 -31.29
C GLN F 3 3.47 -24.90 -30.83
N ASP F 4 4.44 -24.01 -30.99
CA ASP F 4 4.27 -22.60 -30.68
C ASP F 4 3.76 -21.91 -31.94
N ASN F 5 2.46 -21.86 -32.10
CA ASN F 5 1.93 -21.18 -33.28
C ASN F 5 0.91 -20.09 -32.97
N SER F 6 0.68 -19.81 -31.71
N SER F 6 0.67 -19.87 -31.69
CA SER F 6 -0.24 -18.75 -31.40
CA SER F 6 -0.32 -18.91 -31.22
C SER F 6 0.24 -17.90 -30.24
C SER F 6 0.26 -17.90 -30.24
N ARG F 7 -0.40 -16.75 -30.16
CA ARG F 7 -0.15 -15.75 -29.13
C ARG F 7 -1.46 -15.44 -28.44
N PHE F 8 -1.37 -15.14 -27.15
CA PHE F 8 -2.54 -14.83 -26.32
C PHE F 8 -2.49 -13.39 -25.84
N VAL F 9 -3.61 -12.70 -26.01
CA VAL F 9 -3.74 -11.31 -25.60
C VAL F 9 -3.30 -11.12 -24.15
N ILE F 10 -2.50 -10.09 -23.92
CA ILE F 10 -1.95 -9.84 -22.58
C ILE F 10 -3.07 -9.54 -21.59
N ARG F 11 -2.97 -10.10 -20.40
CA ARG F 11 -3.96 -9.88 -19.37
C ARG F 11 -4.03 -8.44 -18.90
N ASP F 12 -5.24 -8.00 -18.60
CA ASP F 12 -5.43 -6.72 -17.93
C ASP F 12 -5.51 -6.97 -16.44
N ARG F 13 -4.38 -6.73 -15.76
CA ARG F 13 -4.29 -6.99 -14.32
C ARG F 13 -4.89 -5.89 -13.45
N ASN F 14 -5.57 -4.93 -14.06
CA ASN F 14 -6.52 -4.06 -13.36
C ASN F 14 -8.00 -4.43 -13.57
N TRP F 15 -8.25 -5.41 -14.44
CA TRP F 15 -9.58 -5.99 -14.63
C TRP F 15 -9.73 -7.17 -13.69
N HIS F 16 -8.75 -8.07 -13.72
CA HIS F 16 -8.58 -9.03 -12.66
C HIS F 16 -8.38 -8.34 -11.31
N PRO F 17 -8.66 -9.06 -10.21
CA PRO F 17 -8.27 -8.56 -8.89
C PRO F 17 -6.75 -8.46 -8.78
N LYS F 18 -6.26 -7.41 -8.12
CA LYS F 18 -4.85 -7.32 -7.75
C LYS F 18 -4.54 -8.34 -6.67
N ALA F 19 -3.25 -8.58 -6.45
CA ALA F 19 -2.84 -9.53 -5.41
C ALA F 19 -3.17 -9.01 -4.00
N LEU F 20 -2.82 -7.74 -3.72
CA LEU F 20 -3.02 -7.17 -2.39
C LEU F 20 -4.35 -6.43 -2.32
N THR F 21 -5.32 -7.05 -1.63
CA THR F 21 -6.65 -6.50 -1.44
C THR F 21 -6.99 -6.69 0.03
N PRO F 22 -6.52 -5.77 0.90
CA PRO F 22 -6.48 -6.06 2.35
C PRO F 22 -7.79 -6.37 3.04
N ASP F 23 -8.94 -5.93 2.49
CA ASP F 23 -10.21 -6.29 3.12
C ASP F 23 -10.47 -7.81 3.04
N TYR F 24 -9.85 -8.47 2.06
CA TYR F 24 -9.77 -9.94 2.02
C TYR F 24 -8.47 -10.28 2.77
N LYS F 25 -8.63 -10.59 4.06
CA LYS F 25 -7.51 -10.54 4.97
C LYS F 25 -6.36 -11.48 4.63
N THR F 26 -6.68 -12.67 4.14
N THR F 26 -6.66 -12.68 4.15
CA THR F 26 -5.65 -13.66 3.82
CA THR F 26 -5.59 -13.62 3.85
C THR F 26 -4.74 -13.19 2.68
C THR F 26 -4.76 -13.23 2.64
N SER F 27 -5.22 -12.25 1.85
CA SER F 27 -4.41 -11.73 0.75
C SER F 27 -3.20 -10.93 1.25
N ILE F 28 -3.25 -10.41 2.48
CA ILE F 28 -2.19 -9.51 2.95
C ILE F 28 -0.82 -10.20 2.96
N ALA F 29 -0.77 -11.39 3.54
CA ALA F 29 0.51 -12.10 3.66
C ALA F 29 0.77 -13.07 2.49
N ARG F 30 -0.17 -13.18 1.56
CA ARG F 30 -0.05 -14.10 0.43
C ARG F 30 -0.03 -13.41 -0.93
N SER F 31 0.40 -12.15 -0.93
CA SER F 31 0.56 -11.35 -2.12
C SER F 31 2.04 -10.97 -2.30
N PRO F 32 2.60 -11.13 -3.50
CA PRO F 32 3.99 -10.69 -3.68
C PRO F 32 4.11 -9.19 -3.46
N ARG F 33 5.26 -8.74 -2.96
CA ARG F 33 5.54 -7.33 -2.88
C ARG F 33 6.45 -6.83 -3.99
N GLN F 34 7.12 -7.74 -4.68
CA GLN F 34 7.88 -7.34 -5.87
C GLN F 34 7.01 -7.41 -7.09
N ALA F 35 7.35 -6.58 -8.09
CA ALA F 35 6.64 -6.63 -9.37
C ALA F 35 6.78 -7.98 -10.04
N LEU F 36 5.74 -8.39 -10.75
CA LEU F 36 5.85 -9.54 -11.64
C LEU F 36 6.88 -9.21 -12.72
N VAL F 37 7.60 -10.24 -13.19
CA VAL F 37 8.55 -10.06 -14.27
C VAL F 37 7.89 -10.50 -15.57
N SER F 38 7.75 -9.57 -16.50
CA SER F 38 7.15 -9.90 -17.80
C SER F 38 8.13 -10.69 -18.66
N ILE F 39 7.63 -11.75 -19.29
CA ILE F 39 8.42 -12.54 -20.22
C ILE F 39 7.66 -12.71 -21.51
N PRO F 40 8.37 -12.79 -22.64
CA PRO F 40 7.68 -13.00 -23.91
C PRO F 40 7.12 -14.39 -23.98
N GLN F 41 6.04 -14.57 -24.74
CA GLN F 41 5.48 -15.89 -24.91
C GLN F 41 6.43 -16.78 -25.71
N SER F 42 6.55 -18.01 -25.22
CA SER F 42 7.28 -19.08 -25.87
C SER F 42 6.39 -20.30 -25.87
N ILE F 43 6.88 -21.38 -26.47
CA ILE F 43 6.14 -22.62 -26.45
C ILE F 43 5.79 -23.08 -25.03
N SER F 44 6.62 -22.73 -24.03
CA SER F 44 6.28 -23.10 -22.66
C SER F 44 4.95 -22.52 -22.17
N GLU F 45 4.60 -21.32 -22.63
CA GLU F 45 3.40 -20.62 -22.18
C GLU F 45 2.21 -20.76 -23.11
N THR F 46 2.45 -21.01 -24.39
CA THR F 46 1.39 -20.96 -25.39
C THR F 46 0.81 -22.32 -25.70
N THR F 47 1.27 -23.34 -24.98
CA THR F 47 0.75 -24.68 -25.08
C THR F 47 0.19 -25.10 -23.74
N GLY F 48 -0.54 -26.18 -23.72
CA GLY F 48 -1.12 -26.71 -22.49
C GLY F 48 -1.86 -28.00 -22.73
N PRO F 49 -2.30 -28.66 -21.67
CA PRO F 49 -2.95 -29.93 -21.86
C PRO F 49 -4.34 -29.85 -22.53
N ASN F 50 -4.65 -30.91 -23.28
CA ASN F 50 -5.88 -31.09 -23.99
C ASN F 50 -6.44 -32.36 -23.35
N PHE F 51 -7.63 -32.23 -22.77
CA PHE F 51 -8.25 -33.31 -22.00
C PHE F 51 -9.32 -34.09 -22.76
N SER F 52 -9.27 -34.04 -24.09
CA SER F 52 -10.25 -34.76 -24.92
C SER F 52 -10.39 -36.23 -24.56
N HIS F 53 -9.28 -36.86 -24.16
CA HIS F 53 -9.27 -38.29 -23.83
C HIS F 53 -9.10 -38.61 -22.33
N LEU F 54 -9.38 -37.63 -21.49
CA LEU F 54 -9.59 -37.89 -20.08
C LEU F 54 -10.87 -38.72 -19.95
N GLY F 55 -10.86 -39.73 -19.09
CA GLY F 55 -12.02 -40.60 -18.92
C GLY F 55 -12.99 -40.01 -17.92
N PHE F 56 -14.19 -39.65 -18.37
CA PHE F 56 -15.22 -39.11 -17.51
C PHE F 56 -16.22 -40.19 -17.14
N GLY F 57 -16.60 -40.25 -15.87
CA GLY F 57 -17.71 -41.09 -15.46
C GLY F 57 -19.04 -40.51 -15.92
N ALA F 58 -20.05 -41.37 -15.99
CA ALA F 58 -21.34 -41.00 -16.58
C ALA F 58 -22.01 -39.80 -15.87
N HIS F 59 -21.75 -39.66 -14.57
CA HIS F 59 -22.40 -38.62 -13.77
C HIS F 59 -21.44 -37.53 -13.35
N ASP F 60 -20.27 -37.43 -13.98
CA ASP F 60 -19.27 -36.46 -13.50
C ASP F 60 -19.78 -35.02 -13.52
N HIS F 61 -20.72 -34.73 -14.41
CA HIS F 61 -21.29 -33.39 -14.62
C HIS F 61 -22.60 -33.19 -13.84
N ASP F 62 -23.06 -34.24 -13.16
CA ASP F 62 -24.38 -34.25 -12.53
C ASP F 62 -24.27 -34.49 -11.02
N LEU F 63 -24.25 -33.39 -10.30
CA LEU F 63 -24.07 -33.41 -8.86
C LEU F 63 -25.30 -33.93 -8.11
N LEU F 64 -26.43 -34.09 -8.80
CA LEU F 64 -27.60 -34.73 -8.18
C LEU F 64 -27.48 -36.24 -8.12
N LEU F 65 -26.57 -36.82 -8.91
CA LEU F 65 -26.42 -38.25 -9.00
C LEU F 65 -25.02 -38.78 -8.66
N ASN F 66 -24.02 -37.91 -8.62
CA ASN F 66 -22.63 -38.38 -8.52
C ASN F 66 -22.09 -38.61 -7.10
N PHE F 67 -22.94 -38.38 -6.09
CA PHE F 67 -22.67 -38.72 -4.67
C PHE F 67 -23.94 -39.39 -4.08
N ASN F 68 -24.39 -40.44 -4.74
CA ASN F 68 -25.69 -41.09 -4.44
C ASN F 68 -25.52 -42.09 -3.31
N ASN F 69 -26.12 -41.80 -2.16
CA ASN F 69 -26.07 -42.65 -0.98
C ASN F 69 -27.46 -43.03 -0.45
N GLY F 70 -28.40 -43.21 -1.37
CA GLY F 70 -29.77 -43.62 -1.03
C GLY F 70 -30.86 -42.64 -1.42
N GLY F 71 -30.48 -41.46 -1.94
CA GLY F 71 -31.48 -40.49 -2.35
C GLY F 71 -30.97 -39.24 -3.04
N LEU F 72 -31.89 -38.32 -3.24
CA LEU F 72 -31.55 -37.05 -3.87
C LEU F 72 -31.14 -36.00 -2.86
N PRO F 73 -30.22 -35.12 -3.27
CA PRO F 73 -29.87 -34.00 -2.42
C PRO F 73 -31.06 -33.11 -2.15
N ILE F 74 -31.05 -32.49 -0.99
CA ILE F 74 -32.01 -31.47 -0.64
C ILE F 74 -31.51 -30.14 -1.17
N GLY F 75 -32.36 -29.39 -1.82
CA GLY F 75 -32.01 -28.06 -2.29
C GLY F 75 -32.59 -27.71 -3.65
N GLU F 76 -32.29 -26.50 -4.10
CA GLU F 76 -32.88 -25.93 -5.30
C GLU F 76 -32.21 -26.57 -6.52
N ARG F 77 -32.96 -27.42 -7.22
CA ARG F 77 -32.40 -28.10 -8.39
C ARG F 77 -32.18 -27.10 -9.51
N ILE F 78 -30.96 -27.09 -10.05
CA ILE F 78 -30.61 -26.15 -11.11
C ILE F 78 -29.66 -26.79 -12.11
N ILE F 79 -29.81 -26.37 -13.36
CA ILE F 79 -28.80 -26.56 -14.40
C ILE F 79 -27.92 -25.31 -14.41
N VAL F 80 -26.61 -25.50 -14.53
CA VAL F 80 -25.68 -24.40 -14.72
C VAL F 80 -24.99 -24.69 -16.05
N ALA F 81 -25.17 -23.79 -17.01
CA ALA F 81 -24.72 -24.01 -18.38
C ALA F 81 -24.21 -22.71 -18.95
N GLY F 82 -23.43 -22.81 -20.00
CA GLY F 82 -22.91 -21.62 -20.65
C GLY F 82 -21.95 -21.99 -21.75
N ARG F 83 -21.31 -20.96 -22.29
CA ARG F 83 -20.38 -21.12 -23.39
C ARG F 83 -19.02 -20.59 -22.95
N VAL F 84 -17.96 -21.27 -23.37
CA VAL F 84 -16.60 -20.75 -23.22
C VAL F 84 -16.15 -20.25 -24.58
N VAL F 85 -15.80 -18.97 -24.64
CA VAL F 85 -15.27 -18.32 -25.84
C VAL F 85 -13.97 -17.63 -25.47
N ASP F 86 -13.20 -17.21 -26.47
CA ASP F 86 -12.07 -16.34 -26.23
C ASP F 86 -12.45 -14.88 -26.49
N GLN F 87 -11.50 -13.97 -26.27
CA GLN F 87 -11.82 -12.54 -26.37
C GLN F 87 -12.20 -12.07 -27.77
N TYR F 88 -11.82 -12.85 -28.80
CA TYR F 88 -12.26 -12.60 -30.17
C TYR F 88 -13.64 -13.18 -30.48
N GLY F 89 -14.27 -13.82 -29.50
CA GLY F 89 -15.57 -14.43 -29.68
C GLY F 89 -15.56 -15.85 -30.22
N LYS F 90 -14.37 -16.45 -30.32
CA LYS F 90 -14.23 -17.79 -30.89
C LYS F 90 -14.53 -18.84 -29.81
N PRO F 91 -15.39 -19.81 -30.12
N PRO F 91 -15.44 -19.79 -30.11
CA PRO F 91 -15.67 -20.82 -29.10
CA PRO F 91 -15.69 -20.84 -29.12
C PRO F 91 -14.41 -21.61 -28.74
C PRO F 91 -14.43 -21.62 -28.75
N VAL F 92 -14.38 -22.13 -27.53
CA VAL F 92 -13.27 -22.94 -27.05
C VAL F 92 -13.83 -24.36 -26.83
N PRO F 93 -13.70 -25.23 -27.84
CA PRO F 93 -14.28 -26.57 -27.76
C PRO F 93 -13.38 -27.55 -27.00
N ASN F 94 -13.97 -28.62 -26.50
CA ASN F 94 -13.22 -29.72 -25.89
C ASN F 94 -12.28 -29.26 -24.79
N THR F 95 -12.72 -28.29 -23.98
CA THR F 95 -11.92 -27.75 -22.89
C THR F 95 -12.49 -28.21 -21.56
N LEU F 96 -11.60 -28.37 -20.58
CA LEU F 96 -11.98 -28.89 -19.28
C LEU F 96 -12.57 -27.82 -18.35
N VAL F 97 -13.80 -28.04 -17.91
CA VAL F 97 -14.48 -27.18 -16.95
C VAL F 97 -14.74 -28.00 -15.70
N GLU F 98 -14.20 -27.53 -14.58
CA GLU F 98 -14.35 -28.16 -13.28
C GLU F 98 -15.04 -27.18 -12.34
N MET F 99 -15.82 -27.71 -11.40
CA MET F 99 -16.52 -26.87 -10.46
C MET F 99 -16.64 -27.54 -9.11
N TRP F 100 -16.73 -26.73 -8.08
CA TRP F 100 -16.97 -27.23 -6.74
C TRP F 100 -17.72 -26.23 -5.90
N GLN F 101 -18.45 -26.72 -4.90
CA GLN F 101 -19.39 -25.86 -4.19
C GLN F 101 -19.82 -26.48 -2.89
N ALA F 102 -20.41 -25.65 -2.04
CA ALA F 102 -21.08 -26.09 -0.83
C ALA F 102 -22.47 -26.67 -1.14
N ASN F 103 -23.09 -27.27 -0.12
CA ASN F 103 -24.44 -27.79 -0.26
C ASN F 103 -25.47 -26.68 -0.05
N ALA F 104 -26.75 -27.05 -0.01
CA ALA F 104 -27.85 -26.05 0.06
C ALA F 104 -27.79 -25.16 1.29
N GLY F 105 -27.11 -25.63 2.34
CA GLY F 105 -27.00 -24.87 3.58
C GLY F 105 -25.67 -24.19 3.77
N GLY F 106 -24.81 -24.20 2.76
CA GLY F 106 -23.52 -23.55 2.86
C GLY F 106 -22.44 -24.39 3.53
N ARG F 107 -22.64 -25.70 3.63
CA ARG F 107 -21.63 -26.58 4.20
C ARG F 107 -20.84 -27.27 3.09
N TYR F 108 -19.51 -27.23 3.19
CA TYR F 108 -18.64 -27.93 2.25
C TYR F 108 -18.28 -29.31 2.78
N ARG F 109 -18.17 -30.26 1.86
CA ARG F 109 -17.69 -31.59 2.16
C ARG F 109 -16.17 -31.57 2.07
N HIS F 110 -15.55 -30.96 3.09
CA HIS F 110 -14.09 -30.82 3.21
C HIS F 110 -13.78 -30.94 4.68
N LYS F 111 -12.74 -31.68 5.00
CA LYS F 111 -12.44 -31.93 6.40
C LYS F 111 -12.09 -30.66 7.20
N ASN F 112 -11.69 -29.58 6.53
CA ASN F 112 -11.35 -28.33 7.21
C ASN F 112 -12.53 -27.36 7.40
N ASP F 113 -13.73 -27.70 6.89
CA ASP F 113 -14.89 -26.82 7.06
C ASP F 113 -15.51 -27.11 8.40
N ARG F 114 -15.46 -26.11 9.28
CA ARG F 114 -15.96 -26.22 10.65
C ARG F 114 -17.37 -25.64 10.85
N TYR F 115 -18.02 -25.16 9.78
CA TYR F 115 -19.35 -24.55 9.92
C TYR F 115 -20.38 -25.57 10.41
N LEU F 116 -21.24 -25.14 11.33
CA LEU F 116 -22.19 -26.05 11.98
C LEU F 116 -23.29 -26.61 11.08
N ALA F 117 -23.55 -25.99 9.92
CA ALA F 117 -24.63 -26.45 9.04
C ALA F 117 -24.33 -27.87 8.57
N PRO F 118 -25.36 -28.74 8.52
CA PRO F 118 -25.09 -30.15 8.27
C PRO F 118 -24.71 -30.49 6.84
N LEU F 119 -23.93 -31.56 6.70
CA LEU F 119 -23.73 -32.20 5.43
C LEU F 119 -25.03 -32.81 4.96
N ASP F 120 -25.11 -32.96 3.64
CA ASP F 120 -26.23 -33.62 2.97
C ASP F 120 -25.67 -34.98 2.52
N PRO F 121 -26.25 -36.08 3.02
CA PRO F 121 -25.67 -37.39 2.73
C PRO F 121 -25.70 -37.78 1.24
N ASN F 122 -26.47 -37.05 0.44
CA ASN F 122 -26.55 -37.32 -0.99
C ASN F 122 -25.91 -36.25 -1.86
N PHE F 123 -25.04 -35.43 -1.28
CA PHE F 123 -24.39 -34.36 -2.03
C PHE F 123 -22.91 -34.28 -1.71
N GLY F 124 -22.10 -34.26 -2.78
CA GLY F 124 -20.66 -34.15 -2.69
C GLY F 124 -20.11 -32.77 -3.04
N GLY F 125 -20.63 -32.18 -4.10
CA GLY F 125 -20.24 -30.81 -4.46
C GLY F 125 -19.15 -30.64 -5.49
N VAL F 126 -18.91 -31.68 -6.31
N VAL F 126 -18.78 -31.69 -6.25
CA VAL F 126 -17.84 -31.68 -7.30
CA VAL F 126 -17.82 -31.51 -7.35
C VAL F 126 -18.38 -32.10 -8.69
C VAL F 126 -18.34 -32.06 -8.67
N GLY F 127 -18.04 -31.34 -9.73
CA GLY F 127 -18.37 -31.73 -11.11
C GLY F 127 -17.25 -31.41 -12.07
N ARG F 128 -17.28 -32.09 -13.20
CA ARG F 128 -16.40 -31.74 -14.31
C ARG F 128 -17.05 -32.15 -15.62
N CYS F 129 -16.66 -31.47 -16.69
CA CYS F 129 -17.07 -31.84 -18.04
C CYS F 129 -16.14 -31.20 -19.04
N LEU F 130 -16.33 -31.57 -20.29
N LEU F 130 -16.25 -31.61 -20.29
CA LEU F 130 -15.63 -30.95 -21.40
CA LEU F 130 -15.65 -30.87 -21.39
C LEU F 130 -16.65 -30.10 -22.14
C LEU F 130 -16.70 -30.01 -22.03
N THR F 131 -16.26 -28.90 -22.59
CA THR F 131 -17.12 -28.17 -23.52
C THR F 131 -17.28 -29.01 -24.81
N ASP F 132 -18.44 -28.85 -25.43
CA ASP F 132 -18.71 -29.53 -26.67
C ASP F 132 -18.04 -28.85 -27.84
N SER F 133 -18.29 -29.36 -29.05
CA SER F 133 -17.62 -28.85 -30.25
C SER F 133 -17.93 -27.38 -30.56
N ASP F 134 -18.96 -26.83 -29.92
CA ASP F 134 -19.38 -25.44 -30.11
C ASP F 134 -19.08 -24.58 -28.88
N GLY F 135 -18.33 -25.11 -27.91
CA GLY F 135 -17.94 -24.35 -26.72
C GLY F 135 -18.88 -24.41 -25.53
N TYR F 136 -19.97 -25.19 -25.60
CA TYR F 136 -20.96 -25.20 -24.52
C TYR F 136 -20.67 -26.28 -23.49
N TYR F 137 -20.94 -25.94 -22.22
CA TYR F 137 -20.88 -26.88 -21.11
C TYR F 137 -22.20 -26.91 -20.35
N SER F 138 -22.40 -27.98 -19.59
CA SER F 138 -23.60 -28.11 -18.75
C SER F 138 -23.37 -28.98 -17.53
N PHE F 139 -23.80 -28.47 -16.39
CA PHE F 139 -23.86 -29.20 -15.13
C PHE F 139 -25.28 -29.20 -14.59
N ARG F 140 -25.58 -30.20 -13.76
CA ARG F 140 -26.79 -30.19 -12.95
C ARG F 140 -26.37 -30.27 -11.48
N THR F 141 -26.99 -29.45 -10.64
CA THR F 141 -26.59 -29.34 -9.25
C THR F 141 -27.73 -28.79 -8.39
N ILE F 142 -27.39 -28.46 -7.15
CA ILE F 142 -28.23 -27.77 -6.21
C ILE F 142 -27.66 -26.36 -6.03
N LYS F 143 -28.49 -25.33 -5.84
CA LYS F 143 -27.96 -23.99 -5.62
C LYS F 143 -27.27 -23.98 -4.25
N PRO F 144 -26.00 -23.56 -4.18
CA PRO F 144 -25.33 -23.55 -2.87
C PRO F 144 -25.83 -22.41 -1.99
N GLY F 145 -25.79 -22.63 -0.68
CA GLY F 145 -26.12 -21.59 0.29
C GLY F 145 -24.93 -20.68 0.59
N PRO F 146 -25.20 -19.44 1.05
CA PRO F 146 -24.12 -18.58 1.53
C PRO F 146 -23.39 -19.23 2.69
N TYR F 147 -22.18 -18.86 2.94
N TYR F 147 -22.13 -18.78 2.87
CA TYR F 147 -21.71 -19.35 4.18
CA TYR F 147 -21.10 -19.40 3.73
C TYR F 147 -20.77 -18.38 4.76
C TYR F 147 -20.50 -18.34 4.70
N PRO F 148 -20.73 -18.44 6.05
CA PRO F 148 -20.04 -17.48 6.90
C PRO F 148 -18.58 -17.86 7.03
N TRP F 149 -17.72 -16.86 7.16
CA TRP F 149 -16.29 -17.14 7.22
C TRP F 149 -15.57 -16.10 8.07
N ARG F 150 -14.42 -16.50 8.57
CA ARG F 150 -13.68 -15.73 9.56
C ARG F 150 -12.76 -14.70 8.89
N ASN F 151 -13.38 -13.72 8.24
CA ASN F 151 -12.71 -12.58 7.66
C ASN F 151 -12.99 -11.43 8.63
N GLY F 152 -13.92 -10.53 8.30
CA GLY F 152 -14.50 -9.62 9.26
C GLY F 152 -15.41 -10.36 10.24
N PRO F 153 -15.93 -9.64 11.25
CA PRO F 153 -16.71 -10.34 12.29
C PRO F 153 -18.12 -10.83 11.88
N ASN F 154 -18.63 -10.40 10.74
CA ASN F 154 -19.93 -10.85 10.23
C ASN F 154 -19.91 -10.89 8.71
N ASP F 155 -18.95 -11.64 8.16
CA ASP F 155 -18.81 -11.80 6.71
C ASP F 155 -19.38 -13.13 6.24
N TRP F 156 -20.06 -13.05 5.10
CA TRP F 156 -20.75 -14.16 4.49
C TRP F 156 -20.46 -14.15 3.00
N ARG F 157 -19.99 -15.28 2.47
CA ARG F 157 -19.86 -15.40 1.02
C ARG F 157 -21.28 -15.41 0.44
N PRO F 158 -21.49 -14.71 -0.68
CA PRO F 158 -22.72 -14.96 -1.44
C PRO F 158 -22.77 -16.44 -1.88
N ALA F 159 -23.95 -16.93 -2.21
CA ALA F 159 -24.04 -18.22 -2.91
C ALA F 159 -23.07 -18.22 -4.08
N HIS F 160 -22.24 -19.26 -4.19
CA HIS F 160 -21.30 -19.28 -5.30
C HIS F 160 -20.84 -20.68 -5.65
N ILE F 161 -20.39 -20.83 -6.90
CA ILE F 161 -19.77 -22.06 -7.38
C ILE F 161 -18.38 -21.71 -7.89
N HIS F 162 -17.39 -22.45 -7.40
CA HIS F 162 -16.03 -22.26 -7.87
C HIS F 162 -15.87 -22.94 -9.23
N PHE F 163 -15.18 -22.27 -10.16
CA PHE F 163 -14.94 -22.81 -11.52
C PHE F 163 -13.45 -22.81 -11.84
N GLY F 164 -13.01 -23.85 -12.54
CA GLY F 164 -11.70 -23.88 -13.17
C GLY F 164 -11.87 -24.23 -14.64
N ILE F 165 -11.17 -23.51 -15.50
CA ILE F 165 -11.25 -23.71 -16.96
C ILE F 165 -9.85 -23.79 -17.52
N SER F 166 -9.55 -24.84 -18.30
CA SER F 166 -8.20 -25.03 -18.81
C SER F 166 -7.91 -24.12 -20.01
N GLY F 167 -8.75 -24.18 -21.03
CA GLY F 167 -8.48 -23.47 -22.26
C GLY F 167 -7.32 -24.05 -23.05
N PRO F 168 -6.93 -23.37 -24.15
CA PRO F 168 -5.95 -23.95 -25.04
C PRO F 168 -4.49 -23.99 -24.52
N SER F 169 -4.16 -23.21 -23.49
CA SER F 169 -2.79 -23.18 -23.02
C SER F 169 -2.73 -22.90 -21.54
N ILE F 170 -1.56 -23.09 -20.94
CA ILE F 170 -1.40 -22.68 -19.55
C ILE F 170 -1.55 -21.16 -19.39
N ALA F 171 -1.37 -20.39 -20.47
CA ALA F 171 -1.60 -18.96 -20.42
C ALA F 171 -3.08 -18.60 -20.27
N THR F 172 -3.98 -19.48 -20.70
CA THR F 172 -5.42 -19.22 -20.61
C THR F 172 -6.09 -19.77 -19.36
N LYS F 173 -5.45 -20.72 -18.68
CA LYS F 173 -6.06 -21.36 -17.53
C LYS F 173 -6.52 -20.32 -16.51
N LEU F 174 -7.71 -20.54 -15.95
CA LEU F 174 -8.35 -19.58 -15.07
C LEU F 174 -9.11 -20.33 -13.98
N ILE F 175 -9.03 -19.81 -12.75
CA ILE F 175 -9.96 -20.17 -11.70
C ILE F 175 -10.74 -18.90 -11.33
N THR F 176 -12.04 -19.08 -11.15
CA THR F 176 -12.94 -17.99 -10.84
C THR F 176 -14.09 -18.47 -9.97
N GLN F 177 -15.05 -17.59 -9.70
CA GLN F 177 -16.27 -17.98 -8.98
C GLN F 177 -17.47 -17.38 -9.69
N LEU F 178 -18.54 -18.19 -9.73
CA LEU F 178 -19.86 -17.82 -10.21
C LEU F 178 -20.72 -17.38 -9.05
N TYR F 179 -21.43 -16.25 -9.22
CA TYR F 179 -22.43 -15.76 -8.28
C TYR F 179 -23.80 -15.75 -8.97
N PHE F 180 -24.88 -15.53 -8.22
CA PHE F 180 -26.24 -15.69 -8.74
C PHE F 180 -26.97 -14.36 -8.81
N GLU F 181 -27.64 -14.12 -9.93
CA GLU F 181 -28.39 -12.90 -10.21
C GLU F 181 -29.20 -12.46 -8.99
N GLY F 182 -29.01 -11.21 -8.58
CA GLY F 182 -29.80 -10.58 -7.54
C GLY F 182 -29.35 -10.77 -6.11
N ASP F 183 -28.34 -11.61 -5.88
CA ASP F 183 -27.98 -11.97 -4.50
C ASP F 183 -27.51 -10.71 -3.76
N PRO F 184 -28.20 -10.30 -2.68
CA PRO F 184 -27.82 -9.07 -2.00
C PRO F 184 -26.49 -9.15 -1.24
N LEU F 185 -25.95 -10.35 -1.08
CA LEU F 185 -24.61 -10.50 -0.49
C LEU F 185 -23.49 -10.09 -1.44
N ILE F 186 -23.74 -10.07 -2.75
CA ILE F 186 -22.65 -9.84 -3.70
C ILE F 186 -21.90 -8.51 -3.44
N PRO F 187 -22.61 -7.39 -3.30
CA PRO F 187 -21.89 -6.11 -3.09
C PRO F 187 -21.15 -5.99 -1.77
N MET F 188 -21.43 -6.88 -0.83
CA MET F 188 -20.85 -6.82 0.53
C MET F 188 -19.61 -7.68 0.67
N CYS F 189 -19.32 -8.53 -0.30
CA CYS F 189 -18.28 -9.53 -0.14
C CYS F 189 -16.89 -9.00 -0.46
N PRO F 190 -15.93 -9.09 0.49
CA PRO F 190 -14.55 -8.66 0.21
C PRO F 190 -13.80 -9.47 -0.86
N ILE F 191 -14.21 -10.71 -1.11
CA ILE F 191 -13.64 -11.49 -2.21
C ILE F 191 -14.17 -10.99 -3.57
N VAL F 192 -15.47 -10.80 -3.68
CA VAL F 192 -16.03 -10.13 -4.86
C VAL F 192 -15.31 -8.80 -5.08
N LYS F 193 -15.17 -8.03 -3.99
N LYS F 193 -15.17 -8.02 -4.01
CA LYS F 193 -14.63 -6.68 -4.07
CA LYS F 193 -14.63 -6.66 -4.13
C LYS F 193 -13.12 -6.63 -4.24
C LYS F 193 -13.11 -6.62 -4.22
N SER F 194 -12.45 -7.78 -4.26
CA SER F 194 -11.05 -7.84 -4.68
C SER F 194 -10.94 -7.37 -6.13
N ILE F 195 -12.03 -7.51 -6.90
CA ILE F 195 -12.14 -6.94 -8.24
C ILE F 195 -12.55 -5.47 -8.13
N ALA F 196 -11.68 -4.56 -8.58
CA ALA F 196 -11.90 -3.12 -8.40
C ALA F 196 -12.99 -2.54 -9.29
N ASN F 197 -13.11 -3.08 -10.51
CA ASN F 197 -14.01 -2.52 -11.53
C ASN F 197 -15.39 -3.18 -11.41
N PRO F 198 -16.44 -2.41 -11.07
CA PRO F 198 -17.78 -3.02 -10.95
C PRO F 198 -18.26 -3.75 -12.23
N GLU F 199 -17.83 -3.31 -13.41
CA GLU F 199 -18.20 -4.00 -14.65
C GLU F 199 -17.60 -5.40 -14.72
N ALA F 200 -16.41 -5.58 -14.14
CA ALA F 200 -15.79 -6.89 -14.12
C ALA F 200 -16.55 -7.82 -13.15
N VAL F 201 -16.98 -7.29 -12.01
CA VAL F 201 -17.82 -8.07 -11.08
C VAL F 201 -19.07 -8.60 -11.78
N GLN F 202 -19.71 -7.75 -12.58
CA GLN F 202 -20.94 -8.17 -13.28
C GLN F 202 -20.71 -9.41 -14.20
N GLN F 203 -19.50 -9.57 -14.70
CA GLN F 203 -19.15 -10.69 -15.56
C GLN F 203 -19.16 -12.02 -14.81
N LEU F 204 -19.15 -11.99 -13.47
CA LEU F 204 -19.20 -13.21 -12.67
C LEU F 204 -20.59 -13.57 -12.19
N ILE F 205 -21.60 -12.80 -12.58
CA ILE F 205 -22.95 -13.02 -12.10
C ILE F 205 -23.74 -13.81 -13.15
N ALA F 206 -24.06 -15.06 -12.80
CA ALA F 206 -24.89 -15.90 -13.65
C ALA F 206 -26.32 -15.42 -13.67
N LYS F 207 -26.95 -15.50 -14.83
CA LYS F 207 -28.32 -15.05 -15.01
C LYS F 207 -29.31 -16.20 -14.99
N LEU F 208 -30.43 -15.99 -14.32
CA LEU F 208 -31.54 -16.92 -14.37
C LEU F 208 -31.93 -17.15 -15.84
N ASP F 209 -32.08 -18.41 -16.22
CA ASP F 209 -32.27 -18.81 -17.63
C ASP F 209 -33.50 -19.71 -17.74
N MET F 210 -34.68 -19.11 -17.78
CA MET F 210 -35.92 -19.87 -17.76
C MET F 210 -36.06 -20.76 -19.00
N ASN F 211 -35.45 -20.33 -20.10
CA ASN F 211 -35.48 -21.04 -21.38
C ASN F 211 -34.83 -22.42 -21.29
N ASN F 212 -33.88 -22.55 -20.36
CA ASN F 212 -33.13 -23.78 -20.19
C ASN F 212 -33.65 -24.66 -19.04
N ALA F 213 -34.65 -24.17 -18.31
CA ALA F 213 -35.26 -24.94 -17.23
C ALA F 213 -36.04 -26.15 -17.72
N ASN F 214 -36.13 -27.17 -16.87
CA ASN F 214 -37.04 -28.27 -17.07
C ASN F 214 -38.27 -28.05 -16.19
N PRO F 215 -39.42 -27.75 -16.81
CA PRO F 215 -40.61 -27.48 -16.01
C PRO F 215 -40.90 -28.61 -15.02
N MET F 216 -41.39 -28.24 -13.85
CA MET F 216 -41.77 -29.18 -12.81
C MET F 216 -40.58 -30.01 -12.32
N ASP F 217 -39.36 -29.48 -12.50
CA ASP F 217 -38.17 -30.27 -12.24
C ASP F 217 -37.02 -29.40 -11.73
N CYS F 218 -36.43 -28.60 -12.59
CA CYS F 218 -35.28 -27.80 -12.21
C CYS F 218 -35.23 -26.46 -12.94
N LEU F 219 -34.69 -25.45 -12.27
CA LEU F 219 -34.42 -24.17 -12.88
C LEU F 219 -33.05 -24.22 -13.57
N ALA F 220 -32.60 -23.10 -14.09
CA ALA F 220 -31.33 -23.04 -14.81
C ALA F 220 -30.74 -21.64 -14.69
N TYR F 221 -29.42 -21.59 -14.67
CA TYR F 221 -28.64 -20.38 -14.73
C TYR F 221 -27.64 -20.48 -15.87
N ARG F 222 -27.32 -19.32 -16.46
CA ARG F 222 -26.37 -19.24 -17.57
C ARG F 222 -25.13 -18.43 -17.14
N PHE F 223 -23.96 -19.03 -17.36
CA PHE F 223 -22.69 -18.42 -16.99
C PHE F 223 -21.70 -18.63 -18.15
N ASP F 224 -21.48 -17.57 -18.91
CA ASP F 224 -20.54 -17.61 -20.02
C ASP F 224 -19.16 -17.17 -19.52
N ILE F 225 -18.14 -17.78 -20.09
CA ILE F 225 -16.76 -17.58 -19.71
C ILE F 225 -15.97 -17.10 -20.91
N VAL F 226 -15.12 -16.10 -20.70
CA VAL F 226 -14.27 -15.53 -21.74
C VAL F 226 -12.80 -15.71 -21.34
N LEU F 227 -12.08 -16.49 -22.14
CA LEU F 227 -10.65 -16.68 -21.97
C LEU F 227 -9.86 -15.73 -22.89
N ARG F 228 -8.56 -15.61 -22.62
CA ARG F 228 -7.69 -14.71 -23.38
C ARG F 228 -7.80 -14.99 -24.87
N GLY F 229 -7.85 -13.93 -25.66
CA GLY F 229 -7.91 -14.07 -27.11
C GLY F 229 -6.68 -14.75 -27.65
N GLN F 230 -6.88 -15.65 -28.62
CA GLN F 230 -5.83 -16.38 -29.29
C GLN F 230 -5.69 -15.91 -30.74
N ARG F 231 -4.47 -15.59 -31.17
CA ARG F 231 -4.20 -15.26 -32.57
C ARG F 231 -2.98 -16.00 -33.08
N LYS F 232 -2.88 -16.12 -34.39
CA LYS F 232 -1.66 -16.64 -34.99
C LYS F 232 -0.49 -15.68 -34.77
N THR F 233 0.70 -16.24 -34.64
CA THR F 233 1.92 -15.45 -34.71
C THR F 233 2.01 -14.73 -36.04
N HIS F 234 2.64 -13.55 -36.04
CA HIS F 234 2.88 -12.82 -37.29
C HIS F 234 4.12 -11.96 -37.20
N PHE F 235 4.86 -11.90 -38.29
CA PHE F 235 6.02 -11.01 -38.44
C PHE F 235 7.03 -11.14 -37.30
N GLU F 236 7.25 -12.34 -36.80
CA GLU F 236 8.26 -12.54 -35.75
C GLU F 236 9.59 -12.95 -36.34
N ASN F 237 10.68 -12.56 -35.65
CA ASN F 237 12.05 -12.87 -36.06
C ASN F 237 12.43 -12.36 -37.45
N CYS F 238 11.90 -11.19 -37.79
N CYS F 238 11.86 -11.21 -37.81
CA CYS F 238 12.18 -10.58 -39.08
CA CYS F 238 12.14 -10.58 -39.10
C CYS F 238 11.88 -9.09 -39.02
C CYS F 238 11.84 -9.08 -39.03
C1 3N8 G . 21.95 -16.54 -13.07
C2 3N8 G . 22.46 -16.15 -11.85
C3 3N8 G . 22.12 -16.85 -10.69
C4 3N8 G . 21.26 -17.96 -10.78
C5 3N8 G . 20.77 -18.36 -12.01
C6 3N8 G . 21.11 -17.65 -13.15
O7 3N8 G . 22.30 -15.81 -14.18
O8 3N8 G . 23.31 -15.07 -11.75
F9 3N8 G . 20.95 -18.65 -9.67
S SO4 H . 3.20 -39.22 -2.98
O1 SO4 H . 3.54 -40.65 -2.86
O2 SO4 H . 2.12 -38.88 -2.04
O3 SO4 H . 4.41 -38.41 -2.70
O4 SO4 H . 2.76 -38.94 -4.36
FE FE I . 11.58 8.10 -22.63
C1 3N8 J . 7.56 23.06 8.50
C2 3N8 J . 8.31 22.70 9.60
C3 3N8 J . 8.74 23.70 10.48
C4 3N8 J . 8.40 25.03 10.23
C5 3N8 J . 7.63 25.36 9.13
C6 3N8 J . 7.22 24.38 8.25
O7 3N8 J . 7.14 22.10 7.63
O8 3N8 J . 8.64 21.40 9.81
F9 3N8 J . 8.80 26.00 11.08
C1 BME K . -5.28 -2.92 -24.12
C2 BME K . -5.93 -2.86 -25.49
O1 BME K . -3.86 -2.81 -24.24
S2 BME K . -6.56 -1.22 -25.86
C1 3N8 L . 5.10 27.64 -50.16
C2 3N8 L . 4.43 27.53 -51.38
C3 3N8 L . 3.04 27.58 -51.43
C4 3N8 L . 2.32 27.72 -50.24
C5 3N8 L . 2.99 27.83 -49.02
C6 3N8 L . 4.38 27.79 -48.98
O7 3N8 L . 6.46 27.60 -50.12
O8 3N8 L . 5.16 27.39 -52.51
F9 3N8 L . 0.99 27.76 -50.23
C1 3N8 M . 11.27 5.62 -21.34
C1 3N8 M . 12.69 5.98 -21.42
C2 3N8 M . 12.64 5.80 -21.42
C2 3N8 M . 11.32 5.69 -21.37
C3 3N8 M . 13.47 4.72 -21.23
C3 3N8 M . 10.88 4.42 -21.05
C4 3N8 M . 12.95 3.46 -20.94
C4 3N8 M . 11.80 3.41 -20.80
C5 3N8 M . 11.58 3.28 -20.86
C5 3N8 M . 13.15 3.68 -20.86
C6 3N8 M . 10.74 4.36 -21.04
C6 3N8 M . 13.59 4.96 -21.17
O7 3N8 M . 10.45 6.68 -21.53
O7 3N8 M . 13.13 7.24 -21.72
O8 3N8 M . 13.15 7.04 -21.69
O8 3N8 M . 10.43 6.69 -21.62
F9 3N8 M . 13.76 2.40 -20.76
F9 3N8 M . 11.37 2.18 -20.49
CL CL N . 21.14 1.25 -35.66
C1 3N8 O . 21.69 14.55 15.79
C2 3N8 O . 21.75 13.22 16.18
C3 3N8 O . 22.44 12.30 15.38
C4 3N8 O . 23.05 12.72 14.20
C5 3N8 O . 23.00 14.06 13.82
C6 3N8 O . 22.29 14.97 14.61
O7 3N8 O . 20.99 15.42 16.57
O8 3N8 O . 21.14 12.84 17.33
F9 3N8 O . 23.73 11.85 13.43
C1 MUC P . 25.23 5.58 7.44
O1 MUC P . 25.45 4.65 6.63
O2 MUC P . 25.01 5.37 8.66
C4 MUC P . 25.48 8.61 5.25
C5 MUC P . 26.64 8.57 4.62
C6 MUC P . 26.89 7.18 4.24
O6 MUC P . 27.84 6.76 3.58
O3 MUC P . 25.81 6.34 4.71
C3 MUC P . 24.98 7.21 5.50
C2 MUC P . 25.20 7.02 6.99
C1 3N8 Q . -1.01 -20.90 22.25
C2 3N8 Q . 0.26 -20.99 21.71
C3 3N8 Q . 1.23 -20.06 22.07
C4 3N8 Q . 0.92 -19.04 22.98
C5 3N8 Q . -0.36 -18.97 23.53
C6 3N8 Q . -1.33 -19.89 23.16
O7 3N8 Q . -1.92 -21.84 21.84
O8 3N8 Q . 0.51 -22.00 20.83
F9 3N8 Q . 1.85 -18.14 23.36
C1 BME R . -7.80 -22.31 35.24
C2 BME R . -8.11 -21.91 33.81
O1 BME R . -8.78 -21.80 36.15
S2 BME R . -9.83 -22.27 33.38
C1 BME S . -15.12 -18.87 18.88
C2 BME S . -16.07 -18.91 20.07
O1 BME S . -15.72 -19.28 17.64
S2 BME S . -17.65 -19.70 19.67
C1 MUC T . 7.36 -10.84 23.85
O1 MUC T . 7.89 -10.73 22.72
O2 MUC T . 8.02 -10.78 24.92
C4 MUC T . 4.05 -9.86 25.02
C5 MUC T . 4.38 -9.30 26.18
C6 MUC T . 5.62 -8.56 25.98
O6 MUC T . 6.21 -7.91 26.84
O3 MUC T . 6.07 -8.72 24.60
C3 MUC T . 5.17 -9.69 24.03
C2 MUC T . 5.88 -11.04 23.93
FE FE U . -6.23 18.76 17.91
C1 3N8 V . -3.96 18.10 16.44
C1 3N8 V . -3.68 17.99 17.80
C2 3N8 V . -3.54 18.02 17.75
C2 3N8 V . -4.00 18.15 16.47
C3 3N8 V . -2.17 17.99 18.02
C3 3N8 V . -3.00 18.19 15.52
C4 3N8 V . -1.24 18.03 16.99
C4 3N8 V . -1.67 18.09 15.90
C5 3N8 V . -1.68 18.10 15.67
C5 3N8 V . -1.36 17.96 17.25
C6 3N8 V . -3.03 18.14 15.40
C6 3N8 V . -2.37 17.90 18.19
O7 3N8 V . -5.30 18.12 16.19
O7 3N8 V . -4.69 17.94 18.71
O8 3N8 V . -4.47 17.97 18.73
O8 3N8 V . -5.31 18.24 16.12
F9 3N8 V . 0.08 18.00 17.25
F9 3N8 V . -0.69 18.15 15.00
C1 3N8 W . -1.84 -3.85 5.00
C2 3N8 W . -2.61 -2.80 4.52
C3 3N8 W . -2.13 -2.02 3.47
C4 3N8 W . -0.89 -2.32 2.89
C5 3N8 W . -0.13 -3.39 3.38
C6 3N8 W . -0.60 -4.16 4.45
O7 3N8 W . -2.32 -4.58 6.04
O8 3N8 W . -3.81 -2.53 5.10
F9 3N8 W . -0.42 -1.58 1.87
FE FE X . -16.28 -21.10 -1.53
C1 BME Y . -25.54 -4.27 5.14
C2 BME Y . -25.10 -4.26 6.60
O1 BME Y . -26.60 -3.32 4.92
S2 BME Y . -23.39 -4.82 6.75
C1 3N8 Z . -14.97 -19.70 0.56
C1 3N8 Z . -14.49 -21.05 0.52
C2 3N8 Z . -14.50 -20.99 0.63
C2 3N8 Z . -15.00 -19.76 0.56
C3 3N8 Z . -13.84 -21.43 1.77
C3 3N8 Z . -14.79 -18.96 1.66
C4 3N8 Z . -13.65 -20.56 2.84
C4 3N8 Z . -14.06 -19.43 2.74
C5 3N8 Z . -14.13 -19.26 2.77
C5 3N8 Z . -13.56 -20.71 2.72
C6 3N8 Z . -14.78 -18.84 1.63
C6 3N8 Z . -13.77 -21.52 1.61
O7 3N8 Z . -15.61 -19.30 -0.56
O7 3N8 Z . -14.70 -21.83 -0.59
O8 3N8 Z . -14.70 -21.82 -0.46
O8 3N8 Z . -15.70 -19.32 -0.52
F9 3N8 Z . -13.03 -20.98 3.96
F9 3N8 Z . -13.87 -18.65 3.81
C1 3N8 AA . -16.99 -16.55 15.55
C2 3N8 AA . -15.64 -16.57 15.23
C3 3N8 AA . -15.04 -15.50 14.57
C4 3N8 AA . -15.85 -14.42 14.22
C5 3N8 AA . -17.20 -14.40 14.54
C6 3N8 AA . -17.78 -15.47 15.20
O7 3N8 AA . -17.55 -17.62 16.19
O8 3N8 AA . -14.91 -17.65 15.59
F9 3N8 AA . -15.34 -13.37 13.58
CL CL BA . -16.62 -33.48 5.15
CL CL CA . -13.65 -19.33 8.03
#